data_5HE8
#
_entry.id   5HE8
#
_cell.length_a   113.099
_cell.length_b   126.261
_cell.length_c   183.344
_cell.angle_alpha   90.00
_cell.angle_beta   90.00
_cell.angle_gamma   90.00
#
_symmetry.space_group_name_H-M   'P 21 21 21'
#
loop_
_entity.id
_entity.type
_entity.pdbx_description
1 polymer 'Helicase loader'
2 non-polymer 'SULFATE ION'
3 water water
#
_entity_poly.entity_id   1
_entity_poly.type   'polypeptide(L)'
_entity_poly.pdbx_seq_one_letter_code
;SNADRLDVAMAADDICTAITNGEQVKGLYLYGPFGTGKSFILGAIANQLKSKKVRSTIIYLPEFIRTLKGGFKDGSFEKK
LHRVREANILMLDDIGAEEVTPWVRDEVIGPLLHYRMVHELPTFFSSNFDYSELEHHLAMTRDGEEKTKAARIIERVKSL
STPYFLSGENFRNN
;
_entity_poly.pdbx_strand_id   A,B,C,D,E,F,G,H,I,J,L,K
#
# COMPACT_ATOMS: atom_id res chain seq x y z
N LEU A 6 -16.38 -20.50 26.15
CA LEU A 6 -17.42 -20.23 25.15
C LEU A 6 -16.80 -20.11 23.76
N ASP A 7 -17.62 -20.34 22.74
CA ASP A 7 -17.17 -20.33 21.35
C ASP A 7 -17.52 -18.98 20.75
N VAL A 8 -16.52 -18.13 20.58
CA VAL A 8 -16.74 -16.80 20.01
C VAL A 8 -16.89 -16.89 18.50
N ALA A 9 -16.23 -17.85 17.86
CA ALA A 9 -16.31 -17.98 16.41
C ALA A 9 -17.76 -18.14 15.95
N MET A 10 -18.50 -19.05 16.58
CA MET A 10 -19.88 -19.28 16.16
C MET A 10 -20.77 -18.09 16.48
N ALA A 11 -20.52 -17.39 17.58
CA ALA A 11 -21.25 -16.16 17.86
C ALA A 11 -21.04 -15.15 16.75
N ALA A 12 -19.79 -14.99 16.31
CA ALA A 12 -19.49 -14.07 15.22
C ALA A 12 -20.22 -14.48 13.93
N ASP A 13 -20.12 -15.76 13.58
CA ASP A 13 -20.80 -16.25 12.37
C ASP A 13 -22.30 -15.97 12.44
N ASP A 14 -22.93 -16.32 13.56
CA ASP A 14 -24.37 -16.18 13.69
C ASP A 14 -24.79 -14.72 13.67
N ILE A 15 -24.01 -13.83 14.28
CA ILE A 15 -24.39 -12.42 14.26
C ILE A 15 -24.16 -11.83 12.88
N CYS A 16 -23.22 -12.39 12.11
CA CYS A 16 -23.10 -11.99 10.71
C CYS A 16 -24.34 -12.39 9.92
N THR A 17 -24.77 -13.65 10.05
CA THR A 17 -25.99 -14.08 9.37
C THR A 17 -27.18 -13.21 9.77
N ALA A 18 -27.31 -12.92 11.07
CA ALA A 18 -28.42 -12.11 11.55
C ALA A 18 -28.37 -10.71 10.96
N ILE A 19 -27.22 -10.05 11.04
CA ILE A 19 -27.09 -8.70 10.49
C ILE A 19 -27.45 -8.71 9.01
N THR A 20 -26.95 -9.69 8.26
CA THR A 20 -27.25 -9.75 6.83
C THR A 20 -28.72 -10.03 6.57
N ASN A 21 -29.40 -10.71 7.50
CA ASN A 21 -30.82 -10.98 7.34
C ASN A 21 -31.71 -9.79 7.69
N GLY A 22 -31.20 -8.85 8.50
CA GLY A 22 -31.95 -7.68 8.90
C GLY A 22 -32.41 -7.68 10.33
N GLU A 23 -32.05 -8.70 11.12
CA GLU A 23 -32.47 -8.74 12.52
C GLU A 23 -31.72 -7.71 13.34
N GLN A 24 -32.43 -7.10 14.29
CA GLN A 24 -31.77 -6.25 15.27
C GLN A 24 -31.01 -7.12 16.26
N VAL A 25 -29.73 -6.81 16.47
CA VAL A 25 -28.85 -7.65 17.27
C VAL A 25 -27.97 -6.78 18.16
N LYS A 26 -27.44 -7.41 19.21
CA LYS A 26 -26.43 -6.79 20.06
C LYS A 26 -25.04 -7.16 19.57
N GLY A 27 -24.13 -6.19 19.60
CA GLY A 27 -22.75 -6.46 19.27
C GLY A 27 -22.11 -7.37 20.30
N LEU A 28 -20.82 -7.64 20.08
CA LEU A 28 -20.04 -8.49 20.96
C LEU A 28 -19.07 -7.66 21.77
N TYR A 29 -18.97 -7.98 23.07
CA TYR A 29 -17.97 -7.38 23.96
C TYR A 29 -16.93 -8.44 24.23
N LEU A 30 -15.85 -8.42 23.45
CA LEU A 30 -14.76 -9.37 23.61
C LEU A 30 -13.74 -8.79 24.59
N TYR A 31 -13.44 -9.53 25.65
CA TYR A 31 -12.48 -9.05 26.64
C TYR A 31 -11.54 -10.18 27.06
N GLY A 32 -10.31 -9.78 27.41
CA GLY A 32 -9.29 -10.71 27.82
C GLY A 32 -7.92 -10.08 27.72
N PRO A 33 -6.89 -10.77 28.20
CA PRO A 33 -5.53 -10.22 28.12
C PRO A 33 -5.10 -10.03 26.68
N PHE A 34 -3.98 -9.33 26.51
CA PHE A 34 -3.46 -9.03 25.19
C PHE A 34 -3.05 -10.31 24.47
N GLY A 35 -3.13 -10.28 23.14
CA GLY A 35 -2.72 -11.41 22.34
C GLY A 35 -3.65 -12.60 22.43
N THR A 36 -4.96 -12.36 22.45
CA THR A 36 -5.95 -13.43 22.45
C THR A 36 -6.84 -13.41 21.20
N GLY A 37 -6.65 -12.46 20.30
CA GLY A 37 -7.34 -12.47 19.02
C GLY A 37 -8.62 -11.69 18.98
N LYS A 38 -8.87 -10.81 19.94
CA LYS A 38 -10.10 -10.01 19.92
C LYS A 38 -10.18 -9.14 18.67
N SER A 39 -9.10 -8.41 18.38
CA SER A 39 -9.07 -7.59 17.17
C SER A 39 -9.30 -8.45 15.93
N PHE A 40 -8.69 -9.64 15.88
CA PHE A 40 -8.86 -10.50 14.72
C PHE A 40 -10.30 -10.97 14.56
N ILE A 41 -11.02 -11.18 15.67
CA ILE A 41 -12.42 -11.57 15.57
C ILE A 41 -13.26 -10.41 15.09
N LEU A 42 -13.00 -9.20 15.60
CA LEU A 42 -13.71 -8.02 15.12
C LEU A 42 -13.50 -7.85 13.62
N GLY A 43 -12.23 -7.86 13.17
CA GLY A 43 -11.95 -7.71 11.76
C GLY A 43 -12.51 -8.84 10.92
N ALA A 44 -12.59 -10.04 11.50
CA ALA A 44 -13.18 -11.17 10.78
C ALA A 44 -14.68 -10.96 10.59
N ILE A 45 -15.37 -10.46 11.62
CA ILE A 45 -16.76 -10.07 11.48
C ILE A 45 -16.90 -9.02 10.38
N ALA A 46 -16.00 -8.03 10.39
CA ALA A 46 -16.08 -6.95 9.40
C ALA A 46 -15.93 -7.49 7.98
N ASN A 47 -14.91 -8.31 7.75
CA ASN A 47 -14.70 -8.85 6.41
C ASN A 47 -15.83 -9.79 6.01
N GLN A 48 -16.37 -10.55 6.97
CA GLN A 48 -17.49 -11.44 6.66
C GLN A 48 -18.71 -10.62 6.21
N LEU A 49 -19.03 -9.56 6.94
CA LEU A 49 -20.11 -8.67 6.51
C LEU A 49 -19.82 -8.07 5.16
N LYS A 50 -18.55 -7.67 4.93
CA LYS A 50 -18.19 -7.07 3.65
C LYS A 50 -18.41 -8.04 2.50
N SER A 51 -18.17 -9.34 2.74
CA SER A 51 -18.42 -10.34 1.71
C SER A 51 -19.87 -10.36 1.28
N LYS A 52 -20.78 -9.81 2.09
CA LYS A 52 -22.19 -9.69 1.75
C LYS A 52 -22.61 -8.24 1.58
N LYS A 53 -21.68 -7.37 1.18
CA LYS A 53 -21.94 -5.99 0.81
C LYS A 53 -22.34 -5.10 1.98
N VAL A 54 -22.27 -5.60 3.21
CA VAL A 54 -22.62 -4.83 4.39
C VAL A 54 -21.37 -4.09 4.87
N ARG A 55 -21.46 -2.76 4.95
CA ARG A 55 -20.36 -1.95 5.40
C ARG A 55 -20.25 -1.97 6.92
N SER A 56 -19.08 -1.60 7.42
CA SER A 56 -18.84 -1.50 8.86
C SER A 56 -17.64 -0.60 9.09
N THR A 57 -17.50 -0.14 10.32
CA THR A 57 -16.44 0.80 10.70
C THR A 57 -15.75 0.28 11.94
N ILE A 58 -14.42 0.11 11.86
CA ILE A 58 -13.61 -0.31 12.99
C ILE A 58 -12.80 0.89 13.45
N ILE A 59 -12.77 1.11 14.77
CA ILE A 59 -12.08 2.24 15.37
C ILE A 59 -11.09 1.71 16.41
N TYR A 60 -9.85 2.19 16.33
CA TYR A 60 -8.85 1.94 17.36
C TYR A 60 -8.86 3.16 18.29
N LEU A 61 -9.43 3.00 19.48
CA LEU A 61 -9.79 4.15 20.29
C LEU A 61 -8.62 5.07 20.61
N PRO A 62 -7.43 4.59 20.97
CA PRO A 62 -6.31 5.52 21.18
C PRO A 62 -6.11 6.49 20.02
N GLU A 63 -5.92 5.95 18.81
CA GLU A 63 -5.71 6.80 17.65
C GLU A 63 -6.92 7.67 17.35
N PHE A 64 -8.13 7.14 17.57
CA PHE A 64 -9.33 7.89 17.27
C PHE A 64 -9.48 9.11 18.18
N ILE A 65 -9.27 8.91 19.48
CA ILE A 65 -9.30 10.02 20.42
C ILE A 65 -8.19 11.02 20.10
N ARG A 66 -6.99 10.52 19.81
CA ARG A 66 -5.90 11.41 19.44
C ARG A 66 -6.21 12.16 18.14
N THR A 67 -7.14 11.65 17.33
CA THR A 67 -7.56 12.37 16.13
C THR A 67 -8.64 13.40 16.46
N LEU A 68 -9.53 13.08 17.41
CA LEU A 68 -10.55 14.04 17.81
C LEU A 68 -9.94 15.21 18.59
N LYS A 69 -8.80 15.00 19.24
CA LYS A 69 -8.12 16.10 19.91
C LYS A 69 -7.52 17.09 18.92
N GLY A 70 -7.45 16.75 17.63
CA GLY A 70 -7.04 17.72 16.63
C GLY A 70 -7.93 18.94 16.59
N GLY A 71 -9.13 18.86 17.15
CA GLY A 71 -10.04 19.98 17.20
C GLY A 71 -10.90 19.98 18.44
N PHE A 72 -10.27 19.86 19.61
CA PHE A 72 -11.01 19.95 20.87
C PHE A 72 -11.32 21.40 21.23
N LYS A 73 -10.49 22.34 20.79
CA LYS A 73 -10.71 23.75 21.09
C LYS A 73 -11.88 24.30 20.29
N ASP A 74 -11.75 24.33 18.96
CA ASP A 74 -12.78 24.90 18.11
C ASP A 74 -14.08 24.11 18.13
N GLY A 75 -14.05 22.87 18.61
CA GLY A 75 -15.23 22.03 18.59
C GLY A 75 -15.48 21.34 17.27
N SER A 76 -14.54 21.41 16.33
CA SER A 76 -14.70 20.74 15.04
C SER A 76 -14.60 19.22 15.14
N PHE A 77 -14.19 18.69 16.29
CA PHE A 77 -14.18 17.23 16.46
C PHE A 77 -15.58 16.66 16.32
N GLU A 78 -16.60 17.41 16.76
CA GLU A 78 -17.97 16.98 16.56
C GLU A 78 -18.28 16.70 15.10
N LYS A 79 -17.53 17.30 14.18
CA LYS A 79 -17.71 17.00 12.76
C LYS A 79 -17.45 15.52 12.50
N LYS A 80 -16.35 14.98 13.02
CA LYS A 80 -16.03 13.57 12.78
C LYS A 80 -16.83 12.67 13.71
N LEU A 81 -16.99 13.07 14.98
CA LEU A 81 -17.80 12.28 15.90
C LEU A 81 -19.20 12.04 15.33
N HIS A 82 -19.86 13.12 14.91
CA HIS A 82 -21.18 12.99 14.31
C HIS A 82 -21.19 12.07 13.10
N ARG A 83 -20.05 11.91 12.43
CA ARG A 83 -19.97 10.99 11.30
C ARG A 83 -19.73 9.56 11.76
N VAL A 84 -19.00 9.37 12.86
CA VAL A 84 -18.70 8.02 13.34
C VAL A 84 -19.84 7.47 14.16
N ARG A 85 -20.63 8.34 14.80
CA ARG A 85 -21.65 7.87 15.73
C ARG A 85 -22.86 7.28 15.00
N GLU A 86 -23.14 7.74 13.78
CA GLU A 86 -24.23 7.22 12.98
C GLU A 86 -23.79 6.13 12.02
N ALA A 87 -22.60 5.56 12.23
CA ALA A 87 -22.15 4.44 11.40
C ALA A 87 -23.09 3.25 11.58
N ASN A 88 -23.38 2.57 10.49
CA ASN A 88 -24.29 1.43 10.53
C ASN A 88 -23.80 0.39 11.55
N ILE A 89 -22.56 -0.08 11.38
CA ILE A 89 -21.93 -1.02 12.31
C ILE A 89 -20.61 -0.41 12.75
N LEU A 90 -20.46 -0.18 14.05
CA LEU A 90 -19.26 0.40 14.62
C LEU A 90 -18.61 -0.60 15.57
N MET A 91 -17.29 -0.65 15.56
CA MET A 91 -16.52 -1.59 16.38
C MET A 91 -15.41 -0.83 17.09
N LEU A 92 -15.57 -0.66 18.40
CA LEU A 92 -14.60 0.06 19.21
C LEU A 92 -13.51 -0.91 19.66
N ASP A 93 -12.33 -0.79 19.07
CA ASP A 93 -11.24 -1.74 19.30
C ASP A 93 -10.38 -1.25 20.46
N ASP A 94 -10.25 -2.09 21.50
CA ASP A 94 -9.34 -1.83 22.61
C ASP A 94 -9.81 -0.65 23.46
N ILE A 95 -11.09 -0.67 23.85
CA ILE A 95 -11.60 0.34 24.76
C ILE A 95 -11.06 0.07 26.16
N GLY A 96 -10.87 1.14 26.93
CA GLY A 96 -10.28 1.06 28.23
C GLY A 96 -8.77 1.21 28.25
N ALA A 97 -8.12 1.12 27.08
CA ALA A 97 -6.68 1.36 26.99
C ALA A 97 -6.36 2.83 26.79
N GLU A 98 -7.28 3.59 26.22
CA GLU A 98 -7.08 5.02 26.06
C GLU A 98 -6.89 5.69 27.42
N GLU A 99 -6.32 6.89 27.39
CA GLU A 99 -6.16 7.69 28.60
C GLU A 99 -7.52 8.26 29.00
N VAL A 100 -8.04 7.81 30.13
CA VAL A 100 -9.39 8.19 30.57
C VAL A 100 -9.30 9.60 31.16
N THR A 101 -9.61 10.60 30.35
CA THR A 101 -9.74 12.01 30.69
C THR A 101 -11.21 12.41 30.76
N PRO A 102 -11.59 13.38 31.61
CA PRO A 102 -13.02 13.75 31.65
C PRO A 102 -13.56 14.19 30.29
N TRP A 103 -12.72 14.75 29.42
CA TRP A 103 -13.19 15.20 28.12
C TRP A 103 -13.53 14.00 27.23
N VAL A 104 -12.66 13.00 27.16
CA VAL A 104 -12.94 11.84 26.32
C VAL A 104 -14.10 11.04 26.89
N ARG A 105 -14.26 11.05 28.21
CA ARG A 105 -15.34 10.27 28.83
C ARG A 105 -16.69 10.94 28.63
N ASP A 106 -16.75 12.26 28.82
CA ASP A 106 -18.02 12.98 28.87
C ASP A 106 -18.34 13.75 27.60
N GLU A 107 -17.45 13.74 26.60
CA GLU A 107 -17.67 14.44 25.35
C GLU A 107 -17.48 13.58 24.11
N VAL A 108 -16.98 12.36 24.25
CA VAL A 108 -16.71 11.48 23.12
C VAL A 108 -17.38 10.13 23.35
N ILE A 109 -16.90 9.39 24.35
CA ILE A 109 -17.40 8.04 24.60
C ILE A 109 -18.88 8.09 25.00
N GLY A 110 -19.21 8.91 26.00
CA GLY A 110 -20.55 9.00 26.51
C GLY A 110 -21.55 9.31 25.43
N PRO A 111 -21.41 10.46 24.78
CA PRO A 111 -22.34 10.82 23.69
C PRO A 111 -22.41 9.76 22.61
N LEU A 112 -21.26 9.23 22.19
CA LEU A 112 -21.23 8.20 21.15
C LEU A 112 -22.13 7.03 21.51
N LEU A 113 -21.89 6.42 22.68
CA LEU A 113 -22.68 5.26 23.07
C LEU A 113 -24.14 5.63 23.27
N HIS A 114 -24.40 6.81 23.83
CA HIS A 114 -25.77 7.27 24.01
C HIS A 114 -26.51 7.27 22.67
N TYR A 115 -25.95 7.95 21.67
CA TYR A 115 -26.61 8.01 20.36
C TYR A 115 -26.77 6.60 19.79
N ARG A 116 -25.68 5.83 19.74
CA ARG A 116 -25.78 4.50 19.15
C ARG A 116 -26.81 3.63 19.87
N MET A 117 -27.14 3.95 21.12
CA MET A 117 -28.18 3.21 21.82
C MET A 117 -29.57 3.73 21.45
N VAL A 118 -29.76 5.05 21.47
CA VAL A 118 -31.08 5.62 21.20
C VAL A 118 -31.58 5.18 19.83
N HIS A 119 -30.67 4.88 18.90
CA HIS A 119 -31.04 4.51 17.53
C HIS A 119 -30.82 3.03 17.24
N GLU A 120 -30.45 2.24 18.24
CA GLU A 120 -30.26 0.80 18.09
C GLU A 120 -29.40 0.49 16.86
N LEU A 121 -28.11 0.78 17.02
CA LEU A 121 -27.12 0.52 15.98
C LEU A 121 -26.10 -0.47 16.50
N PRO A 122 -25.87 -1.59 15.81
CA PRO A 122 -24.95 -2.61 16.35
C PRO A 122 -23.59 -2.02 16.67
N THR A 123 -23.12 -2.30 17.89
CA THR A 123 -21.87 -1.76 18.39
C THR A 123 -21.06 -2.89 19.03
N PHE A 124 -19.90 -3.18 18.46
CA PHE A 124 -19.00 -4.20 18.97
C PHE A 124 -17.88 -3.57 19.79
N PHE A 125 -17.35 -4.32 20.75
CA PHE A 125 -16.32 -3.81 21.65
C PHE A 125 -15.21 -4.84 21.78
N SER A 126 -14.02 -4.34 22.14
CA SER A 126 -12.92 -5.19 22.58
C SER A 126 -12.14 -4.43 23.65
N SER A 127 -11.77 -5.14 24.71
CA SER A 127 -11.15 -4.48 25.86
C SER A 127 -10.31 -5.48 26.63
N ASN A 128 -9.36 -4.96 27.39
CA ASN A 128 -8.63 -5.76 28.37
C ASN A 128 -9.39 -5.88 29.69
N PHE A 129 -10.51 -5.19 29.83
CA PHE A 129 -11.29 -5.16 31.06
C PHE A 129 -12.67 -5.75 30.81
N ASP A 130 -13.23 -6.36 31.85
CA ASP A 130 -14.63 -6.77 31.81
C ASP A 130 -15.49 -5.54 32.07
N TYR A 131 -16.81 -5.75 32.22
CA TYR A 131 -17.72 -4.63 32.40
C TYR A 131 -17.33 -3.81 33.64
N SER A 132 -17.28 -4.46 34.80
CA SER A 132 -17.03 -3.72 36.03
C SER A 132 -15.65 -3.07 36.04
N GLU A 133 -14.63 -3.79 35.57
CA GLU A 133 -13.29 -3.23 35.54
C GLU A 133 -13.24 -2.01 34.61
N LEU A 134 -13.97 -2.06 33.49
CA LEU A 134 -14.06 -0.89 32.62
C LEU A 134 -14.79 0.25 33.31
N GLU A 135 -15.81 -0.07 34.12
CA GLU A 135 -16.51 0.96 34.87
C GLU A 135 -15.56 1.65 35.84
N HIS A 136 -14.76 0.88 36.55
CA HIS A 136 -13.76 1.47 37.45
C HIS A 136 -12.76 2.31 36.68
N HIS A 137 -12.33 1.82 35.51
CA HIS A 137 -11.41 2.59 34.69
C HIS A 137 -12.01 3.93 34.28
N LEU A 138 -13.32 3.94 33.99
CA LEU A 138 -13.97 5.16 33.55
C LEU A 138 -14.19 6.13 34.70
N ALA A 139 -14.53 5.60 35.89
CA ALA A 139 -14.82 6.45 37.03
C ALA A 139 -13.57 7.22 37.46
N MET A 140 -12.44 6.53 37.57
CA MET A 140 -11.22 7.17 38.04
C MET A 140 -10.67 8.11 36.98
N THR A 141 -10.23 9.29 37.42
CA THR A 141 -9.66 10.29 36.52
C THR A 141 -8.94 11.33 37.37
N ARG A 142 -8.40 12.35 36.70
CA ARG A 142 -7.65 13.39 37.41
C ARG A 142 -8.55 14.16 38.37
N ASP A 143 -9.82 14.35 38.01
CA ASP A 143 -10.76 15.06 38.87
C ASP A 143 -11.25 14.21 40.03
N GLY A 144 -10.87 12.94 40.09
CA GLY A 144 -11.30 12.04 41.14
C GLY A 144 -12.23 10.95 40.61
N GLU A 145 -12.84 10.24 41.54
CA GLU A 145 -13.73 9.13 41.22
C GLU A 145 -15.15 9.66 41.05
N GLU A 146 -15.67 9.56 39.82
CA GLU A 146 -17.04 9.96 39.49
C GLU A 146 -17.79 8.71 39.06
N LYS A 147 -18.47 8.07 40.02
CA LYS A 147 -19.04 6.75 39.79
C LYS A 147 -20.32 6.79 38.95
N THR A 148 -21.08 7.88 39.03
CA THR A 148 -22.37 7.91 38.33
C THR A 148 -22.18 7.97 36.82
N LYS A 149 -21.24 8.78 36.34
CA LYS A 149 -20.97 8.85 34.91
C LYS A 149 -20.48 7.50 34.38
N ALA A 150 -19.53 6.89 35.10
CA ALA A 150 -19.04 5.57 34.70
C ALA A 150 -20.15 4.54 34.72
N ALA A 151 -21.11 4.66 35.65
CA ALA A 151 -22.22 3.72 35.71
C ALA A 151 -23.15 3.91 34.51
N ARG A 152 -23.45 5.16 34.17
CA ARG A 152 -24.25 5.43 32.97
C ARG A 152 -23.58 4.86 31.73
N ILE A 153 -22.31 5.19 31.52
CA ILE A 153 -21.59 4.73 30.33
C ILE A 153 -21.56 3.20 30.29
N ILE A 154 -21.16 2.58 31.39
CA ILE A 154 -20.99 1.13 31.37
C ILE A 154 -22.34 0.44 31.20
N GLU A 155 -23.42 1.04 31.71
CA GLU A 155 -24.75 0.48 31.44
C GLU A 155 -25.09 0.58 29.96
N ARG A 156 -24.69 1.67 29.31
CA ARG A 156 -24.84 1.75 27.86
C ARG A 156 -24.09 0.62 27.17
N VAL A 157 -22.83 0.40 27.56
CA VAL A 157 -22.04 -0.68 26.98
C VAL A 157 -22.76 -2.01 27.16
N LYS A 158 -23.21 -2.29 28.38
CA LYS A 158 -23.86 -3.57 28.66
C LYS A 158 -25.09 -3.75 27.79
N SER A 159 -25.92 -2.72 27.69
CA SER A 159 -27.12 -2.83 26.87
C SER A 159 -26.83 -2.83 25.39
N LEU A 160 -25.61 -2.53 24.98
CA LEU A 160 -25.25 -2.53 23.56
C LEU A 160 -24.54 -3.81 23.11
N SER A 161 -24.09 -4.66 24.03
CA SER A 161 -23.18 -5.74 23.68
C SER A 161 -23.53 -7.00 24.46
N THR A 162 -22.90 -8.10 24.04
CA THR A 162 -22.96 -9.38 24.72
C THR A 162 -21.54 -9.81 25.09
N PRO A 163 -21.28 -10.16 26.35
CA PRO A 163 -19.89 -10.41 26.76
C PRO A 163 -19.38 -11.78 26.35
N TYR A 164 -18.08 -11.83 26.07
CA TYR A 164 -17.39 -13.08 25.76
C TYR A 164 -15.95 -12.96 26.24
N PHE A 165 -15.52 -13.93 27.05
CA PHE A 165 -14.18 -13.92 27.62
C PHE A 165 -13.24 -14.74 26.76
N LEU A 166 -12.08 -14.17 26.45
CA LEU A 166 -11.04 -14.84 25.68
C LEU A 166 -9.79 -14.97 26.55
N SER A 167 -9.28 -16.19 26.67
CA SER A 167 -8.10 -16.46 27.46
C SER A 167 -7.11 -17.28 26.61
N GLY A 168 -5.89 -17.39 27.11
CA GLY A 168 -4.85 -18.14 26.43
C GLY A 168 -5.04 -19.64 26.57
N LEU B 6 9.34 21.87 26.62
CA LEU B 6 9.98 22.76 25.65
C LEU B 6 11.26 23.36 26.25
N ASP B 7 12.23 23.73 25.41
CA ASP B 7 12.15 23.63 23.96
C ASP B 7 12.56 22.24 23.47
N VAL B 8 11.58 21.46 23.02
CA VAL B 8 11.85 20.09 22.59
C VAL B 8 12.38 20.05 21.17
N ALA B 9 11.97 21.02 20.33
CA ALA B 9 12.44 21.02 18.95
C ALA B 9 13.95 21.12 18.87
N MET B 10 14.54 22.11 19.55
CA MET B 10 15.99 22.26 19.50
C MET B 10 16.69 21.08 20.15
N ALA B 11 16.05 20.43 21.14
CA ALA B 11 16.64 19.23 21.72
C ALA B 11 16.69 18.10 20.71
N ALA B 12 15.62 17.92 19.93
CA ALA B 12 15.61 16.89 18.90
C ALA B 12 16.61 17.19 17.79
N ASP B 13 16.67 18.45 17.35
CA ASP B 13 17.66 18.82 16.32
C ASP B 13 19.07 18.58 16.83
N ASP B 14 19.33 18.92 18.10
CA ASP B 14 20.67 18.74 18.66
C ASP B 14 21.02 17.27 18.80
N ILE B 15 20.06 16.43 19.20
CA ILE B 15 20.34 15.00 19.31
C ILE B 15 20.56 14.40 17.93
N CYS B 16 19.85 14.90 16.91
CA CYS B 16 20.10 14.44 15.55
C CYS B 16 21.52 14.81 15.11
N THR B 17 21.91 16.07 15.32
CA THR B 17 23.26 16.48 14.96
C THR B 17 24.32 15.66 15.69
N ALA B 18 24.11 15.41 16.98
CA ALA B 18 25.07 14.64 17.76
C ALA B 18 25.17 13.21 17.25
N ILE B 19 24.02 12.56 17.04
CA ILE B 19 24.01 11.19 16.55
C ILE B 19 24.74 11.11 15.21
N THR B 20 24.45 12.05 14.30
CA THR B 20 25.10 12.02 12.99
C THR B 20 26.61 12.26 13.11
N ASN B 21 27.04 13.00 14.13
CA ASN B 21 28.46 13.23 14.35
C ASN B 21 29.13 12.10 15.13
N GLY B 22 28.45 10.96 15.28
CA GLY B 22 29.03 9.83 15.98
C GLY B 22 29.12 9.97 17.48
N GLU B 23 28.51 11.01 18.06
CA GLU B 23 28.59 11.22 19.49
C GLU B 23 27.63 10.28 20.23
N GLN B 24 28.12 9.69 21.31
CA GLN B 24 27.25 8.97 22.23
C GLN B 24 26.37 9.99 22.95
N VAL B 25 25.05 9.80 22.87
CA VAL B 25 24.11 10.76 23.43
C VAL B 25 22.92 10.01 24.02
N LYS B 26 22.31 10.62 25.03
CA LYS B 26 21.09 10.08 25.61
C LYS B 26 19.88 10.47 24.77
N GLY B 27 18.93 9.56 24.67
CA GLY B 27 17.69 9.84 23.97
C GLY B 27 16.82 10.80 24.77
N LEU B 28 15.58 10.91 24.32
CA LEU B 28 14.60 11.80 24.94
C LEU B 28 13.49 10.99 25.59
N TYR B 29 13.08 11.42 26.78
CA TYR B 29 11.92 10.85 27.47
C TYR B 29 10.81 11.89 27.39
N LEU B 30 10.08 11.87 26.27
CA LEU B 30 8.95 12.77 26.09
C LEU B 30 7.75 12.24 26.85
N TYR B 31 7.17 13.06 27.70
CA TYR B 31 6.01 12.65 28.49
C TYR B 31 5.02 13.79 28.61
N GLY B 32 3.76 13.43 28.81
CA GLY B 32 2.67 14.37 28.90
C GLY B 32 1.36 13.73 28.49
N PRO B 33 0.27 14.49 28.53
CA PRO B 33 -1.03 13.95 28.12
C PRO B 33 -1.01 13.48 26.68
N PHE B 34 -2.04 12.73 26.31
CA PHE B 34 -2.15 12.24 24.95
C PHE B 34 -2.38 13.39 23.98
N GLY B 35 -2.03 13.15 22.72
CA GLY B 35 -2.23 14.14 21.68
C GLY B 35 -1.46 15.42 21.92
N THR B 36 -0.17 15.30 22.22
CA THR B 36 0.70 16.45 22.41
C THR B 36 1.90 16.43 21.46
N GLY B 37 1.93 15.49 20.52
CA GLY B 37 2.98 15.46 19.51
C GLY B 37 4.22 14.68 19.88
N LYS B 38 4.18 13.86 20.93
CA LYS B 38 5.36 13.11 21.33
C LYS B 38 5.78 12.14 20.23
N SER B 39 4.84 11.32 19.75
CA SER B 39 5.12 10.42 18.64
C SER B 39 5.60 11.21 17.42
N PHE B 40 5.03 12.40 17.20
CA PHE B 40 5.45 13.21 16.05
C PHE B 40 6.89 13.68 16.19
N ILE B 41 7.36 13.94 17.42
CA ILE B 41 8.75 14.36 17.60
C ILE B 41 9.68 13.18 17.47
N LEU B 42 9.28 12.00 17.97
CA LEU B 42 10.10 10.81 17.77
C LEU B 42 10.23 10.48 16.28
N GLY B 43 9.11 10.44 15.57
CA GLY B 43 9.16 10.22 14.13
C GLY B 43 9.88 11.33 13.39
N ALA B 44 9.87 12.54 13.95
CA ALA B 44 10.63 13.63 13.36
C ALA B 44 12.13 13.38 13.48
N ILE B 45 12.56 12.90 14.64
CA ILE B 45 13.96 12.50 14.82
C ILE B 45 14.31 11.38 13.85
N ALA B 46 13.42 10.38 13.73
CA ALA B 46 13.71 9.25 12.86
C ALA B 46 13.82 9.69 11.41
N ASN B 47 12.94 10.59 10.95
CA ASN B 47 12.99 11.05 9.57
C ASN B 47 14.19 11.95 9.32
N GLN B 48 14.49 12.85 10.26
CA GLN B 48 15.68 13.67 10.15
C GLN B 48 16.93 12.80 10.03
N LEU B 49 17.07 11.82 10.92
CA LEU B 49 18.22 10.91 10.84
C LEU B 49 18.23 10.15 9.53
N LYS B 50 17.06 9.67 9.09
CA LYS B 50 16.99 8.93 7.83
C LYS B 50 17.49 9.77 6.66
N SER B 51 17.11 11.06 6.63
CA SER B 51 17.53 11.91 5.53
C SER B 51 19.05 11.90 5.35
N LYS B 52 19.79 11.63 6.43
CA LYS B 52 21.24 11.48 6.38
C LYS B 52 21.67 10.02 6.43
N LYS B 53 20.76 9.10 6.12
CA LYS B 53 21.05 7.67 6.06
C LYS B 53 21.65 7.19 7.39
N VAL B 54 20.88 7.39 8.45
CA VAL B 54 21.18 6.87 9.77
C VAL B 54 19.98 6.03 10.20
N ARG B 55 20.14 4.72 10.22
CA ARG B 55 19.03 3.82 10.52
C ARG B 55 18.50 4.07 11.93
N SER B 56 17.25 3.68 12.14
CA SER B 56 16.61 3.77 13.45
C SER B 56 15.40 2.86 13.44
N THR B 57 14.86 2.61 14.63
CA THR B 57 13.74 1.70 14.79
C THR B 57 12.76 2.27 15.81
N ILE B 58 11.48 2.31 15.44
CA ILE B 58 10.42 2.73 16.33
C ILE B 58 9.47 1.56 16.54
N ILE B 59 9.13 1.27 17.80
CA ILE B 59 8.21 0.20 18.13
C ILE B 59 7.08 0.78 18.96
N TYR B 60 5.86 0.31 18.69
CA TYR B 60 4.67 0.65 19.48
C TYR B 60 4.48 -0.47 20.49
N LEU B 61 4.88 -0.20 21.73
CA LEU B 61 5.03 -1.27 22.73
C LEU B 61 3.84 -2.20 22.84
N PRO B 62 2.59 -1.73 22.92
CA PRO B 62 1.48 -2.71 22.95
C PRO B 62 1.49 -3.67 21.79
N GLU B 63 1.68 -3.18 20.57
CA GLU B 63 1.71 -4.06 19.40
C GLU B 63 2.97 -4.92 19.37
N PHE B 64 4.10 -4.38 19.84
CA PHE B 64 5.33 -5.17 19.88
C PHE B 64 5.19 -6.35 20.84
N ILE B 65 4.61 -6.10 22.02
CA ILE B 65 4.40 -7.17 22.98
C ILE B 65 3.36 -8.15 22.47
N ARG B 66 2.33 -7.66 21.77
CA ARG B 66 1.41 -8.57 21.10
C ARG B 66 2.15 -9.46 20.11
N THR B 67 3.13 -8.91 19.41
CA THR B 67 3.93 -9.72 18.48
C THR B 67 4.73 -10.76 19.24
N LEU B 68 5.35 -10.38 20.36
CA LEU B 68 6.18 -11.32 21.10
C LEU B 68 5.38 -12.43 21.76
N LYS B 69 4.07 -12.24 21.98
CA LYS B 69 3.27 -13.26 22.64
C LYS B 69 2.96 -14.41 21.68
N GLY B 70 3.98 -14.94 21.02
CA GLY B 70 3.84 -16.12 20.19
C GLY B 70 5.03 -17.03 20.36
N GLY B 71 5.91 -16.68 21.30
CA GLY B 71 7.11 -17.45 21.57
C GLY B 71 7.55 -17.35 23.00
N PHE B 72 6.65 -16.93 23.90
CA PHE B 72 6.98 -16.87 25.31
C PHE B 72 7.29 -18.26 25.86
N LYS B 73 6.58 -19.28 25.36
CA LYS B 73 6.83 -20.64 25.83
C LYS B 73 8.04 -21.25 25.13
N ASP B 74 8.00 -21.34 23.79
CA ASP B 74 9.10 -21.96 23.06
C ASP B 74 10.39 -21.15 23.12
N GLY B 75 10.35 -19.92 23.62
CA GLY B 75 11.54 -19.09 23.68
C GLY B 75 11.92 -18.43 22.38
N SER B 76 11.07 -18.50 21.36
CA SER B 76 11.37 -17.89 20.07
C SER B 76 11.19 -16.38 20.07
N PHE B 77 10.47 -15.83 21.04
CA PHE B 77 10.31 -14.38 21.12
C PHE B 77 11.65 -13.68 21.31
N GLU B 78 12.69 -14.41 21.74
CA GLU B 78 14.01 -13.82 21.86
C GLU B 78 14.62 -13.49 20.50
N LYS B 79 14.13 -14.10 19.42
CA LYS B 79 14.67 -13.80 18.10
C LYS B 79 14.44 -12.33 17.74
N LYS B 80 13.19 -11.87 17.85
CA LYS B 80 12.90 -10.47 17.55
C LYS B 80 13.42 -9.54 18.64
N LEU B 81 13.31 -9.95 19.90
CA LEU B 81 13.82 -9.13 21.00
C LEU B 81 15.31 -8.87 20.83
N HIS B 82 16.09 -9.93 20.61
CA HIS B 82 17.51 -9.76 20.31
C HIS B 82 17.70 -8.81 19.14
N ARG B 83 16.80 -8.85 18.16
CA ARG B 83 16.90 -7.96 17.01
C ARG B 83 16.58 -6.52 17.39
N VAL B 84 15.67 -6.32 18.34
CA VAL B 84 15.26 -4.98 18.70
C VAL B 84 16.24 -4.34 19.68
N ARG B 85 16.77 -5.13 20.61
CA ARG B 85 17.70 -4.58 21.59
C ARG B 85 19.01 -4.14 20.94
N GLU B 86 19.44 -4.83 19.88
CA GLU B 86 20.70 -4.51 19.22
C GLU B 86 20.57 -3.38 18.22
N ALA B 87 19.36 -2.84 18.01
CA ALA B 87 19.18 -1.75 17.05
C ALA B 87 20.08 -0.59 17.42
N ASN B 88 20.65 0.05 16.39
CA ASN B 88 21.55 1.18 16.62
C ASN B 88 20.84 2.29 17.37
N ILE B 89 19.66 2.70 16.90
CA ILE B 89 18.83 3.71 17.54
C ILE B 89 17.46 3.10 17.77
N LEU B 90 17.00 3.10 19.02
CA LEU B 90 15.69 2.58 19.34
C LEU B 90 14.81 3.69 19.91
N MET B 91 13.51 3.55 19.71
CA MET B 91 12.54 4.55 20.15
C MET B 91 11.30 3.83 20.64
N LEU B 92 11.10 3.82 21.96
CA LEU B 92 9.96 3.16 22.59
C LEU B 92 8.79 4.13 22.65
N ASP B 93 7.83 3.94 21.76
CA ASP B 93 6.70 4.85 21.65
C ASP B 93 5.57 4.36 22.54
N ASP B 94 5.11 5.25 23.44
CA ASP B 94 3.95 4.97 24.29
C ASP B 94 4.26 3.87 25.31
N ILE B 95 5.38 4.04 26.02
CA ILE B 95 5.72 3.12 27.10
C ILE B 95 4.86 3.46 28.31
N GLY B 96 4.42 2.42 29.02
CA GLY B 96 3.48 2.57 30.11
C GLY B 96 2.05 2.24 29.76
N ALA B 97 1.74 2.06 28.47
CA ALA B 97 0.40 1.72 28.03
C ALA B 97 0.19 0.22 27.88
N GLU B 98 1.26 -0.55 27.70
CA GLU B 98 1.14 -1.99 27.58
C GLU B 98 0.62 -2.59 28.88
N GLU B 99 0.24 -3.87 28.80
CA GLU B 99 -0.14 -4.63 29.98
C GLU B 99 1.12 -5.05 30.74
N VAL B 100 1.17 -4.71 32.02
CA VAL B 100 2.34 -5.04 32.85
C VAL B 100 2.20 -6.46 33.37
N THR B 101 2.54 -7.42 32.54
CA THR B 101 2.63 -8.81 32.99
C THR B 101 4.02 -9.05 33.57
N PRO B 102 4.15 -9.83 34.64
CA PRO B 102 5.51 -10.12 35.15
C PRO B 102 6.45 -10.57 34.05
N TRP B 103 5.96 -11.40 33.13
CA TRP B 103 6.78 -11.83 32.00
C TRP B 103 7.22 -10.64 31.15
N VAL B 104 6.28 -9.73 30.85
CA VAL B 104 6.62 -8.59 30.01
C VAL B 104 7.65 -7.69 30.72
N ARG B 105 7.48 -7.49 32.03
CA ARG B 105 8.38 -6.60 32.75
C ARG B 105 9.77 -7.19 32.89
N ASP B 106 9.87 -8.45 33.33
CA ASP B 106 11.14 -9.04 33.71
C ASP B 106 11.81 -9.84 32.61
N GLU B 107 11.12 -10.12 31.50
CA GLU B 107 11.66 -10.92 30.41
C GLU B 107 11.75 -10.17 29.09
N VAL B 108 11.24 -8.94 29.00
CA VAL B 108 11.24 -8.19 27.74
C VAL B 108 11.75 -6.78 28.00
N ILE B 109 11.01 -6.01 28.80
CA ILE B 109 11.35 -4.60 29.00
C ILE B 109 12.66 -4.48 29.77
N GLY B 110 12.74 -5.13 30.93
CA GLY B 110 13.93 -5.07 31.75
C GLY B 110 15.18 -5.48 31.00
N PRO B 111 15.19 -6.70 30.47
CA PRO B 111 16.37 -7.14 29.70
C PRO B 111 16.70 -6.21 28.55
N LEU B 112 15.68 -5.75 27.81
CA LEU B 112 15.91 -4.82 26.72
C LEU B 112 16.67 -3.58 27.18
N LEU B 113 16.15 -2.91 28.20
CA LEU B 113 16.78 -1.67 28.65
C LEU B 113 18.16 -1.93 29.25
N HIS B 114 18.31 -3.01 30.02
CA HIS B 114 19.63 -3.36 30.52
C HIS B 114 20.62 -3.52 29.38
N TYR B 115 20.24 -4.25 28.34
CA TYR B 115 21.14 -4.44 27.21
C TYR B 115 21.50 -3.11 26.56
N ARG B 116 20.48 -2.31 26.21
CA ARG B 116 20.75 -1.04 25.54
C ARG B 116 21.60 -0.12 26.40
N MET B 117 21.53 -0.28 27.73
CA MET B 117 22.36 0.52 28.63
C MET B 117 23.80 0.04 28.62
N VAL B 118 24.01 -1.27 28.77
CA VAL B 118 25.37 -1.80 28.84
C VAL B 118 26.15 -1.43 27.58
N HIS B 119 25.50 -1.48 26.43
CA HIS B 119 26.18 -1.21 25.16
C HIS B 119 26.07 0.24 24.71
N GLU B 120 25.45 1.10 25.52
CA GLU B 120 25.39 2.54 25.24
C GLU B 120 24.76 2.79 23.87
N LEU B 121 23.54 2.29 23.70
CA LEU B 121 22.79 2.44 22.47
C LEU B 121 21.69 3.47 22.65
N PRO B 122 21.61 4.49 21.81
CA PRO B 122 20.58 5.53 22.01
C PRO B 122 19.17 4.97 22.04
N THR B 123 18.45 5.30 23.12
CA THR B 123 17.08 4.86 23.31
C THR B 123 16.22 6.07 23.66
N PHE B 124 15.12 6.25 22.92
CA PHE B 124 14.18 7.33 23.14
C PHE B 124 12.89 6.76 23.73
N PHE B 125 12.08 7.63 24.31
CA PHE B 125 10.84 7.21 24.95
C PHE B 125 9.74 8.23 24.70
N SER B 126 8.50 7.73 24.66
CA SER B 126 7.33 8.60 24.76
C SER B 126 6.33 7.90 25.68
N SER B 127 5.80 8.64 26.66
CA SER B 127 4.94 8.04 27.67
C SER B 127 3.92 9.05 28.17
N ASN B 128 2.76 8.53 28.60
CA ASN B 128 1.80 9.31 29.34
C ASN B 128 2.16 9.44 30.81
N PHE B 129 3.33 8.96 31.21
CA PHE B 129 3.75 8.96 32.60
C PHE B 129 5.10 9.66 32.73
N ASP B 130 5.31 10.29 33.89
CA ASP B 130 6.65 10.71 34.27
C ASP B 130 7.42 9.51 34.80
N TYR B 131 8.65 9.76 35.27
CA TYR B 131 9.47 8.65 35.76
C TYR B 131 8.80 7.94 36.93
N SER B 132 8.30 8.70 37.91
CA SER B 132 7.69 8.08 39.08
C SER B 132 6.45 7.29 38.70
N GLU B 133 5.56 7.87 37.89
CA GLU B 133 4.34 7.18 37.50
C GLU B 133 4.64 5.95 36.65
N LEU B 134 5.73 5.97 35.88
CA LEU B 134 6.13 4.79 35.13
C LEU B 134 6.68 3.72 36.06
N GLU B 135 7.38 4.13 37.12
CA GLU B 135 7.86 3.17 38.11
C GLU B 135 6.69 2.51 38.81
N HIS B 136 5.70 3.30 39.23
CA HIS B 136 4.51 2.71 39.85
C HIS B 136 3.78 1.80 38.87
N HIS B 137 3.69 2.20 37.61
CA HIS B 137 3.06 1.36 36.60
C HIS B 137 3.78 0.02 36.50
N LEU B 138 5.11 0.03 36.50
CA LEU B 138 5.88 -1.20 36.37
C LEU B 138 5.80 -2.07 37.62
N ALA B 139 5.66 -1.45 38.79
CA ALA B 139 5.55 -2.24 40.02
C ALA B 139 4.20 -2.95 40.11
N MET B 140 3.15 -2.34 39.58
CA MET B 140 1.82 -2.94 39.66
C MET B 140 1.73 -4.17 38.77
N THR B 141 1.18 -5.25 39.31
CA THR B 141 0.96 -6.48 38.56
C THR B 141 0.08 -7.38 39.41
N ARG B 142 -0.45 -8.44 38.78
CA ARG B 142 -1.31 -9.38 39.49
C ARG B 142 -0.60 -10.04 40.67
N ASP B 143 0.73 -10.06 40.68
CA ASP B 143 1.48 -10.64 41.79
C ASP B 143 1.70 -9.66 42.94
N GLY B 144 1.30 -8.40 42.77
CA GLY B 144 1.42 -7.40 43.81
C GLY B 144 2.53 -6.40 43.50
N GLU B 145 2.82 -5.58 44.50
CA GLU B 145 3.89 -4.59 44.36
C GLU B 145 5.25 -5.28 44.42
N GLU B 146 6.12 -4.93 43.47
CA GLU B 146 7.53 -5.35 43.48
C GLU B 146 8.34 -4.09 43.23
N LYS B 147 8.55 -3.31 44.29
CA LYS B 147 9.15 -1.98 44.14
C LYS B 147 10.58 -2.05 43.63
N THR B 148 11.32 -3.11 43.97
CA THR B 148 12.73 -3.15 43.64
C THR B 148 12.96 -3.39 42.15
N LYS B 149 12.16 -4.28 41.55
CA LYS B 149 12.26 -4.50 40.11
C LYS B 149 11.94 -3.22 39.35
N ALA B 150 10.76 -2.64 39.62
CA ALA B 150 10.39 -1.39 38.97
C ALA B 150 11.42 -0.30 39.22
N ALA B 151 12.04 -0.29 40.40
CA ALA B 151 13.08 0.70 40.68
C ALA B 151 14.30 0.49 39.81
N ARG B 152 14.70 -0.77 39.62
CA ARG B 152 15.82 -1.07 38.73
C ARG B 152 15.51 -0.64 37.30
N ILE B 153 14.35 -1.04 36.78
CA ILE B 153 13.99 -0.71 35.41
C ILE B 153 13.94 0.80 35.23
N ILE B 154 13.32 1.52 36.18
CA ILE B 154 13.18 2.95 36.02
C ILE B 154 14.53 3.64 36.18
N GLU B 155 15.45 3.05 36.95
CA GLU B 155 16.81 3.57 36.97
C GLU B 155 17.46 3.43 35.59
N ARG B 156 17.19 2.32 34.91
CA ARG B 156 17.69 2.17 33.54
C ARG B 156 17.10 3.24 32.62
N VAL B 157 15.78 3.43 32.68
CA VAL B 157 15.13 4.46 31.87
C VAL B 157 15.76 5.82 32.13
N LYS B 158 15.82 6.22 33.40
CA LYS B 158 16.40 7.52 33.74
C LYS B 158 17.82 7.66 33.20
N SER B 159 18.63 6.61 33.36
CA SER B 159 20.00 6.67 32.89
C SER B 159 20.09 6.71 31.37
N LEU B 160 19.04 6.29 30.66
CA LEU B 160 19.08 6.25 29.20
C LEU B 160 18.55 7.51 28.53
N SER B 161 17.84 8.37 29.25
CA SER B 161 17.04 9.41 28.62
C SER B 161 17.19 10.74 29.35
N THR B 162 16.76 11.80 28.67
CA THR B 162 16.62 13.14 29.24
C THR B 162 15.14 13.51 29.21
N PRO B 163 14.50 13.87 30.32
CA PRO B 163 13.06 14.08 30.32
C PRO B 163 12.64 15.42 29.74
N TYR B 164 11.47 15.42 29.10
CA TYR B 164 10.87 16.62 28.53
C TYR B 164 9.36 16.53 28.64
N PHE B 165 8.74 17.57 29.19
CA PHE B 165 7.30 17.60 29.39
C PHE B 165 6.65 18.38 28.26
N LEU B 166 5.57 17.82 27.70
CA LEU B 166 4.87 18.43 26.57
C LEU B 166 3.38 18.58 26.91
N SER B 167 2.85 19.77 26.68
CA SER B 167 1.42 20.04 26.77
C SER B 167 1.17 21.52 26.50
N GLY B 168 0.08 21.87 25.81
CA GLY B 168 -0.92 20.93 25.34
C GLY B 168 -2.23 21.60 24.99
N GLU B 169 -2.42 22.82 25.47
CA GLU B 169 -3.64 23.58 25.21
C GLU B 169 -3.39 24.69 24.20
N ASP C 4 1.70 18.70 -10.67
CA ASP C 4 1.06 18.67 -11.99
C ASP C 4 1.60 19.81 -12.86
N ARG C 5 2.63 19.60 -13.68
CA ARG C 5 3.34 18.33 -13.93
C ARG C 5 2.48 17.26 -14.60
N LEU C 6 1.63 17.72 -15.52
CA LEU C 6 1.17 16.91 -16.65
C LEU C 6 1.92 17.33 -17.91
N ASP C 7 3.23 17.57 -17.76
CA ASP C 7 4.02 18.25 -18.78
C ASP C 7 5.47 17.85 -18.58
N VAL C 8 6.01 17.03 -19.49
CA VAL C 8 7.37 16.53 -19.32
C VAL C 8 8.37 17.68 -19.35
N ALA C 9 8.20 18.60 -20.28
CA ALA C 9 9.13 19.73 -20.39
C ALA C 9 9.30 20.42 -19.04
N MET C 10 8.20 20.55 -18.30
CA MET C 10 8.24 21.25 -17.01
C MET C 10 9.08 20.46 -16.00
N ALA C 11 8.82 19.15 -15.89
CA ALA C 11 9.56 18.34 -14.92
C ALA C 11 11.04 18.28 -15.28
N ALA C 12 11.34 18.02 -16.56
CA ALA C 12 12.73 17.95 -16.99
C ALA C 12 13.45 19.27 -16.72
N ASP C 13 12.90 20.37 -17.22
CA ASP C 13 13.51 21.68 -16.95
C ASP C 13 13.73 21.87 -15.46
N ASP C 14 12.71 21.55 -14.65
CA ASP C 14 12.84 21.70 -13.20
C ASP C 14 14.04 20.93 -12.68
N ILE C 15 14.18 19.66 -13.07
CA ILE C 15 15.26 18.83 -12.55
C ILE C 15 16.61 19.38 -13.00
N CYS C 16 16.72 19.80 -14.26
CA CYS C 16 17.97 20.39 -14.74
C CYS C 16 18.35 21.60 -13.89
N THR C 17 17.38 22.51 -13.67
CA THR C 17 17.65 23.70 -12.87
C THR C 17 18.06 23.34 -11.45
N ALA C 18 17.39 22.35 -10.85
CA ALA C 18 17.73 21.95 -9.50
C ALA C 18 19.14 21.37 -9.44
N ILE C 19 19.53 20.60 -10.45
CA ILE C 19 20.88 20.04 -10.47
C ILE C 19 21.90 21.16 -10.60
N THR C 20 21.75 22.03 -11.60
CA THR C 20 22.71 23.11 -11.80
C THR C 20 22.72 24.09 -10.63
N ASN C 21 21.65 24.14 -9.83
CA ASN C 21 21.62 24.97 -8.64
C ASN C 21 22.21 24.28 -7.41
N GLY C 22 22.75 23.07 -7.58
CA GLY C 22 23.38 22.39 -6.48
C GLY C 22 22.44 21.73 -5.51
N GLU C 23 21.25 21.35 -5.95
CA GLU C 23 20.26 20.70 -5.11
C GLU C 23 20.28 19.19 -5.36
N GLN C 24 19.98 18.44 -4.31
CA GLN C 24 19.85 16.98 -4.43
C GLN C 24 18.51 16.64 -5.06
N VAL C 25 18.55 15.75 -6.06
CA VAL C 25 17.36 15.44 -6.86
C VAL C 25 17.29 13.94 -7.10
N LYS C 26 16.06 13.45 -7.28
CA LYS C 26 15.83 12.10 -7.76
C LYS C 26 15.56 12.15 -9.26
N GLY C 27 16.17 11.23 -9.99
CA GLY C 27 15.97 11.16 -11.42
C GLY C 27 14.56 10.76 -11.78
N LEU C 28 14.27 10.79 -13.08
CA LEU C 28 12.96 10.48 -13.60
C LEU C 28 12.91 9.03 -14.06
N TYR C 29 11.77 8.39 -13.80
CA TYR C 29 11.48 7.07 -14.35
C TYR C 29 10.37 7.25 -15.38
N LEU C 30 10.77 7.67 -16.58
CA LEU C 30 9.83 7.85 -17.68
C LEU C 30 9.37 6.49 -18.19
N TYR C 31 8.06 6.26 -18.18
CA TYR C 31 7.54 4.97 -18.62
C TYR C 31 6.23 5.16 -19.37
N GLY C 32 5.87 4.13 -20.15
CA GLY C 32 4.68 4.17 -20.96
C GLY C 32 4.90 3.51 -22.31
N PRO C 33 3.90 3.57 -23.18
CA PRO C 33 4.04 2.97 -24.51
C PRO C 33 5.19 3.59 -25.29
N PHE C 34 5.57 2.90 -26.36
CA PHE C 34 6.66 3.35 -27.20
C PHE C 34 6.22 4.53 -28.07
N GLY C 35 7.21 5.31 -28.51
CA GLY C 35 6.96 6.41 -29.41
C GLY C 35 6.37 7.64 -28.77
N THR C 36 6.59 7.84 -27.47
CA THR C 36 6.11 9.02 -26.77
C THR C 36 7.21 10.04 -26.49
N GLY C 37 8.47 9.69 -26.75
CA GLY C 37 9.57 10.61 -26.64
C GLY C 37 10.36 10.55 -25.35
N LYS C 38 10.31 9.44 -24.63
CA LYS C 38 11.08 9.33 -23.38
C LYS C 38 12.57 9.48 -23.64
N SER C 39 13.08 8.77 -24.66
CA SER C 39 14.50 8.88 -24.99
C SER C 39 14.87 10.30 -25.38
N PHE C 40 14.02 10.96 -26.16
CA PHE C 40 14.25 12.36 -26.51
C PHE C 40 14.40 13.21 -25.26
N ILE C 41 13.56 12.97 -24.25
CA ILE C 41 13.62 13.78 -23.04
C ILE C 41 14.88 13.47 -22.23
N LEU C 42 15.30 12.20 -22.21
CA LEU C 42 16.56 11.87 -21.55
C LEU C 42 17.73 12.60 -22.22
N GLY C 43 17.84 12.47 -23.55
CA GLY C 43 18.91 13.17 -24.25
C GLY C 43 18.81 14.68 -24.14
N ALA C 44 17.59 15.19 -24.00
CA ALA C 44 17.39 16.63 -23.87
C ALA C 44 17.83 17.12 -22.49
N ILE C 45 17.60 16.30 -21.46
CA ILE C 45 18.14 16.60 -20.14
C ILE C 45 19.67 16.56 -20.17
N ALA C 46 20.23 15.57 -20.86
CA ALA C 46 21.68 15.45 -20.95
C ALA C 46 22.28 16.67 -21.67
N ASN C 47 21.68 17.09 -22.77
CA ASN C 47 22.19 18.25 -23.50
C ASN C 47 22.01 19.52 -22.68
N GLN C 48 20.86 19.68 -22.03
CA GLN C 48 20.64 20.83 -21.17
C GLN C 48 21.71 20.92 -20.09
N LEU C 49 22.01 19.78 -19.45
CA LEU C 49 23.03 19.76 -18.40
C LEU C 49 24.42 19.99 -18.96
N LYS C 50 24.68 19.53 -20.19
CA LYS C 50 25.99 19.78 -20.79
C LYS C 50 26.19 21.26 -21.10
N SER C 51 25.17 21.91 -21.65
CA SER C 51 25.27 23.34 -21.91
C SER C 51 25.58 24.11 -20.63
N LYS C 52 25.25 23.56 -19.46
CA LYS C 52 25.58 24.16 -18.18
C LYS C 52 26.82 23.52 -17.55
N LYS C 53 27.61 22.79 -18.34
CA LYS C 53 28.88 22.23 -17.89
C LYS C 53 28.68 21.16 -16.81
N VAL C 54 27.69 20.29 -17.00
CA VAL C 54 27.39 19.21 -16.08
C VAL C 54 27.44 17.90 -16.87
N ARG C 55 28.46 17.08 -16.59
CA ARG C 55 28.64 15.83 -17.31
C ARG C 55 27.56 14.82 -16.93
N SER C 56 27.24 13.94 -17.88
CA SER C 56 26.31 12.86 -17.63
C SER C 56 26.60 11.71 -18.60
N THR C 57 26.08 10.54 -18.27
CA THR C 57 26.26 9.34 -19.09
C THR C 57 24.91 8.68 -19.33
N ILE C 58 24.65 8.30 -20.58
CA ILE C 58 23.45 7.57 -20.96
C ILE C 58 23.87 6.18 -21.41
N ILE C 59 23.20 5.16 -20.88
CA ILE C 59 23.52 3.77 -21.15
C ILE C 59 22.32 3.10 -21.79
N TYR C 60 22.58 2.26 -22.78
CA TYR C 60 21.59 1.32 -23.32
C TYR C 60 22.04 -0.07 -22.87
N LEU C 61 21.27 -0.68 -21.98
CA LEU C 61 21.76 -1.85 -21.25
C LEU C 61 22.19 -2.99 -22.16
N PRO C 62 21.51 -3.32 -23.25
CA PRO C 62 22.02 -4.37 -24.14
C PRO C 62 23.41 -4.09 -24.67
N GLU C 63 23.70 -2.84 -25.06
CA GLU C 63 25.03 -2.49 -25.52
C GLU C 63 26.06 -2.62 -24.40
N PHE C 64 25.77 -2.03 -23.23
CA PHE C 64 26.67 -2.10 -22.09
C PHE C 64 27.00 -3.54 -21.75
N ILE C 65 25.97 -4.39 -21.66
CA ILE C 65 26.18 -5.81 -21.38
C ILE C 65 27.04 -6.44 -22.47
N ARG C 66 26.74 -6.14 -23.73
CA ARG C 66 27.52 -6.71 -24.83
C ARG C 66 28.98 -6.32 -24.71
N THR C 67 29.28 -5.15 -24.13
CA THR C 67 30.67 -4.74 -23.95
C THR C 67 31.30 -5.44 -22.75
N LEU C 68 30.52 -5.68 -21.69
CA LEU C 68 31.07 -6.29 -20.50
C LEU C 68 31.30 -7.79 -20.67
N LYS C 69 30.50 -8.45 -21.49
CA LYS C 69 30.56 -9.90 -21.68
C LYS C 69 32.00 -10.39 -21.83
N GLY C 70 32.82 -9.62 -22.55
CA GLY C 70 34.18 -10.08 -22.83
C GLY C 70 34.97 -10.40 -21.57
N GLY C 71 34.75 -9.64 -20.51
CA GLY C 71 35.47 -9.81 -19.27
C GLY C 71 34.69 -10.48 -18.15
N PHE C 72 33.57 -11.13 -18.46
CA PHE C 72 32.74 -11.70 -17.42
C PHE C 72 33.48 -12.76 -16.61
N LYS C 73 34.31 -13.57 -17.26
CA LYS C 73 34.85 -14.74 -16.59
C LYS C 73 36.20 -14.49 -15.92
N ASP C 74 36.73 -13.27 -15.96
CA ASP C 74 37.99 -12.96 -15.30
C ASP C 74 37.86 -11.81 -14.31
N GLY C 75 36.64 -11.33 -14.05
CA GLY C 75 36.47 -10.16 -13.23
C GLY C 75 36.96 -8.88 -13.84
N SER C 76 37.37 -8.91 -15.12
CA SER C 76 37.84 -7.71 -15.80
C SER C 76 36.70 -6.77 -16.18
N PHE C 77 35.48 -7.29 -16.28
CA PHE C 77 34.33 -6.41 -16.51
C PHE C 77 34.12 -5.47 -15.34
N GLU C 78 34.43 -5.94 -14.12
CA GLU C 78 34.30 -5.08 -12.94
C GLU C 78 35.03 -3.77 -13.12
N LYS C 79 36.07 -3.74 -13.97
CA LYS C 79 36.76 -2.49 -14.27
C LYS C 79 35.80 -1.45 -14.83
N LYS C 80 35.12 -1.80 -15.94
CA LYS C 80 34.25 -0.84 -16.59
C LYS C 80 33.01 -0.56 -15.74
N LEU C 81 32.45 -1.58 -15.10
CA LEU C 81 31.25 -1.39 -14.30
C LEU C 81 31.49 -0.34 -13.22
N HIS C 82 32.52 -0.54 -12.39
CA HIS C 82 32.87 0.44 -11.36
C HIS C 82 32.96 1.85 -11.94
N ARG C 83 33.33 1.97 -13.21
CA ARG C 83 33.35 3.28 -13.86
C ARG C 83 31.93 3.80 -14.04
N VAL C 84 31.10 3.09 -14.80
CA VAL C 84 29.72 3.49 -14.99
C VAL C 84 29.00 3.57 -13.65
N ARG C 85 29.40 2.72 -12.71
CA ARG C 85 28.80 2.72 -11.38
C ARG C 85 29.01 4.05 -10.67
N GLU C 86 30.12 4.74 -10.95
CA GLU C 86 30.52 5.92 -10.19
C GLU C 86 30.32 7.22 -10.97
N ALA C 87 29.54 7.18 -12.04
CA ALA C 87 29.28 8.40 -12.80
C ALA C 87 28.34 9.32 -12.03
N ASN C 88 28.68 10.62 -12.02
CA ASN C 88 27.91 11.57 -11.23
C ASN C 88 26.43 11.51 -11.58
N ILE C 89 26.11 11.51 -12.87
CA ILE C 89 24.74 11.38 -13.34
C ILE C 89 24.71 10.27 -14.38
N LEU C 90 23.85 9.28 -14.16
CA LEU C 90 23.72 8.13 -15.04
C LEU C 90 22.27 8.02 -15.50
N MET C 91 22.09 7.58 -16.75
CA MET C 91 20.77 7.40 -17.32
C MET C 91 20.70 6.02 -17.95
N LEU C 92 19.68 5.24 -17.57
CA LEU C 92 19.46 3.92 -18.13
C LEU C 92 18.30 4.04 -19.12
N ASP C 93 18.62 4.06 -20.41
CA ASP C 93 17.63 4.29 -21.45
C ASP C 93 17.01 2.96 -21.87
N ASP C 94 15.67 2.91 -21.84
CA ASP C 94 14.92 1.74 -22.30
C ASP C 94 15.24 0.50 -21.46
N ILE C 95 15.46 0.70 -20.16
CA ILE C 95 15.64 -0.43 -19.26
C ILE C 95 14.41 -1.32 -19.34
N GLY C 96 14.64 -2.63 -19.31
CA GLY C 96 13.59 -3.61 -19.51
C GLY C 96 13.63 -4.27 -20.87
N ALA C 97 14.39 -3.73 -21.82
CA ALA C 97 14.54 -4.34 -23.13
C ALA C 97 15.62 -5.41 -23.17
N GLU C 98 16.56 -5.38 -22.23
CA GLU C 98 17.61 -6.38 -22.19
C GLU C 98 17.03 -7.74 -21.82
N GLU C 99 17.72 -8.80 -22.25
CA GLU C 99 17.38 -10.15 -21.83
C GLU C 99 17.94 -10.39 -20.44
N VAL C 100 17.07 -10.75 -19.50
CA VAL C 100 17.48 -10.92 -18.11
C VAL C 100 18.05 -12.32 -17.92
N THR C 101 19.28 -12.39 -17.42
CA THR C 101 19.91 -13.63 -17.00
C THR C 101 20.40 -13.46 -15.57
N PRO C 102 20.60 -14.56 -14.85
CA PRO C 102 21.06 -14.41 -13.45
C PRO C 102 22.33 -13.58 -13.32
N TRP C 103 23.26 -13.69 -14.27
CA TRP C 103 24.51 -12.95 -14.17
C TRP C 103 24.27 -11.46 -14.41
N VAL C 104 23.51 -11.11 -15.44
CA VAL C 104 23.23 -9.71 -15.72
C VAL C 104 22.48 -9.08 -14.56
N ARG C 105 21.53 -9.82 -13.98
CA ARG C 105 20.69 -9.26 -12.93
C ARG C 105 21.46 -9.10 -11.62
N ASP C 106 22.17 -10.15 -11.21
CA ASP C 106 22.74 -10.22 -9.87
C ASP C 106 24.19 -9.76 -9.80
N GLU C 107 24.88 -9.64 -10.93
CA GLU C 107 26.27 -9.22 -10.93
C GLU C 107 26.54 -7.91 -11.65
N VAL C 108 25.55 -7.37 -12.38
CA VAL C 108 25.74 -6.13 -13.13
C VAL C 108 24.70 -5.10 -12.70
N ILE C 109 23.43 -5.41 -12.90
CA ILE C 109 22.37 -4.43 -12.64
C ILE C 109 22.20 -4.20 -11.14
N GLY C 110 21.92 -5.25 -10.39
CA GLY C 110 21.72 -5.16 -8.97
C GLY C 110 22.83 -4.38 -8.28
N PRO C 111 24.08 -4.82 -8.45
CA PRO C 111 25.19 -4.09 -7.84
C PRO C 111 25.26 -2.63 -8.28
N LEU C 112 25.06 -2.35 -9.56
CA LEU C 112 25.10 -0.99 -10.07
C LEU C 112 24.10 -0.10 -9.32
N LEU C 113 22.82 -0.47 -9.38
CA LEU C 113 21.78 0.33 -8.73
C LEU C 113 21.99 0.40 -7.23
N HIS C 114 22.51 -0.66 -6.62
CA HIS C 114 22.81 -0.65 -5.19
C HIS C 114 23.83 0.44 -4.88
N TYR C 115 24.93 0.48 -5.64
CA TYR C 115 25.95 1.50 -5.39
C TYR C 115 25.39 2.89 -5.61
N ARG C 116 24.65 3.09 -6.70
CA ARG C 116 24.12 4.42 -6.96
C ARG C 116 23.14 4.85 -5.88
N MET C 117 22.42 3.89 -5.28
CA MET C 117 21.51 4.23 -4.18
C MET C 117 22.29 4.60 -2.92
N VAL C 118 23.26 3.75 -2.53
CA VAL C 118 24.01 3.99 -1.30
C VAL C 118 24.67 5.36 -1.32
N HIS C 119 25.06 5.85 -2.49
CA HIS C 119 25.80 7.10 -2.61
C HIS C 119 24.93 8.24 -3.11
N GLU C 120 23.63 8.03 -3.26
CA GLU C 120 22.69 9.08 -3.63
C GLU C 120 23.14 9.79 -4.91
N LEU C 121 23.47 8.99 -5.92
CA LEU C 121 23.90 9.53 -7.20
C LEU C 121 22.71 9.63 -8.14
N PRO C 122 22.38 10.81 -8.66
CA PRO C 122 21.19 10.94 -9.51
C PRO C 122 21.19 9.92 -10.65
N THR C 123 20.04 9.27 -10.83
CA THR C 123 19.90 8.23 -11.83
C THR C 123 18.55 8.37 -12.50
N PHE C 124 18.55 8.44 -13.83
CA PHE C 124 17.33 8.52 -14.62
C PHE C 124 17.06 7.17 -15.29
N PHE C 125 15.80 6.98 -15.68
CA PHE C 125 15.37 5.74 -16.31
C PHE C 125 14.34 6.05 -17.39
N SER C 126 14.31 5.20 -18.41
CA SER C 126 13.21 5.16 -19.36
C SER C 126 12.91 3.70 -19.65
N SER C 127 11.62 3.34 -19.69
CA SER C 127 11.25 1.95 -19.78
C SER C 127 9.84 1.84 -20.33
N ASN C 128 9.59 0.78 -21.10
CA ASN C 128 8.23 0.42 -21.46
C ASN C 128 7.44 -0.13 -20.28
N PHE C 129 8.11 -0.43 -19.17
CA PHE C 129 7.50 -1.04 -18.00
C PHE C 129 7.39 -0.03 -16.87
N ASP C 130 6.29 -0.09 -16.13
CA ASP C 130 6.22 0.59 -14.85
C ASP C 130 6.98 -0.23 -13.81
N TYR C 131 7.00 0.26 -12.56
CA TYR C 131 7.78 -0.41 -11.54
C TYR C 131 7.39 -1.88 -11.40
N SER C 132 6.09 -2.14 -11.27
CA SER C 132 5.61 -3.51 -11.10
C SER C 132 6.03 -4.39 -12.27
N GLU C 133 5.73 -3.95 -13.50
CA GLU C 133 6.09 -4.72 -14.68
C GLU C 133 7.59 -4.96 -14.75
N LEU C 134 8.39 -3.98 -14.34
CA LEU C 134 9.84 -4.17 -14.36
C LEU C 134 10.28 -5.19 -13.32
N GLU C 135 9.56 -5.26 -12.19
CA GLU C 135 9.84 -6.30 -11.21
C GLU C 135 9.53 -7.68 -11.79
N HIS C 136 8.36 -7.84 -12.40
CA HIS C 136 8.05 -9.08 -13.11
C HIS C 136 9.15 -9.44 -14.10
N HIS C 137 9.61 -8.44 -14.86
CA HIS C 137 10.63 -8.66 -15.88
C HIS C 137 11.92 -9.17 -15.24
N LEU C 138 12.38 -8.50 -14.19
CA LEU C 138 13.63 -8.91 -13.54
C LEU C 138 13.52 -10.24 -12.82
N ALA C 139 12.31 -10.67 -12.46
CA ALA C 139 12.15 -11.88 -11.67
C ALA C 139 12.32 -13.16 -12.48
N MET C 140 12.16 -13.10 -13.80
CA MET C 140 12.14 -14.31 -14.62
C MET C 140 13.45 -14.47 -15.37
N THR C 141 14.01 -15.68 -15.29
CA THR C 141 15.24 -16.04 -15.99
C THR C 141 15.10 -17.51 -16.42
N ARG C 142 16.18 -18.06 -16.96
CA ARG C 142 16.21 -19.49 -17.24
C ARG C 142 16.35 -20.32 -15.96
N ASP C 143 16.60 -19.68 -14.82
CA ASP C 143 16.62 -20.39 -13.54
C ASP C 143 15.27 -20.34 -12.83
N GLY C 144 14.25 -19.76 -13.45
CA GLY C 144 12.94 -19.69 -12.84
C GLY C 144 12.62 -18.31 -12.30
N GLU C 145 11.61 -18.26 -11.46
CA GLU C 145 11.13 -17.01 -10.88
C GLU C 145 11.81 -16.76 -9.54
N GLU C 146 12.43 -15.59 -9.41
CA GLU C 146 13.11 -15.18 -8.18
C GLU C 146 12.54 -13.80 -7.79
N LYS C 147 11.39 -13.83 -7.13
CA LYS C 147 10.70 -12.58 -6.79
C LYS C 147 11.55 -11.69 -5.91
N THR C 148 12.12 -12.24 -4.82
CA THR C 148 12.74 -11.41 -3.80
C THR C 148 13.86 -10.55 -4.37
N LYS C 149 14.74 -11.15 -5.18
CA LYS C 149 15.81 -10.39 -5.81
C LYS C 149 15.23 -9.22 -6.62
N ALA C 150 14.23 -9.51 -7.45
CA ALA C 150 13.63 -8.48 -8.29
C ALA C 150 13.01 -7.38 -7.43
N ALA C 151 12.40 -7.75 -6.31
CA ALA C 151 11.81 -6.76 -5.41
C ALA C 151 12.88 -5.87 -4.82
N ARG C 152 14.03 -6.44 -4.45
CA ARG C 152 15.14 -5.66 -3.93
C ARG C 152 15.62 -4.66 -4.98
N ILE C 153 15.87 -5.14 -6.20
CA ILE C 153 16.37 -4.27 -7.26
C ILE C 153 15.36 -3.15 -7.56
N ILE C 154 14.09 -3.52 -7.68
CA ILE C 154 13.08 -2.51 -8.04
C ILE C 154 12.88 -1.53 -6.90
N GLU C 155 13.14 -1.95 -5.66
CA GLU C 155 13.11 -0.99 -4.55
C GLU C 155 14.28 -0.01 -4.65
N ARG C 156 15.44 -0.47 -5.12
CA ARG C 156 16.51 0.47 -5.42
C ARG C 156 16.10 1.44 -6.52
N VAL C 157 15.49 0.93 -7.58
CA VAL C 157 15.02 1.78 -8.67
C VAL C 157 14.07 2.85 -8.13
N LYS C 158 13.10 2.44 -7.32
CA LYS C 158 12.17 3.39 -6.72
C LYS C 158 12.91 4.42 -5.87
N SER C 159 13.88 3.96 -5.08
CA SER C 159 14.62 4.90 -4.24
C SER C 159 15.41 5.90 -5.07
N LEU C 160 15.77 5.55 -6.30
CA LEU C 160 16.60 6.42 -7.12
C LEU C 160 15.81 7.35 -8.04
N SER C 161 14.50 7.16 -8.19
CA SER C 161 13.77 7.82 -9.26
C SER C 161 12.40 8.30 -8.77
N THR C 162 11.83 9.21 -9.57
CA THR C 162 10.45 9.65 -9.43
C THR C 162 9.65 9.16 -10.63
N PRO C 163 8.53 8.46 -10.44
CA PRO C 163 7.82 7.90 -11.58
C PRO C 163 7.10 8.99 -12.37
N TYR C 164 7.14 8.87 -13.69
CA TYR C 164 6.45 9.80 -14.57
C TYR C 164 5.87 9.02 -15.74
N PHE C 165 4.55 8.84 -15.72
CA PHE C 165 3.84 8.17 -16.80
C PHE C 165 3.70 9.12 -17.98
N LEU C 166 4.04 8.64 -19.18
CA LEU C 166 4.04 9.46 -20.38
C LEU C 166 3.24 8.74 -21.46
N SER C 167 2.06 9.28 -21.79
CA SER C 167 1.22 8.78 -22.86
C SER C 167 0.93 9.92 -23.82
N GLY C 168 1.22 9.70 -25.10
CA GLY C 168 0.92 10.67 -26.14
C GLY C 168 -0.30 11.52 -25.85
N GLU C 169 -0.20 12.34 -24.81
CA GLU C 169 -1.34 13.04 -24.22
C GLU C 169 -2.09 13.87 -25.25
N ASN C 170 -1.63 15.09 -25.52
CA ASN C 170 -2.39 16.07 -26.27
C ASN C 170 -3.83 16.20 -25.77
N PHE C 171 -4.04 17.24 -24.98
CA PHE C 171 -5.39 17.61 -24.59
C PHE C 171 -5.54 19.12 -24.44
N ARG C 172 -4.48 19.90 -24.64
CA ARG C 172 -4.53 21.37 -24.73
C ARG C 172 -5.61 21.97 -23.84
N ASN C 173 -5.50 21.76 -22.53
CA ASN C 173 -6.56 22.12 -21.59
C ASN C 173 -6.04 23.15 -20.60
N ASN C 174 -6.47 24.40 -20.78
CA ASN C 174 -6.20 25.47 -19.82
C ASN C 174 -6.94 26.74 -20.26
N ALA D 3 2.68 -20.79 -10.20
CA ALA D 3 2.66 -21.77 -11.28
C ALA D 3 1.54 -21.43 -12.28
N ASP D 4 0.30 -21.42 -11.79
CA ASP D 4 -0.81 -20.93 -12.60
C ASP D 4 -0.57 -19.51 -13.09
N ARG D 5 0.33 -18.78 -12.43
CA ARG D 5 0.68 -17.41 -12.78
C ARG D 5 1.73 -17.33 -13.89
N LEU D 6 2.29 -18.46 -14.32
CA LEU D 6 3.33 -18.47 -15.35
C LEU D 6 2.92 -19.28 -16.57
N ASP D 7 1.66 -19.70 -16.67
CA ASP D 7 1.18 -20.46 -17.83
C ASP D 7 -0.22 -19.95 -18.12
N VAL D 8 -0.37 -19.17 -19.20
CA VAL D 8 -1.65 -18.54 -19.49
C VAL D 8 -2.67 -19.59 -19.91
N ALA D 9 -2.24 -20.60 -20.67
CA ALA D 9 -3.15 -21.67 -21.07
C ALA D 9 -3.74 -22.36 -19.85
N MET D 10 -2.93 -22.55 -18.80
CA MET D 10 -3.44 -23.14 -17.57
C MET D 10 -4.57 -22.29 -16.99
N ALA D 11 -4.37 -20.98 -16.88
CA ALA D 11 -5.39 -20.10 -16.34
C ALA D 11 -6.66 -20.14 -17.18
N ALA D 12 -6.50 -20.02 -18.51
CA ALA D 12 -7.65 -20.02 -19.39
C ALA D 12 -8.46 -21.31 -19.25
N ASP D 13 -7.79 -22.46 -19.37
CA ASP D 13 -8.50 -23.74 -19.21
C ASP D 13 -9.18 -23.82 -17.85
N ASP D 14 -8.50 -23.40 -16.79
CA ASP D 14 -9.12 -23.36 -15.46
C ASP D 14 -10.42 -22.59 -15.48
N ILE D 15 -10.39 -21.35 -15.99
CA ILE D 15 -11.57 -20.51 -15.94
C ILE D 15 -12.69 -21.09 -16.80
N CYS D 16 -12.34 -21.64 -17.97
CA CYS D 16 -13.36 -22.25 -18.81
C CYS D 16 -14.06 -23.40 -18.10
N THR D 17 -13.28 -24.30 -17.51
CA THR D 17 -13.86 -25.43 -16.79
C THR D 17 -14.71 -24.96 -15.62
N ALA D 18 -14.19 -24.02 -14.84
CA ALA D 18 -14.95 -23.50 -13.70
C ALA D 18 -16.28 -22.90 -14.15
N ILE D 19 -16.27 -22.13 -15.24
CA ILE D 19 -17.51 -21.57 -15.77
C ILE D 19 -18.47 -22.68 -16.17
N THR D 20 -17.99 -23.63 -16.97
CA THR D 20 -18.86 -24.72 -17.41
C THR D 20 -19.40 -25.51 -16.23
N ASN D 21 -18.62 -25.67 -15.16
CA ASN D 21 -19.07 -26.37 -13.98
C ASN D 21 -19.95 -25.52 -13.08
N GLY D 22 -20.26 -24.29 -13.47
CA GLY D 22 -21.15 -23.45 -12.69
C GLY D 22 -20.54 -22.85 -11.45
N GLU D 23 -19.24 -22.58 -11.46
CA GLU D 23 -18.54 -22.02 -10.31
C GLU D 23 -18.32 -20.53 -10.53
N GLN D 24 -18.68 -19.71 -9.54
CA GLN D 24 -18.45 -18.27 -9.63
C GLN D 24 -16.96 -18.00 -9.83
N VAL D 25 -16.65 -17.11 -10.77
CA VAL D 25 -15.28 -16.90 -11.20
C VAL D 25 -15.11 -15.44 -11.62
N LYS D 26 -13.88 -14.95 -11.49
CA LYS D 26 -13.49 -13.66 -12.03
C LYS D 26 -12.76 -13.87 -13.36
N GLY D 27 -12.99 -12.96 -14.29
CA GLY D 27 -12.34 -13.04 -15.59
C GLY D 27 -10.86 -12.71 -15.50
N LEU D 28 -10.21 -12.76 -16.67
CA LEU D 28 -8.79 -12.46 -16.78
C LEU D 28 -8.58 -11.03 -17.25
N TYR D 29 -7.55 -10.39 -16.70
CA TYR D 29 -7.09 -9.09 -17.17
C TYR D 29 -5.69 -9.33 -17.76
N LEU D 30 -5.66 -9.81 -18.99
CA LEU D 30 -4.39 -10.05 -19.68
C LEU D 30 -3.77 -8.72 -20.08
N TYR D 31 -2.52 -8.50 -19.67
CA TYR D 31 -1.86 -7.25 -19.99
C TYR D 31 -0.38 -7.50 -20.24
N GLY D 32 0.24 -6.56 -20.97
CA GLY D 32 1.62 -6.66 -21.35
C GLY D 32 1.87 -6.09 -22.73
N PRO D 33 3.09 -6.22 -23.23
CA PRO D 33 3.41 -5.70 -24.56
C PRO D 33 2.54 -6.34 -25.65
N PHE D 34 2.45 -5.65 -26.78
CA PHE D 34 1.69 -6.15 -27.91
C PHE D 34 2.37 -7.36 -28.53
N GLY D 35 1.56 -8.19 -29.17
CA GLY D 35 2.07 -9.34 -29.89
C GLY D 35 2.40 -10.54 -29.02
N THR D 36 1.70 -10.70 -27.91
CA THR D 36 1.92 -11.83 -27.01
C THR D 36 0.80 -12.86 -27.06
N GLY D 37 -0.26 -12.60 -27.80
CA GLY D 37 -1.35 -13.54 -27.96
C GLY D 37 -2.54 -13.33 -27.05
N LYS D 38 -2.66 -12.17 -26.42
CA LYS D 38 -3.78 -11.94 -25.51
C LYS D 38 -5.12 -12.06 -26.23
N SER D 39 -5.24 -11.42 -27.40
CA SER D 39 -6.47 -11.56 -28.18
C SER D 39 -6.70 -13.00 -28.60
N PHE D 40 -5.63 -13.72 -28.93
CA PHE D 40 -5.76 -15.14 -29.25
C PHE D 40 -6.33 -15.91 -28.06
N ILE D 41 -5.81 -15.66 -26.86
CA ILE D 41 -6.29 -16.38 -25.67
C ILE D 41 -7.74 -16.03 -25.40
N LEU D 42 -8.12 -14.76 -25.57
CA LEU D 42 -9.52 -14.39 -25.38
C LEU D 42 -10.42 -15.13 -26.35
N GLY D 43 -10.08 -15.10 -27.64
CA GLY D 43 -10.85 -15.85 -28.62
C GLY D 43 -10.89 -17.33 -28.33
N ALA D 44 -9.81 -17.88 -27.77
CA ALA D 44 -9.77 -19.30 -27.45
C ALA D 44 -10.68 -19.62 -26.27
N ILE D 45 -10.77 -18.72 -25.31
CA ILE D 45 -11.74 -18.89 -24.22
C ILE D 45 -13.16 -18.81 -24.75
N ALA D 46 -13.41 -17.87 -25.66
CA ALA D 46 -14.74 -17.75 -26.25
C ALA D 46 -15.10 -19.01 -27.02
N ASN D 47 -14.16 -19.57 -27.78
CA ASN D 47 -14.43 -20.77 -28.56
C ASN D 47 -14.58 -22.00 -27.67
N GLN D 48 -13.80 -22.08 -26.59
CA GLN D 48 -13.98 -23.17 -25.64
C GLN D 48 -15.36 -23.13 -25.01
N LEU D 49 -15.73 -21.98 -24.43
CA LEU D 49 -17.07 -21.83 -23.87
C LEU D 49 -18.15 -22.12 -24.92
N LYS D 50 -17.88 -21.75 -26.17
CA LYS D 50 -18.86 -21.98 -27.23
C LYS D 50 -19.01 -23.48 -27.52
N SER D 51 -17.90 -24.21 -27.54
CA SER D 51 -17.98 -25.65 -27.78
C SER D 51 -18.83 -26.35 -26.73
N LYS D 52 -18.92 -25.78 -25.54
CA LYS D 52 -19.76 -26.30 -24.47
C LYS D 52 -21.10 -25.59 -24.40
N LYS D 53 -21.54 -24.97 -25.50
CA LYS D 53 -22.84 -24.30 -25.56
C LYS D 53 -22.94 -23.17 -24.51
N VAL D 54 -21.87 -22.39 -24.37
CA VAL D 54 -21.85 -21.24 -23.49
C VAL D 54 -21.53 -20.01 -24.35
N ARG D 55 -22.54 -19.18 -24.58
CA ARG D 55 -22.36 -18.01 -25.43
C ARG D 55 -21.57 -16.94 -24.71
N SER D 56 -20.84 -16.14 -25.50
CA SER D 56 -20.05 -15.03 -24.97
C SER D 56 -20.03 -13.93 -26.03
N THR D 57 -19.50 -12.77 -25.62
CA THR D 57 -19.42 -11.61 -26.51
C THR D 57 -18.08 -10.92 -26.35
N ILE D 58 -17.39 -10.70 -27.47
CA ILE D 58 -16.13 -9.96 -27.50
C ILE D 58 -16.39 -8.61 -28.13
N ILE D 59 -15.84 -7.56 -27.51
CA ILE D 59 -16.03 -6.19 -27.97
C ILE D 59 -14.67 -5.53 -28.12
N TYR D 60 -14.53 -4.73 -29.17
CA TYR D 60 -13.38 -3.85 -29.36
C TYR D 60 -13.88 -2.42 -29.18
N LEU D 61 -13.54 -1.81 -28.05
CA LEU D 61 -14.20 -0.57 -27.62
C LEU D 61 -14.27 0.49 -28.71
N PRO D 62 -13.21 0.78 -29.46
CA PRO D 62 -13.33 1.80 -30.52
C PRO D 62 -14.50 1.55 -31.47
N GLU D 63 -14.59 0.35 -32.04
CA GLU D 63 -15.70 0.03 -32.92
C GLU D 63 -17.04 0.20 -32.19
N PHE D 64 -17.08 -0.19 -30.92
CA PHE D 64 -18.31 -0.09 -30.15
C PHE D 64 -18.76 1.36 -30.01
N ILE D 65 -17.81 2.26 -29.71
CA ILE D 65 -18.12 3.67 -29.61
C ILE D 65 -18.55 4.22 -30.97
N ARG D 66 -17.87 3.82 -32.05
CA ARG D 66 -18.32 4.20 -33.37
C ARG D 66 -19.76 3.78 -33.61
N THR D 67 -20.17 2.64 -33.05
CA THR D 67 -21.54 2.18 -33.22
C THR D 67 -22.52 2.98 -32.37
N LEU D 68 -22.11 3.37 -31.17
CA LEU D 68 -23.02 4.03 -30.24
C LEU D 68 -23.18 5.52 -30.52
N LYS D 69 -22.13 6.19 -31.00
CA LYS D 69 -22.15 7.64 -31.11
C LYS D 69 -23.29 8.15 -31.99
N GLY D 70 -23.91 7.29 -32.79
CA GLY D 70 -25.06 7.70 -33.56
C GLY D 70 -26.36 7.85 -32.79
N GLY D 71 -26.31 7.85 -31.46
CA GLY D 71 -27.51 7.99 -30.65
C GLY D 71 -27.24 8.63 -29.31
N PHE D 72 -26.05 9.24 -29.15
CA PHE D 72 -25.73 9.89 -27.88
C PHE D 72 -26.66 11.07 -27.62
N LYS D 73 -27.02 11.82 -28.67
CA LYS D 73 -27.86 12.99 -28.49
C LYS D 73 -29.23 12.62 -27.94
N ASP D 74 -30.04 11.94 -28.74
CA ASP D 74 -31.38 11.56 -28.30
C ASP D 74 -31.38 10.49 -27.22
N GLY D 75 -30.23 9.87 -26.95
CA GLY D 75 -30.15 8.86 -25.91
C GLY D 75 -30.61 7.48 -26.31
N SER D 76 -30.67 7.20 -27.62
CA SER D 76 -31.12 5.89 -28.08
C SER D 76 -30.03 4.83 -27.92
N PHE D 77 -28.76 5.24 -27.91
CA PHE D 77 -27.67 4.29 -27.74
C PHE D 77 -27.89 3.42 -26.50
N GLU D 78 -28.50 3.98 -25.47
CA GLU D 78 -28.75 3.23 -24.24
C GLU D 78 -29.34 1.85 -24.52
N LYS D 79 -30.07 1.70 -25.63
CA LYS D 79 -30.62 0.39 -25.97
C LYS D 79 -29.50 -0.63 -26.12
N LYS D 80 -28.62 -0.45 -27.12
CA LYS D 80 -27.57 -1.44 -27.34
C LYS D 80 -26.67 -1.57 -26.13
N LEU D 81 -26.32 -0.45 -25.50
CA LEU D 81 -25.48 -0.50 -24.31
C LEU D 81 -26.12 -1.33 -23.20
N HIS D 82 -27.45 -1.35 -23.15
CA HIS D 82 -28.13 -2.16 -22.14
C HIS D 82 -28.05 -3.65 -22.46
N ARG D 83 -27.90 -4.01 -23.73
CA ARG D 83 -27.75 -5.42 -24.10
C ARG D 83 -26.32 -5.90 -23.83
N VAL D 84 -25.33 -5.20 -24.37
CA VAL D 84 -23.94 -5.59 -24.19
C VAL D 84 -23.62 -5.77 -22.72
N ARG D 85 -24.14 -4.88 -21.87
CA ARG D 85 -23.79 -4.93 -20.45
C ARG D 85 -24.41 -6.14 -19.76
N GLU D 86 -25.54 -6.65 -20.27
CA GLU D 86 -26.20 -7.79 -19.66
C GLU D 86 -25.87 -9.10 -20.37
N ALA D 87 -24.83 -9.11 -21.21
CA ALA D 87 -24.40 -10.35 -21.84
C ALA D 87 -23.84 -11.29 -20.78
N ASN D 88 -24.25 -12.56 -20.85
CA ASN D 88 -23.82 -13.55 -19.86
C ASN D 88 -22.31 -13.49 -19.64
N ILE D 89 -21.54 -13.44 -20.73
CA ILE D 89 -20.09 -13.32 -20.66
C ILE D 89 -19.65 -12.28 -21.68
N LEU D 90 -18.91 -11.28 -21.22
CA LEU D 90 -18.43 -10.21 -22.06
C LEU D 90 -16.91 -10.13 -21.98
N MET D 91 -16.28 -9.77 -23.10
CA MET D 91 -14.84 -9.62 -23.16
C MET D 91 -14.51 -8.30 -23.85
N LEU D 92 -13.73 -7.47 -23.16
CA LEU D 92 -13.31 -6.17 -23.69
C LEU D 92 -11.89 -6.33 -24.23
N ASP D 93 -11.77 -6.40 -25.55
CA ASP D 93 -10.48 -6.63 -26.17
C ASP D 93 -9.73 -5.32 -26.36
N ASP D 94 -8.48 -5.29 -25.91
CA ASP D 94 -7.61 -4.13 -26.09
C ASP D 94 -8.19 -2.87 -25.45
N ILE D 95 -8.80 -3.03 -24.28
CA ILE D 95 -9.26 -1.87 -23.53
C ILE D 95 -8.06 -0.97 -23.24
N GLY D 96 -8.30 0.35 -23.31
CA GLY D 96 -7.24 1.33 -23.19
C GLY D 96 -6.78 1.91 -24.52
N ALA D 97 -7.15 1.30 -25.63
CA ALA D 97 -6.82 1.82 -26.95
C ALA D 97 -7.80 2.89 -27.43
N GLU D 98 -9.00 2.95 -26.84
CA GLU D 98 -9.98 3.95 -27.21
C GLU D 98 -9.51 5.35 -26.84
N GLU D 99 -10.11 6.34 -27.48
CA GLU D 99 -9.92 7.74 -27.11
C GLU D 99 -10.88 8.10 -26.00
N VAL D 100 -10.36 8.44 -24.83
CA VAL D 100 -11.19 8.69 -23.65
C VAL D 100 -11.77 10.09 -23.73
N THR D 101 -13.09 10.17 -23.69
CA THR D 101 -13.81 11.43 -23.56
C THR D 101 -14.74 11.35 -22.35
N PRO D 102 -15.13 12.48 -21.78
CA PRO D 102 -16.03 12.42 -20.61
C PRO D 102 -17.28 11.61 -20.86
N TRP D 103 -17.83 11.65 -22.08
CA TRP D 103 -19.07 10.93 -22.35
C TRP D 103 -18.83 9.42 -22.44
N VAL D 104 -17.78 9.02 -23.15
CA VAL D 104 -17.45 7.60 -23.24
C VAL D 104 -17.15 7.04 -21.86
N ARG D 105 -16.46 7.82 -21.03
CA ARG D 105 -16.04 7.33 -19.72
C ARG D 105 -17.23 7.24 -18.77
N ASP D 106 -17.99 8.33 -18.64
CA ASP D 106 -18.99 8.46 -17.60
C ASP D 106 -20.38 7.99 -18.03
N GLU D 107 -20.61 7.80 -19.33
CA GLU D 107 -21.92 7.38 -19.82
C GLU D 107 -21.92 6.02 -20.51
N VAL D 108 -20.74 5.45 -20.79
CA VAL D 108 -20.67 4.19 -21.52
C VAL D 108 -19.88 3.17 -20.70
N ILE D 109 -18.58 3.43 -20.54
CA ILE D 109 -17.69 2.46 -19.90
C ILE D 109 -18.07 2.29 -18.43
N GLY D 110 -18.09 3.39 -17.69
CA GLY D 110 -18.39 3.36 -16.27
C GLY D 110 -19.65 2.58 -15.97
N PRO D 111 -20.78 3.04 -16.50
CA PRO D 111 -22.04 2.31 -16.27
C PRO D 111 -21.97 0.84 -16.66
N LEU D 112 -21.32 0.54 -17.79
CA LEU D 112 -21.16 -0.85 -18.22
C LEU D 112 -20.51 -1.68 -17.13
N LEU D 113 -19.28 -1.33 -16.76
CA LEU D 113 -18.55 -2.11 -15.76
C LEU D 113 -19.28 -2.13 -14.41
N HIS D 114 -19.99 -1.04 -14.07
CA HIS D 114 -20.76 -1.04 -12.84
C HIS D 114 -21.85 -2.09 -12.86
N TYR D 115 -22.66 -2.10 -13.93
CA TYR D 115 -23.70 -3.11 -14.05
C TYR D 115 -23.11 -4.52 -14.00
N ARG D 116 -22.00 -4.74 -14.72
CA ARG D 116 -21.41 -6.07 -14.72
C ARG D 116 -20.81 -6.44 -13.38
N MET D 117 -20.46 -5.46 -12.54
CA MET D 117 -19.96 -5.76 -11.20
C MET D 117 -21.10 -6.11 -10.26
N VAL D 118 -22.12 -5.24 -10.19
CA VAL D 118 -23.23 -5.46 -9.24
C VAL D 118 -23.82 -6.85 -9.45
N HIS D 119 -24.03 -7.25 -10.70
CA HIS D 119 -24.62 -8.54 -11.01
C HIS D 119 -23.59 -9.65 -11.15
N GLU D 120 -22.31 -9.33 -10.96
CA GLU D 120 -21.24 -10.34 -10.98
C GLU D 120 -21.30 -11.16 -12.26
N LEU D 121 -21.27 -10.47 -13.39
CA LEU D 121 -21.26 -11.14 -14.69
C LEU D 121 -19.82 -11.31 -15.16
N PRO D 122 -19.39 -12.52 -15.50
CA PRO D 122 -17.98 -12.72 -15.88
C PRO D 122 -17.55 -11.79 -17.00
N THR D 123 -16.45 -11.07 -16.76
CA THR D 123 -15.93 -10.09 -17.71
C THR D 123 -14.43 -10.29 -17.85
N PHE D 124 -13.97 -10.40 -19.10
CA PHE D 124 -12.56 -10.55 -19.42
C PHE D 124 -12.04 -9.26 -20.04
N PHE D 125 -10.73 -9.04 -19.90
CA PHE D 125 -10.08 -7.86 -20.44
C PHE D 125 -8.74 -8.24 -21.05
N SER D 126 -8.35 -7.51 -22.09
CA SER D 126 -6.98 -7.49 -22.57
C SER D 126 -6.58 -6.04 -22.81
N SER D 127 -5.34 -5.70 -22.46
CA SER D 127 -4.92 -4.31 -22.47
C SER D 127 -3.41 -4.23 -22.55
N ASN D 128 -2.91 -3.17 -23.17
CA ASN D 128 -1.50 -2.84 -23.08
C ASN D 128 -1.15 -2.21 -21.74
N PHE D 129 -2.15 -1.78 -20.98
CA PHE D 129 -1.96 -1.16 -19.68
C PHE D 129 -2.30 -2.15 -18.57
N ASP D 130 -1.66 -1.95 -17.42
CA ASP D 130 -2.09 -2.62 -16.21
C ASP D 130 -3.14 -1.76 -15.51
N TYR D 131 -3.63 -2.23 -14.36
CA TYR D 131 -4.66 -1.50 -13.64
C TYR D 131 -4.27 -0.05 -13.43
N SER D 132 -3.04 0.18 -12.95
CA SER D 132 -2.59 1.54 -12.68
C SER D 132 -2.54 2.37 -13.94
N GLU D 133 -1.85 1.88 -14.97
CA GLU D 133 -1.75 2.62 -16.23
C GLU D 133 -3.13 2.89 -16.81
N LEU D 134 -4.05 1.93 -16.71
CA LEU D 134 -5.40 2.14 -17.21
C LEU D 134 -6.14 3.18 -16.39
N GLU D 135 -5.83 3.28 -15.10
CA GLU D 135 -6.39 4.33 -14.27
C GLU D 135 -5.91 5.70 -14.74
N HIS D 136 -4.59 5.85 -14.91
CA HIS D 136 -4.06 7.08 -15.51
C HIS D 136 -4.77 7.39 -16.81
N HIS D 137 -4.99 6.38 -17.65
CA HIS D 137 -5.59 6.58 -18.96
C HIS D 137 -7.00 7.11 -18.85
N LEU D 138 -7.82 6.51 -17.97
CA LEU D 138 -9.20 6.94 -17.84
C LEU D 138 -9.34 8.28 -17.14
N ALA D 139 -8.29 8.76 -16.48
CA ALA D 139 -8.38 10.00 -15.71
C ALA D 139 -8.22 11.24 -16.57
N MET D 140 -7.63 11.12 -17.76
CA MET D 140 -7.28 12.29 -18.57
C MET D 140 -8.26 12.45 -19.72
N THR D 141 -8.86 13.64 -19.81
CA THR D 141 -9.70 14.02 -20.93
C THR D 141 -9.42 15.48 -21.23
N ARG D 142 -10.19 16.05 -22.16
CA ARG D 142 -10.08 17.48 -22.43
C ARG D 142 -10.66 18.32 -21.30
N ASP D 143 -11.32 17.71 -20.33
CA ASP D 143 -11.82 18.40 -19.15
C ASP D 143 -10.83 18.41 -18.00
N GLY D 144 -9.67 17.78 -18.16
CA GLY D 144 -8.66 17.74 -17.13
C GLY D 144 -8.52 16.37 -16.50
N GLU D 145 -7.84 16.35 -15.36
CA GLU D 145 -7.57 15.12 -14.64
C GLU D 145 -8.64 14.91 -13.58
N GLU D 146 -9.39 13.82 -13.70
CA GLU D 146 -10.44 13.45 -12.75
C GLU D 146 -10.06 12.08 -12.17
N LYS D 147 -9.27 12.11 -11.08
CA LYS D 147 -8.70 10.88 -10.54
C LYS D 147 -9.78 10.00 -9.92
N THR D 148 -10.77 10.59 -9.26
CA THR D 148 -11.72 9.80 -8.49
C THR D 148 -12.57 8.92 -9.41
N LYS D 149 -13.08 9.48 -10.50
CA LYS D 149 -13.86 8.69 -11.44
C LYS D 149 -13.04 7.50 -11.95
N ALA D 150 -11.82 7.78 -12.42
CA ALA D 150 -10.95 6.70 -12.90
C ALA D 150 -10.72 5.66 -11.81
N ALA D 151 -10.59 6.09 -10.56
CA ALA D 151 -10.39 5.15 -9.46
C ALA D 151 -11.61 4.27 -9.27
N ARG D 152 -12.81 4.85 -9.34
CA ARG D 152 -14.02 4.06 -9.22
C ARG D 152 -14.10 3.02 -10.34
N ILE D 153 -13.90 3.45 -11.58
CA ILE D 153 -13.97 2.52 -12.71
C ILE D 153 -12.94 1.41 -12.54
N ILE D 154 -11.68 1.78 -12.30
CA ILE D 154 -10.62 0.78 -12.21
C ILE D 154 -10.88 -0.16 -11.05
N GLU D 155 -11.51 0.32 -9.98
CA GLU D 155 -11.87 -0.55 -8.88
C GLU D 155 -12.93 -1.55 -9.31
N ARG D 156 -13.88 -1.13 -10.15
CA ARG D 156 -14.81 -2.09 -10.73
C ARG D 156 -14.07 -3.13 -11.57
N VAL D 157 -13.10 -2.69 -12.38
CA VAL D 157 -12.32 -3.61 -13.20
C VAL D 157 -11.62 -4.64 -12.31
N LYS D 158 -10.94 -4.18 -11.27
CA LYS D 158 -10.23 -5.10 -10.38
C LYS D 158 -11.20 -6.03 -9.67
N SER D 159 -12.40 -5.55 -9.33
CA SER D 159 -13.41 -6.43 -8.77
C SER D 159 -13.90 -7.45 -9.77
N LEU D 160 -13.74 -7.20 -11.07
CA LEU D 160 -14.28 -8.07 -12.09
C LEU D 160 -13.28 -9.07 -12.65
N SER D 161 -11.99 -8.95 -12.31
CA SER D 161 -10.97 -9.70 -13.03
C SER D 161 -9.80 -10.03 -12.13
N THR D 162 -9.00 -11.00 -12.60
CA THR D 162 -7.73 -11.38 -12.01
C THR D 162 -6.60 -10.93 -12.92
N PRO D 163 -5.59 -10.22 -12.41
CA PRO D 163 -4.52 -9.75 -13.29
C PRO D 163 -3.61 -10.89 -13.73
N TYR D 164 -3.14 -10.82 -14.98
CA TYR D 164 -2.17 -11.79 -15.49
C TYR D 164 -1.25 -11.06 -16.45
N PHE D 165 -0.01 -10.84 -16.02
CA PHE D 165 1.00 -10.23 -16.88
C PHE D 165 1.51 -11.27 -17.88
N LEU D 166 1.34 -10.98 -19.17
CA LEU D 166 1.76 -11.87 -20.24
C LEU D 166 2.83 -11.16 -21.06
N SER D 167 4.09 -11.51 -20.82
CA SER D 167 5.21 -11.04 -21.61
C SER D 167 5.61 -12.10 -22.62
N GLY D 168 6.43 -11.70 -23.59
CA GLY D 168 6.87 -12.60 -24.63
C GLY D 168 7.86 -13.65 -24.15
N GLU D 169 7.48 -14.36 -23.10
CA GLU D 169 8.32 -15.41 -22.49
C GLU D 169 8.39 -16.60 -23.44
N ASN D 170 9.20 -17.64 -23.17
CA ASN D 170 9.88 -17.89 -21.90
C ASN D 170 11.29 -18.46 -22.11
N PHE D 171 11.78 -19.18 -21.08
CA PHE D 171 13.16 -19.67 -21.03
C PHE D 171 13.14 -21.15 -20.71
N ARG D 172 13.58 -21.97 -21.66
CA ARG D 172 13.68 -23.42 -21.47
C ARG D 172 13.87 -24.14 -22.80
N LEU E 6 5.34 26.72 22.49
CA LEU E 6 4.00 26.58 23.04
C LEU E 6 3.22 25.50 22.28
N ASP E 7 3.39 24.26 22.72
CA ASP E 7 2.71 23.09 22.13
C ASP E 7 2.76 23.13 20.61
N VAL E 8 3.95 23.41 20.07
CA VAL E 8 4.10 23.46 18.62
C VAL E 8 4.15 22.06 18.01
N ALA E 9 4.62 21.07 18.76
CA ALA E 9 4.63 19.70 18.25
C ALA E 9 3.20 19.21 18.00
N MET E 10 2.30 19.47 18.95
CA MET E 10 0.89 19.14 18.74
C MET E 10 0.33 19.88 17.53
N ALA E 11 0.72 21.14 17.34
CA ALA E 11 0.20 21.90 16.21
C ALA E 11 0.70 21.33 14.90
N ALA E 12 1.96 20.86 14.87
CA ALA E 12 2.50 20.28 13.65
C ALA E 12 1.86 18.93 13.34
N ASP E 13 1.68 18.10 14.37
CA ASP E 13 0.99 16.82 14.16
C ASP E 13 -0.43 17.04 13.67
N ASP E 14 -1.14 18.00 14.28
CA ASP E 14 -2.51 18.28 13.87
C ASP E 14 -2.56 18.81 12.44
N ILE E 15 -1.69 19.77 12.11
CA ILE E 15 -1.73 20.34 10.76
C ILE E 15 -1.39 19.27 9.72
N CYS E 16 -0.48 18.36 10.06
CA CYS E 16 -0.20 17.24 9.17
C CYS E 16 -1.45 16.39 8.97
N THR E 17 -2.14 16.07 10.07
CA THR E 17 -3.37 15.27 9.95
C THR E 17 -4.39 15.96 9.05
N ALA E 18 -4.67 17.24 9.32
CA ALA E 18 -5.66 17.95 8.53
C ALA E 18 -5.26 18.01 7.05
N ILE E 19 -3.97 18.20 6.78
CA ILE E 19 -3.50 18.26 5.40
C ILE E 19 -3.73 16.91 4.72
N THR E 20 -3.34 15.82 5.39
CA THR E 20 -3.52 14.50 4.79
C THR E 20 -4.98 14.14 4.60
N ASN E 21 -5.89 14.77 5.35
CA ASN E 21 -7.32 14.52 5.21
C ASN E 21 -7.99 15.46 4.22
N GLY E 22 -7.21 16.19 3.43
CA GLY E 22 -7.75 17.03 2.38
C GLY E 22 -8.28 18.38 2.83
N GLU E 23 -8.23 18.68 4.12
CA GLU E 23 -8.80 19.92 4.62
C GLU E 23 -7.91 21.11 4.22
N GLN E 24 -8.56 22.26 4.02
CA GLN E 24 -7.84 23.51 3.84
C GLN E 24 -7.52 24.09 5.21
N VAL E 25 -6.24 24.39 5.43
CA VAL E 25 -5.77 24.85 6.73
C VAL E 25 -4.78 26.00 6.54
N LYS E 26 -4.57 26.74 7.63
CA LYS E 26 -3.57 27.79 7.67
C LYS E 26 -2.26 27.22 8.17
N GLY E 27 -1.19 27.38 7.40
CA GLY E 27 0.12 26.93 7.80
C GLY E 27 0.55 27.54 9.12
N LEU E 28 1.76 27.22 9.57
CA LEU E 28 2.27 27.72 10.85
C LEU E 28 3.29 28.83 10.60
N TYR E 29 3.22 29.85 11.44
CA TYR E 29 4.22 30.93 11.45
C TYR E 29 5.04 30.73 12.72
N LEU E 30 6.12 29.97 12.61
CA LEU E 30 7.00 29.72 13.73
C LEU E 30 8.01 30.86 13.84
N TYR E 31 8.08 31.49 15.00
CA TYR E 31 9.02 32.58 15.19
C TYR E 31 9.63 32.51 16.59
N GLY E 32 10.89 32.95 16.68
CA GLY E 32 11.62 32.93 17.92
C GLY E 32 13.10 33.15 17.65
N PRO E 33 13.89 33.34 18.71
CA PRO E 33 15.32 33.56 18.53
C PRO E 33 15.96 32.38 17.80
N PHE E 34 17.15 32.63 17.25
CA PHE E 34 17.88 31.58 16.56
C PHE E 34 18.19 30.45 17.53
N GLY E 35 18.17 29.22 17.01
CA GLY E 35 18.47 28.07 17.82
C GLY E 35 17.33 27.60 18.69
N THR E 36 16.11 27.63 18.19
CA THR E 36 14.95 27.13 18.91
C THR E 36 14.26 25.98 18.20
N GLY E 37 14.73 25.59 17.02
CA GLY E 37 14.20 24.43 16.34
C GLY E 37 13.08 24.70 15.36
N LYS E 38 13.01 25.91 14.80
CA LYS E 38 11.96 26.21 13.83
C LYS E 38 12.18 25.43 12.54
N SER E 39 13.38 25.49 11.99
CA SER E 39 13.69 24.73 10.78
C SER E 39 13.45 23.25 11.00
N PHE E 40 13.73 22.75 12.22
CA PHE E 40 13.50 21.34 12.50
C PHE E 40 12.00 21.01 12.46
N ILE E 41 11.16 21.91 12.98
CA ILE E 41 9.72 21.68 12.93
C ILE E 41 9.24 21.68 11.48
N LEU E 42 9.71 22.64 10.68
CA LEU E 42 9.35 22.65 9.28
C LEU E 42 9.74 21.33 8.60
N GLY E 43 11.01 20.94 8.72
CA GLY E 43 11.45 19.69 8.13
C GLY E 43 10.68 18.49 8.65
N ALA E 44 10.24 18.54 9.91
CA ALA E 44 9.45 17.45 10.47
C ALA E 44 8.08 17.37 9.83
N ILE E 45 7.46 18.52 9.59
CA ILE E 45 6.17 18.55 8.88
C ILE E 45 6.36 18.03 7.46
N ALA E 46 7.45 18.44 6.80
CA ALA E 46 7.68 17.99 5.44
C ALA E 46 7.91 16.49 5.37
N ASN E 47 8.68 15.94 6.32
CA ASN E 47 8.94 14.50 6.32
C ASN E 47 7.70 13.71 6.71
N GLN E 48 6.89 14.25 7.63
CA GLN E 48 5.64 13.60 7.98
C GLN E 48 4.70 13.53 6.79
N LEU E 49 4.51 14.66 6.10
CA LEU E 49 3.68 14.65 4.90
C LEU E 49 4.26 13.73 3.84
N LYS E 50 5.58 13.70 3.70
CA LYS E 50 6.22 12.82 2.72
C LYS E 50 5.98 11.36 3.06
N SER E 51 5.90 11.03 4.36
CA SER E 51 5.67 9.64 4.76
C SER E 51 4.27 9.18 4.38
N LYS E 52 3.32 10.12 4.25
CA LYS E 52 1.97 9.80 3.83
C LYS E 52 1.69 10.22 2.39
N LYS E 53 2.75 10.34 1.57
CA LYS E 53 2.60 10.60 0.15
C LYS E 53 1.95 11.97 -0.11
N VAL E 54 2.55 13.01 0.47
CA VAL E 54 2.08 14.39 0.27
C VAL E 54 3.32 15.26 0.09
N ARG E 55 3.55 15.73 -1.13
CA ARG E 55 4.74 16.52 -1.43
C ARG E 55 4.64 17.90 -0.78
N SER E 56 5.80 18.51 -0.60
CA SER E 56 5.90 19.88 -0.11
C SER E 56 7.20 20.47 -0.63
N THR E 57 7.34 21.79 -0.46
CA THR E 57 8.51 22.50 -0.93
C THR E 57 8.96 23.50 0.14
N ILE E 58 10.25 23.46 0.47
CA ILE E 58 10.84 24.40 1.42
C ILE E 58 11.84 25.25 0.66
N ILE E 59 11.74 26.57 0.84
CA ILE E 59 12.67 27.51 0.21
C ILE E 59 13.32 28.34 1.31
N TYR E 60 14.55 28.77 1.03
CA TYR E 60 15.28 29.69 1.88
C TYR E 60 15.44 30.98 1.08
N LEU E 61 14.68 32.01 1.47
CA LEU E 61 14.52 33.19 0.63
C LEU E 61 15.84 33.77 0.11
N PRO E 62 16.91 33.87 0.91
CA PRO E 62 18.17 34.38 0.32
C PRO E 62 18.65 33.53 -0.85
N GLU E 63 18.65 32.21 -0.70
CA GLU E 63 19.05 31.33 -1.79
C GLU E 63 18.07 31.43 -2.96
N PHE E 64 16.78 31.36 -2.67
CA PHE E 64 15.76 31.44 -3.72
C PHE E 64 15.95 32.70 -4.56
N ILE E 65 16.19 33.83 -3.91
CA ILE E 65 16.44 35.07 -4.65
C ILE E 65 17.76 34.98 -5.41
N ARG E 66 18.78 34.37 -4.80
CA ARG E 66 20.05 34.19 -5.51
C ARG E 66 19.84 33.47 -6.84
N THR E 67 18.95 32.48 -6.86
CA THR E 67 18.65 31.78 -8.11
C THR E 67 17.75 32.60 -9.02
N LEU E 68 16.82 33.38 -8.46
CA LEU E 68 15.97 34.23 -9.29
C LEU E 68 16.78 35.32 -9.97
N LYS E 69 17.58 36.06 -9.19
CA LYS E 69 18.33 37.17 -9.76
C LYS E 69 19.12 36.70 -10.98
N GLY E 70 19.21 37.58 -11.97
CA GLY E 70 19.60 37.19 -13.30
C GLY E 70 18.44 37.03 -14.25
N GLY E 71 17.25 36.80 -13.72
CA GLY E 71 16.03 36.81 -14.50
C GLY E 71 15.22 38.07 -14.26
N PHE E 72 15.61 38.85 -13.25
CA PHE E 72 14.95 40.14 -13.02
C PHE E 72 15.04 41.02 -14.25
N LYS E 73 16.20 41.04 -14.91
CA LYS E 73 16.44 41.96 -16.02
C LYS E 73 15.35 41.84 -17.08
N ASP E 74 14.99 40.60 -17.45
CA ASP E 74 14.13 40.36 -18.60
C ASP E 74 12.88 39.57 -18.23
N GLY E 75 12.51 39.55 -16.96
CA GLY E 75 11.31 38.86 -16.53
C GLY E 75 11.36 37.35 -16.63
N SER E 76 12.50 36.77 -17.00
CA SER E 76 12.58 35.31 -17.11
C SER E 76 12.47 34.64 -15.74
N PHE E 77 12.93 35.31 -14.68
CA PHE E 77 12.80 34.75 -13.35
C PHE E 77 11.38 34.28 -13.07
N GLU E 78 10.39 34.90 -13.72
CA GLU E 78 9.01 34.54 -13.48
C GLU E 78 8.77 33.05 -13.69
N LYS E 79 9.44 32.44 -14.67
CA LYS E 79 9.16 31.04 -14.95
C LYS E 79 9.53 30.15 -13.77
N LYS E 80 10.47 30.58 -12.93
CA LYS E 80 10.67 29.88 -11.67
C LYS E 80 9.65 30.31 -10.62
N LEU E 81 9.40 31.61 -10.51
CA LEU E 81 8.48 32.10 -9.48
C LEU E 81 7.09 31.51 -9.68
N HIS E 82 6.67 31.36 -10.94
CA HIS E 82 5.35 30.78 -11.20
C HIS E 82 5.28 29.31 -10.84
N ARG E 83 6.42 28.62 -10.77
CA ARG E 83 6.40 27.22 -10.35
C ARG E 83 6.29 27.12 -8.83
N VAL E 84 7.21 27.76 -8.11
CA VAL E 84 7.21 27.71 -6.65
C VAL E 84 5.85 28.14 -6.12
N ARG E 85 5.31 29.23 -6.65
CA ARG E 85 4.05 29.76 -6.14
C ARG E 85 2.91 28.77 -6.30
N GLU E 86 2.99 27.89 -7.29
CA GLU E 86 1.93 26.92 -7.54
C GLU E 86 2.18 25.60 -6.81
N ALA E 87 3.10 25.58 -5.86
CA ALA E 87 3.36 24.36 -5.10
C ALA E 87 2.20 24.05 -4.17
N ASN E 88 1.87 22.77 -4.06
CA ASN E 88 0.73 22.37 -3.22
C ASN E 88 0.94 22.84 -1.78
N ILE E 89 2.16 22.72 -1.27
CA ILE E 89 2.49 23.16 0.08
C ILE E 89 3.85 23.84 0.02
N LEU E 90 3.91 25.10 0.45
CA LEU E 90 5.14 25.87 0.44
C LEU E 90 5.52 26.22 1.87
N MET E 91 6.82 26.28 2.13
CA MET E 91 7.34 26.64 3.45
C MET E 91 8.48 27.62 3.26
N LEU E 92 8.32 28.83 3.79
CA LEU E 92 9.33 29.88 3.69
C LEU E 92 10.18 29.85 4.96
N ASP E 93 11.41 29.35 4.83
CA ASP E 93 12.29 29.16 5.97
C ASP E 93 13.13 30.41 6.17
N ASP E 94 13.03 31.01 7.36
CA ASP E 94 13.87 32.15 7.74
C ASP E 94 13.48 33.41 6.97
N ILE E 95 12.18 33.60 6.74
CA ILE E 95 11.72 34.84 6.11
C ILE E 95 12.09 36.02 7.00
N GLY E 96 12.60 37.07 6.38
CA GLY E 96 13.12 38.23 7.09
C GLY E 96 14.62 38.38 7.05
N ALA E 97 15.33 37.43 6.43
CA ALA E 97 16.78 37.46 6.34
C ALA E 97 17.27 37.66 4.92
N GLU E 98 16.38 37.98 3.98
CA GLU E 98 16.72 37.96 2.56
C GLU E 98 17.41 39.24 2.10
N GLU E 99 17.17 40.36 2.79
CA GLU E 99 17.57 41.70 2.36
C GLU E 99 16.49 42.27 1.46
N VAL E 100 15.66 43.15 2.02
CA VAL E 100 14.48 43.64 1.31
C VAL E 100 14.90 44.67 0.28
N THR E 101 14.58 44.40 -0.97
CA THR E 101 14.73 45.30 -2.11
C THR E 101 13.35 45.58 -2.69
N PRO E 102 13.10 46.78 -3.21
CA PRO E 102 11.76 47.05 -3.77
C PRO E 102 11.34 46.02 -4.79
N TRP E 103 12.29 45.50 -5.57
CA TRP E 103 11.98 44.41 -6.50
C TRP E 103 11.65 43.12 -5.77
N VAL E 104 12.43 42.78 -4.74
CA VAL E 104 12.18 41.55 -4.00
C VAL E 104 10.81 41.62 -3.32
N ARG E 105 10.52 42.75 -2.69
CA ARG E 105 9.25 42.89 -1.97
C ARG E 105 8.07 42.91 -2.94
N ASP E 106 8.12 43.81 -3.93
CA ASP E 106 6.95 44.11 -4.73
C ASP E 106 6.79 43.21 -5.95
N GLU E 107 7.83 42.48 -6.35
CA GLU E 107 7.77 41.64 -7.53
C GLU E 107 7.98 40.15 -7.25
N VAL E 108 8.45 39.78 -6.06
CA VAL E 108 8.73 38.38 -5.74
C VAL E 108 7.88 37.94 -4.54
N ILE E 109 8.17 38.49 -3.36
CA ILE E 109 7.48 38.06 -2.15
C ILE E 109 6.01 38.43 -2.20
N GLY E 110 5.71 39.69 -2.51
CA GLY E 110 4.35 40.18 -2.54
C GLY E 110 3.46 39.35 -3.44
N PRO E 111 3.81 39.27 -4.72
CA PRO E 111 3.01 38.44 -5.64
C PRO E 111 2.92 36.99 -5.20
N LEU E 112 4.01 36.41 -4.69
CA LEU E 112 3.97 35.03 -4.21
C LEU E 112 2.87 34.85 -3.17
N LEU E 113 2.93 35.63 -2.08
CA LEU E 113 1.96 35.46 -1.00
C LEU E 113 0.55 35.81 -1.46
N HIS E 114 0.42 36.82 -2.33
CA HIS E 114 -0.90 37.15 -2.88
C HIS E 114 -1.48 35.97 -3.62
N TYR E 115 -0.67 35.31 -4.45
CA TYR E 115 -1.14 34.15 -5.21
C TYR E 115 -1.55 33.02 -4.28
N ARG E 116 -0.64 32.61 -3.39
CA ARG E 116 -0.95 31.49 -2.49
C ARG E 116 -2.16 31.80 -1.62
N MET E 117 -2.42 33.08 -1.35
CA MET E 117 -3.60 33.44 -0.56
C MET E 117 -4.87 33.39 -1.40
N VAL E 118 -4.80 33.83 -2.65
CA VAL E 118 -5.97 33.80 -3.52
C VAL E 118 -6.43 32.37 -3.75
N HIS E 119 -5.48 31.43 -3.88
CA HIS E 119 -5.79 30.05 -4.21
C HIS E 119 -5.84 29.14 -2.99
N GLU E 120 -5.75 29.70 -1.78
CA GLU E 120 -5.84 28.92 -0.55
C GLU E 120 -4.85 27.74 -0.57
N LEU E 121 -3.57 28.09 -0.63
CA LEU E 121 -2.50 27.10 -0.69
C LEU E 121 -1.69 27.11 0.60
N PRO E 122 -1.55 25.97 1.28
CA PRO E 122 -0.81 25.95 2.55
C PRO E 122 0.58 26.57 2.48
N THR E 123 0.80 27.59 3.31
CA THR E 123 2.06 28.31 3.36
C THR E 123 2.53 28.37 4.80
N PHE E 124 3.73 27.87 5.05
CA PHE E 124 4.36 27.89 6.36
C PHE E 124 5.47 28.93 6.37
N PHE E 125 5.89 29.31 7.58
CA PHE E 125 6.91 30.33 7.75
C PHE E 125 7.78 30.00 8.94
N SER E 126 9.04 30.45 8.87
CA SER E 126 9.90 30.52 10.04
C SER E 126 10.67 31.83 9.97
N SER E 127 10.84 32.47 11.12
CA SER E 127 11.44 33.81 11.13
C SER E 127 11.87 34.17 12.53
N ASN E 128 12.93 34.96 12.62
CA ASN E 128 13.33 35.55 13.90
C ASN E 128 12.46 36.76 14.25
N PHE E 129 11.64 37.26 13.33
CA PHE E 129 10.76 38.38 13.57
C PHE E 129 9.35 37.89 13.86
N ASP E 130 8.62 38.65 14.67
CA ASP E 130 7.19 38.49 14.76
C ASP E 130 6.52 39.24 13.61
N TYR E 131 5.18 39.23 13.59
CA TYR E 131 4.46 39.85 12.50
C TYR E 131 4.86 41.32 12.33
N SER E 132 4.83 42.08 13.43
CA SER E 132 5.11 43.51 13.34
C SER E 132 6.55 43.77 12.93
N GLU E 133 7.49 43.04 13.53
CA GLU E 133 8.90 43.21 13.18
C GLU E 133 9.14 42.84 11.72
N LEU E 134 8.45 41.81 11.22
CA LEU E 134 8.57 41.46 9.82
C LEU E 134 8.01 42.55 8.93
N GLU E 135 6.90 43.17 9.36
CA GLU E 135 6.31 44.26 8.60
C GLU E 135 7.27 45.43 8.49
N HIS E 136 7.84 45.87 9.62
CA HIS E 136 8.82 46.94 9.57
C HIS E 136 10.03 46.54 8.75
N HIS E 137 10.39 45.25 8.76
CA HIS E 137 11.48 44.78 7.90
C HIS E 137 11.14 44.97 6.42
N LEU E 138 9.91 44.66 6.03
CA LEU E 138 9.50 44.80 4.64
C LEU E 138 9.25 46.25 4.24
N ALA E 139 9.02 47.15 5.21
CA ALA E 139 8.72 48.54 4.88
C ALA E 139 9.97 49.34 4.54
N MET E 140 11.12 48.99 5.12
CA MET E 140 12.34 49.75 4.92
C MET E 140 13.13 49.22 3.73
N THR E 141 13.63 50.14 2.92
CA THR E 141 14.41 49.82 1.74
C THR E 141 15.18 51.07 1.35
N ARG E 142 15.89 50.99 0.22
CA ARG E 142 16.63 52.17 -0.22
C ARG E 142 15.71 53.29 -0.67
N ASP E 143 14.47 52.97 -1.07
CA ASP E 143 13.51 53.98 -1.45
C ASP E 143 12.87 54.67 -0.24
N GLY E 144 13.16 54.23 0.97
CA GLY E 144 12.59 54.80 2.17
C GLY E 144 11.60 53.84 2.81
N GLU E 145 10.81 54.38 3.73
CA GLU E 145 9.79 53.62 4.44
C GLU E 145 8.48 53.65 3.67
N GLU E 146 7.92 52.47 3.42
CA GLU E 146 6.66 52.33 2.68
C GLU E 146 5.76 51.42 3.50
N LYS E 147 4.98 52.03 4.40
CA LYS E 147 4.19 51.26 5.36
C LYS E 147 3.00 50.57 4.70
N THR E 148 2.46 51.13 3.63
CA THR E 148 1.26 50.54 3.02
C THR E 148 1.58 49.20 2.38
N LYS E 149 2.66 49.13 1.59
CA LYS E 149 3.06 47.87 0.99
C LYS E 149 3.30 46.81 2.05
N ALA E 150 4.12 47.14 3.06
CA ALA E 150 4.42 46.19 4.12
C ALA E 150 3.16 45.76 4.85
N ALA E 151 2.19 46.67 5.01
CA ALA E 151 0.95 46.32 5.68
C ALA E 151 0.13 45.34 4.86
N ARG E 152 0.04 45.57 3.55
CA ARG E 152 -0.65 44.64 2.67
C ARG E 152 -0.01 43.26 2.72
N ILE E 153 1.32 43.21 2.53
CA ILE E 153 2.02 41.93 2.50
C ILE E 153 1.86 41.20 3.84
N ILE E 154 2.17 41.89 4.94
CA ILE E 154 2.08 41.23 6.25
C ILE E 154 0.65 40.79 6.51
N GLU E 155 -0.33 41.50 5.95
CA GLU E 155 -1.71 41.03 6.08
C GLU E 155 -1.92 39.71 5.35
N ARG E 156 -1.30 39.56 4.16
CA ARG E 156 -1.33 38.27 3.49
C ARG E 156 -0.68 37.19 4.35
N VAL E 157 0.46 37.50 4.96
CA VAL E 157 1.14 36.53 5.82
C VAL E 157 0.21 36.09 6.95
N LYS E 158 -0.41 37.06 7.63
CA LYS E 158 -1.26 36.72 8.77
C LYS E 158 -2.48 35.92 8.32
N SER E 159 -3.03 36.23 7.15
CA SER E 159 -4.12 35.42 6.63
C SER E 159 -3.68 34.01 6.31
N LEU E 160 -2.40 33.83 5.98
CA LEU E 160 -1.91 32.53 5.53
C LEU E 160 -1.43 31.62 6.66
N SER E 161 -1.27 32.13 7.89
CA SER E 161 -0.57 31.38 8.92
C SER E 161 -1.20 31.61 10.28
N THR E 162 -0.77 30.79 11.24
CA THR E 162 -1.12 30.90 12.65
C THR E 162 0.16 31.03 13.46
N PRO E 163 0.28 32.04 14.32
CA PRO E 163 1.57 32.28 14.99
C PRO E 163 1.84 31.31 16.13
N TYR E 164 3.11 30.97 16.28
CA TYR E 164 3.59 30.16 17.39
C TYR E 164 4.96 30.68 17.79
N PHE E 165 5.11 31.00 19.08
CA PHE E 165 6.36 31.54 19.61
C PHE E 165 7.17 30.43 20.27
N LEU E 166 8.46 30.40 19.98
CA LEU E 166 9.37 29.39 20.51
C LEU E 166 10.55 30.09 21.17
N SER E 167 10.57 30.10 22.50
CA SER E 167 11.72 30.59 23.25
C SER E 167 12.78 29.50 23.26
N GLY E 168 13.80 29.65 24.11
CA GLY E 168 14.87 28.68 24.18
C GLY E 168 15.66 28.74 25.46
N GLU E 169 15.02 28.42 26.59
CA GLU E 169 15.68 28.36 27.88
C GLU E 169 15.73 26.90 28.32
N ASN E 170 16.94 26.34 28.42
CA ASN E 170 17.12 24.95 28.79
C ASN E 170 16.42 24.63 30.10
N LEU F 6 -1.63 -19.18 21.69
CA LEU F 6 -2.25 -20.49 21.95
C LEU F 6 -3.77 -20.40 21.86
N ASP F 7 -4.29 -19.18 21.80
CA ASP F 7 -5.69 -18.97 21.47
C ASP F 7 -5.91 -19.30 19.99
N VAL F 8 -7.17 -19.61 19.65
CA VAL F 8 -7.50 -19.94 18.27
C VAL F 8 -7.40 -18.68 17.40
N ALA F 9 -8.13 -17.63 17.78
CA ALA F 9 -8.08 -16.39 17.03
C ALA F 9 -6.66 -15.82 16.98
N MET F 10 -5.90 -16.01 18.06
CA MET F 10 -4.53 -15.51 18.07
C MET F 10 -3.63 -16.36 17.17
N ALA F 11 -3.91 -17.65 17.05
CA ALA F 11 -3.15 -18.49 16.12
C ALA F 11 -3.43 -18.08 14.68
N ALA F 12 -4.71 -17.89 14.35
CA ALA F 12 -5.07 -17.41 13.02
C ALA F 12 -4.42 -16.06 12.73
N ASP F 13 -4.50 -15.13 13.68
CA ASP F 13 -3.93 -13.81 13.48
C ASP F 13 -2.42 -13.88 13.29
N ASP F 14 -1.73 -14.69 14.10
CA ASP F 14 -0.29 -14.84 13.94
C ASP F 14 0.05 -15.44 12.58
N ILE F 15 -0.71 -16.44 12.14
CA ILE F 15 -0.42 -17.07 10.86
C ILE F 15 -0.62 -16.07 9.71
N CYS F 16 -1.67 -15.25 9.81
CA CYS F 16 -1.89 -14.22 8.80
C CYS F 16 -0.73 -13.22 8.78
N THR F 17 -0.33 -12.74 9.95
CA THR F 17 0.80 -11.82 10.01
C THR F 17 2.06 -12.44 9.43
N ALA F 18 2.24 -13.75 9.62
CA ALA F 18 3.44 -14.42 9.12
C ALA F 18 3.39 -14.56 7.61
N ILE F 19 2.27 -15.04 7.07
CA ILE F 19 2.17 -15.23 5.63
C ILE F 19 2.28 -13.89 4.91
N THR F 20 1.64 -12.86 5.45
CA THR F 20 1.69 -11.55 4.80
C THR F 20 3.08 -10.96 4.85
N ASN F 21 3.88 -11.30 5.86
CA ASN F 21 5.27 -10.88 5.90
C ASN F 21 6.16 -11.71 5.00
N GLY F 22 5.61 -12.69 4.28
CA GLY F 22 6.37 -13.48 3.34
C GLY F 22 6.92 -14.78 3.88
N GLU F 23 6.36 -15.30 4.96
CA GLU F 23 6.85 -16.53 5.60
C GLU F 23 5.79 -17.61 5.42
N GLN F 24 6.13 -18.64 4.66
CA GLN F 24 5.24 -19.79 4.48
C GLN F 24 5.28 -20.66 5.72
N VAL F 25 4.15 -20.76 6.42
CA VAL F 25 4.08 -21.44 7.70
C VAL F 25 3.00 -22.50 7.65
N LYS F 26 3.01 -23.38 8.65
CA LYS F 26 2.00 -24.42 8.75
C LYS F 26 0.62 -23.81 9.01
N GLY F 27 -0.40 -24.43 8.42
CA GLY F 27 -1.76 -24.01 8.63
C GLY F 27 -2.31 -24.57 9.92
N LEU F 28 -3.65 -24.56 10.01
CA LEU F 28 -4.36 -24.96 11.21
C LEU F 28 -5.29 -26.12 10.91
N TYR F 29 -5.47 -26.99 11.89
CA TYR F 29 -6.41 -28.11 11.82
C TYR F 29 -7.51 -27.83 12.84
N LEU F 30 -8.58 -27.19 12.38
CA LEU F 30 -9.71 -26.84 13.24
C LEU F 30 -10.71 -27.99 13.24
N TYR F 31 -10.89 -28.61 14.40
CA TYR F 31 -11.83 -29.71 14.53
C TYR F 31 -12.80 -29.45 15.66
N GLY F 32 -14.05 -29.86 15.45
CA GLY F 32 -15.09 -29.67 16.43
C GLY F 32 -16.47 -29.97 15.86
N PRO F 33 -17.48 -30.06 16.71
CA PRO F 33 -18.83 -30.38 16.24
C PRO F 33 -19.32 -29.36 15.22
N PHE F 34 -20.46 -29.68 14.63
CA PHE F 34 -21.11 -28.75 13.71
C PHE F 34 -21.59 -27.52 14.47
N GLY F 35 -21.42 -26.35 13.85
CA GLY F 35 -21.86 -25.11 14.42
C GLY F 35 -20.95 -24.62 15.54
N THR F 36 -19.65 -24.63 15.29
CA THR F 36 -18.66 -24.14 16.24
C THR F 36 -17.75 -23.06 15.66
N GLY F 37 -17.97 -22.67 14.40
CA GLY F 37 -17.24 -21.56 13.81
C GLY F 37 -16.00 -21.93 13.05
N LYS F 38 -15.81 -23.21 12.72
CA LYS F 38 -14.64 -23.61 11.94
C LYS F 38 -14.59 -22.88 10.60
N SER F 39 -15.68 -22.97 9.83
CA SER F 39 -15.73 -22.31 8.53
C SER F 39 -15.59 -20.80 8.66
N PHE F 40 -16.04 -20.22 9.79
CA PHE F 40 -15.88 -18.78 9.98
C PHE F 40 -14.41 -18.43 10.21
N ILE F 41 -13.66 -19.29 10.88
CA ILE F 41 -12.24 -19.02 11.10
C ILE F 41 -11.47 -19.19 9.79
N LEU F 42 -11.75 -20.25 9.05
CA LEU F 42 -11.11 -20.42 7.74
C LEU F 42 -11.41 -19.24 6.84
N GLY F 43 -12.67 -18.82 6.78
CA GLY F 43 -13.02 -17.64 6.00
C GLY F 43 -12.36 -16.38 6.50
N ALA F 44 -12.17 -16.27 7.81
CA ALA F 44 -11.49 -15.10 8.38
C ALA F 44 -10.04 -15.04 7.94
N ILE F 45 -9.36 -16.19 7.95
CA ILE F 45 -7.98 -16.24 7.45
C ILE F 45 -7.95 -15.91 5.97
N ALA F 46 -8.88 -16.48 5.20
CA ALA F 46 -8.96 -16.18 3.77
C ALA F 46 -9.11 -14.68 3.53
N ASN F 47 -10.01 -14.03 4.26
CA ASN F 47 -10.30 -12.62 4.01
C ASN F 47 -9.19 -11.71 4.55
N GLN F 48 -8.59 -12.07 5.67
CA GLN F 48 -7.44 -11.31 6.17
C GLN F 48 -6.29 -11.36 5.18
N LEU F 49 -6.01 -12.55 4.64
CA LEU F 49 -4.99 -12.67 3.61
C LEU F 49 -5.37 -11.87 2.36
N LYS F 50 -6.63 -11.95 1.95
CA LYS F 50 -7.07 -11.27 0.74
C LYS F 50 -6.93 -9.75 0.88
N SER F 51 -7.23 -9.21 2.07
CA SER F 51 -7.13 -7.78 2.28
C SER F 51 -5.71 -7.27 2.09
N LYS F 52 -4.71 -8.15 2.12
CA LYS F 52 -3.32 -7.76 1.94
C LYS F 52 -2.73 -8.41 0.69
N LYS F 53 -3.57 -8.72 -0.29
CA LYS F 53 -3.14 -9.17 -1.61
C LYS F 53 -2.45 -10.53 -1.57
N VAL F 54 -3.00 -11.46 -0.80
CA VAL F 54 -2.48 -12.82 -0.70
C VAL F 54 -3.60 -13.77 -1.09
N ARG F 55 -3.47 -14.39 -2.25
CA ARG F 55 -4.50 -15.30 -2.74
C ARG F 55 -4.49 -16.60 -1.94
N SER F 56 -5.66 -17.21 -1.83
CA SER F 56 -5.81 -18.50 -1.16
C SER F 56 -6.94 -19.26 -1.84
N THR F 57 -6.98 -20.56 -1.58
CA THR F 57 -7.95 -21.44 -2.21
C THR F 57 -8.64 -22.31 -1.17
N ILE F 58 -9.96 -22.35 -1.22
CA ILE F 58 -10.78 -23.16 -0.33
C ILE F 58 -11.57 -24.13 -1.16
N ILE F 59 -11.44 -25.43 -0.85
CA ILE F 59 -12.19 -26.48 -1.52
C ILE F 59 -13.06 -27.19 -0.49
N TYR F 60 -14.28 -27.55 -0.89
CA TYR F 60 -15.14 -28.42 -0.13
C TYR F 60 -15.02 -29.82 -0.72
N LEU F 61 -14.34 -30.70 0.00
CA LEU F 61 -13.89 -31.98 -0.57
C LEU F 61 -14.97 -32.72 -1.34
N PRO F 62 -16.21 -32.85 -0.83
CA PRO F 62 -17.23 -33.57 -1.61
C PRO F 62 -17.45 -32.97 -2.99
N GLU F 63 -17.62 -31.65 -3.08
CA GLU F 63 -17.84 -31.01 -4.37
C GLU F 63 -16.66 -31.23 -5.30
N PHE F 64 -15.45 -30.90 -4.82
CA PHE F 64 -14.23 -31.14 -5.57
C PHE F 64 -14.20 -32.55 -6.15
N ILE F 65 -14.52 -33.55 -5.32
CA ILE F 65 -14.53 -34.93 -5.79
C ILE F 65 -15.56 -35.10 -6.91
N ARG F 66 -16.77 -34.56 -6.72
CA ARG F 66 -17.76 -34.64 -7.79
C ARG F 66 -17.21 -34.09 -9.10
N THR F 67 -16.39 -33.04 -9.03
CA THR F 67 -15.79 -32.50 -10.25
C THR F 67 -14.74 -33.43 -10.82
N LEU F 68 -14.02 -34.17 -9.96
CA LEU F 68 -12.98 -35.06 -10.47
C LEU F 68 -13.56 -36.29 -11.13
N LYS F 69 -14.49 -36.97 -10.44
CA LYS F 69 -15.10 -38.17 -10.99
C LYS F 69 -15.57 -37.94 -12.42
N GLY F 70 -14.62 -37.84 -13.35
CA GLY F 70 -14.93 -37.48 -14.72
C GLY F 70 -14.60 -38.56 -15.72
N GLY F 71 -13.31 -38.83 -15.95
CA GLY F 71 -12.20 -38.16 -15.30
C GLY F 71 -11.40 -39.10 -14.43
N PHE F 72 -12.10 -39.82 -13.55
CA PHE F 72 -11.50 -40.75 -12.60
C PHE F 72 -10.84 -41.97 -13.26
N LYS F 73 -10.70 -42.06 -14.59
CA LYS F 73 -10.15 -43.25 -15.23
C LYS F 73 -8.82 -42.91 -15.88
N ASP F 74 -8.84 -42.35 -17.09
CA ASP F 74 -7.62 -42.17 -17.86
C ASP F 74 -6.89 -40.89 -17.43
N GLY F 75 -6.67 -40.72 -16.14
CA GLY F 75 -5.86 -39.62 -15.62
C GLY F 75 -6.37 -38.22 -15.90
N SER F 76 -7.45 -38.06 -16.68
CA SER F 76 -7.94 -36.72 -16.99
C SER F 76 -8.10 -35.88 -15.74
N PHE F 77 -8.59 -36.49 -14.65
CA PHE F 77 -8.76 -35.74 -13.41
C PHE F 77 -7.43 -35.17 -12.91
N GLU F 78 -6.31 -35.83 -13.21
CA GLU F 78 -5.02 -35.31 -12.82
C GLU F 78 -4.81 -33.88 -13.29
N LYS F 79 -5.53 -33.44 -14.33
CA LYS F 79 -5.39 -32.07 -14.79
C LYS F 79 -5.79 -31.08 -13.71
N LYS F 80 -6.93 -31.31 -13.05
CA LYS F 80 -7.36 -30.41 -11.99
C LYS F 80 -6.61 -30.69 -10.69
N LEU F 81 -6.39 -31.96 -10.38
CA LEU F 81 -5.70 -32.31 -9.14
C LEU F 81 -4.28 -31.73 -9.14
N HIS F 82 -3.63 -31.69 -10.31
CA HIS F 82 -2.30 -31.10 -10.39
C HIS F 82 -2.34 -29.58 -10.18
N ARG F 83 -3.47 -28.95 -10.51
CA ARG F 83 -3.57 -27.49 -10.35
C ARG F 83 -3.93 -27.11 -8.93
N VAL F 84 -4.87 -27.83 -8.31
CA VAL F 84 -5.25 -27.52 -6.94
C VAL F 84 -4.09 -27.81 -5.99
N ARG F 85 -3.33 -28.87 -6.24
CA ARG F 85 -2.31 -29.30 -5.30
C ARG F 85 -1.18 -28.28 -5.18
N GLU F 86 -0.85 -27.59 -6.27
CA GLU F 86 0.22 -26.61 -6.26
C GLU F 86 -0.26 -25.20 -5.93
N ALA F 87 -1.45 -25.07 -5.34
CA ALA F 87 -1.94 -23.76 -4.92
C ALA F 87 -1.05 -23.19 -3.82
N ASN F 88 -0.84 -21.88 -3.86
CA ASN F 88 -0.02 -21.22 -2.85
C ASN F 88 -0.50 -21.57 -1.44
N ILE F 89 -1.80 -21.40 -1.20
CA ILE F 89 -2.42 -21.70 0.09
C ILE F 89 -3.71 -22.46 -0.19
N LEU F 90 -3.85 -23.64 0.39
CA LEU F 90 -5.02 -24.49 0.20
C LEU F 90 -5.67 -24.76 1.54
N MET F 91 -7.00 -24.69 1.56
CA MET F 91 -7.78 -24.94 2.77
C MET F 91 -8.84 -25.98 2.44
N LEU F 92 -8.82 -27.10 3.15
CA LEU F 92 -9.74 -28.20 2.91
C LEU F 92 -10.87 -28.11 3.93
N ASP F 93 -12.03 -27.63 3.48
CA ASP F 93 -13.15 -27.37 4.37
C ASP F 93 -13.93 -28.66 4.61
N ASP F 94 -14.00 -29.08 5.87
CA ASP F 94 -14.84 -30.21 6.28
C ASP F 94 -14.29 -31.53 5.76
N ILE F 95 -12.96 -31.68 5.79
CA ILE F 95 -12.36 -32.97 5.44
C ILE F 95 -12.90 -34.04 6.38
N GLY F 96 -13.23 -35.20 5.82
CA GLY F 96 -13.86 -36.26 6.57
C GLY F 96 -15.34 -36.42 6.30
N ALA F 97 -15.96 -35.43 5.63
CA ALA F 97 -17.35 -35.53 5.22
C ALA F 97 -17.52 -36.24 3.88
N GLU F 98 -16.47 -36.32 3.09
CA GLU F 98 -16.53 -37.05 1.84
C GLU F 98 -16.74 -38.53 2.09
N GLU F 99 -17.40 -39.20 1.15
CA GLU F 99 -17.51 -40.64 1.18
C GLU F 99 -16.17 -41.25 0.76
N VAL F 100 -15.52 -41.96 1.68
CA VAL F 100 -14.19 -42.49 1.43
C VAL F 100 -14.31 -43.74 0.57
N THR F 101 -13.63 -43.72 -0.57
CA THR F 101 -13.45 -44.90 -1.41
C THR F 101 -11.97 -45.12 -1.61
N PRO F 102 -11.55 -46.33 -1.97
CA PRO F 102 -10.11 -46.56 -2.15
C PRO F 102 -9.47 -45.62 -3.15
N TRP F 103 -10.18 -45.22 -4.20
CA TRP F 103 -9.58 -44.33 -5.19
C TRP F 103 -9.57 -42.89 -4.70
N VAL F 104 -10.61 -42.44 -4.01
CA VAL F 104 -10.59 -41.10 -3.44
C VAL F 104 -9.44 -40.99 -2.44
N ARG F 105 -9.34 -41.96 -1.54
CA ARG F 105 -8.29 -41.92 -0.52
C ARG F 105 -6.90 -42.02 -1.15
N ASP F 106 -6.68 -43.05 -1.97
CA ASP F 106 -5.33 -43.39 -2.41
C ASP F 106 -4.88 -42.63 -3.65
N GLU F 107 -5.80 -42.04 -4.42
CA GLU F 107 -5.45 -41.38 -5.66
C GLU F 107 -5.80 -39.89 -5.69
N VAL F 108 -6.41 -39.35 -4.64
CA VAL F 108 -6.76 -37.93 -4.60
C VAL F 108 -6.21 -37.33 -3.31
N ILE F 109 -6.85 -37.65 -2.18
CA ILE F 109 -6.46 -37.07 -0.89
C ILE F 109 -4.98 -37.33 -0.62
N GLY F 110 -4.60 -38.61 -0.64
CA GLY F 110 -3.26 -39.01 -0.31
C GLY F 110 -2.22 -38.27 -1.12
N PRO F 111 -2.24 -38.44 -2.44
CA PRO F 111 -1.26 -37.73 -3.29
C PRO F 111 -1.30 -36.22 -3.11
N LEU F 112 -2.48 -35.64 -2.92
CA LEU F 112 -2.58 -34.20 -2.70
C LEU F 112 -1.77 -33.77 -1.48
N LEU F 113 -2.04 -34.40 -0.33
CA LEU F 113 -1.35 -34.02 0.89
C LEU F 113 0.13 -34.35 0.82
N HIS F 114 0.48 -35.45 0.16
CA HIS F 114 1.88 -35.79 -0.02
C HIS F 114 2.61 -34.72 -0.80
N TYR F 115 2.01 -34.23 -1.89
CA TYR F 115 2.63 -33.16 -2.66
C TYR F 115 2.76 -31.90 -1.83
N ARG F 116 1.68 -31.48 -1.16
CA ARG F 116 1.75 -30.26 -0.37
C ARG F 116 2.75 -30.37 0.76
N MET F 117 3.01 -31.59 1.24
CA MET F 117 4.01 -31.78 2.29
C MET F 117 5.43 -31.73 1.74
N VAL F 118 5.67 -32.42 0.62
CA VAL F 118 7.00 -32.45 0.05
C VAL F 118 7.47 -31.04 -0.30
N HIS F 119 6.59 -30.23 -0.87
CA HIS F 119 6.94 -28.90 -1.35
C HIS F 119 6.72 -27.81 -0.30
N GLU F 120 6.38 -28.17 0.93
CA GLU F 120 6.30 -27.23 2.04
C GLU F 120 5.32 -26.09 1.72
N LEU F 121 4.09 -26.47 1.41
CA LEU F 121 3.05 -25.53 1.02
C LEU F 121 2.06 -25.37 2.15
N PRO F 122 1.78 -24.14 2.61
CA PRO F 122 0.79 -23.95 3.67
C PRO F 122 -0.55 -24.59 3.33
N THR F 123 -1.09 -25.35 4.28
CA THR F 123 -2.33 -26.09 4.09
C THR F 123 -3.14 -26.02 5.38
N PHE F 124 -4.43 -25.73 5.26
CA PHE F 124 -5.34 -25.63 6.39
C PHE F 124 -6.40 -26.73 6.29
N PHE F 125 -7.05 -27.01 7.42
CA PHE F 125 -8.05 -28.06 7.48
C PHE F 125 -9.17 -27.66 8.43
N SER F 126 -10.36 -28.21 8.17
CA SER F 126 -11.45 -28.22 9.12
C SER F 126 -12.15 -29.56 9.04
N SER F 127 -12.65 -30.04 10.17
CA SER F 127 -13.25 -31.37 10.20
C SER F 127 -14.05 -31.52 11.48
N ASN F 128 -14.98 -32.47 11.47
CA ASN F 128 -15.65 -32.90 12.69
C ASN F 128 -14.83 -33.92 13.47
N PHE F 129 -13.73 -34.40 12.90
CA PHE F 129 -12.92 -35.46 13.50
C PHE F 129 -11.58 -34.89 13.97
N ASP F 130 -11.09 -35.43 15.09
CA ASP F 130 -9.71 -35.19 15.47
C ASP F 130 -8.80 -36.07 14.60
N TYR F 131 -7.50 -36.01 14.86
CA TYR F 131 -6.55 -36.78 14.06
C TYR F 131 -6.90 -38.25 14.06
N SER F 132 -7.06 -38.85 15.25
CA SER F 132 -7.34 -40.28 15.32
C SER F 132 -8.65 -40.62 14.60
N GLU F 133 -9.67 -39.78 14.77
CA GLU F 133 -10.97 -40.07 14.16
C GLU F 133 -10.95 -39.87 12.65
N LEU F 134 -10.12 -38.94 12.16
CA LEU F 134 -9.96 -38.80 10.72
C LEU F 134 -9.19 -39.97 10.13
N GLU F 135 -8.15 -40.42 10.83
CA GLU F 135 -7.41 -41.59 10.38
C GLU F 135 -8.31 -42.82 10.32
N HIS F 136 -9.10 -43.04 11.37
CA HIS F 136 -10.04 -44.15 11.36
C HIS F 136 -11.06 -43.98 10.24
N HIS F 137 -11.47 -42.73 9.97
CA HIS F 137 -12.41 -42.46 8.89
C HIS F 137 -11.82 -42.86 7.53
N LEU F 138 -10.55 -42.55 7.31
CA LEU F 138 -9.91 -42.86 6.03
C LEU F 138 -9.58 -44.34 5.91
N ALA F 139 -9.37 -45.02 7.04
CA ALA F 139 -9.00 -46.44 6.98
C ALA F 139 -10.14 -47.32 6.49
N MET F 140 -11.39 -46.89 6.64
CA MET F 140 -12.53 -47.76 6.43
C MET F 140 -13.22 -47.44 5.10
N THR F 141 -13.46 -48.47 4.31
CA THR F 141 -14.12 -48.36 3.01
C THR F 141 -14.79 -49.69 2.70
N ARG F 142 -15.36 -49.81 1.49
CA ARG F 142 -16.02 -51.05 1.12
C ARG F 142 -15.03 -52.21 1.03
N ASP F 143 -13.77 -51.93 0.73
CA ASP F 143 -12.74 -52.96 0.70
C ASP F 143 -12.26 -53.37 2.07
N GLY F 144 -12.81 -52.81 3.14
CA GLY F 144 -12.44 -53.17 4.49
C GLY F 144 -11.59 -52.08 5.15
N GLU F 145 -10.99 -52.44 6.27
CA GLU F 145 -10.19 -51.52 7.06
C GLU F 145 -8.73 -51.63 6.64
N GLU F 146 -8.16 -50.51 6.22
CA GLU F 146 -6.75 -50.44 5.82
C GLU F 146 -6.09 -49.38 6.69
N LYS F 147 -5.42 -49.83 7.76
CA LYS F 147 -4.93 -48.91 8.78
C LYS F 147 -3.64 -48.21 8.37
N THR F 148 -2.73 -48.92 7.68
CA THR F 148 -1.42 -48.34 7.39
C THR F 148 -1.53 -47.15 6.44
N LYS F 149 -2.36 -47.28 5.40
CA LYS F 149 -2.59 -46.15 4.51
C LYS F 149 -3.11 -44.94 5.27
N ALA F 150 -4.17 -45.14 6.05
CA ALA F 150 -4.71 -44.04 6.86
C ALA F 150 -3.65 -43.46 7.78
N ALA F 151 -2.71 -44.28 8.24
CA ALA F 151 -1.64 -43.77 9.10
C ALA F 151 -0.72 -42.86 8.32
N ARG F 152 -0.31 -43.27 7.11
CA ARG F 152 0.50 -42.40 6.28
C ARG F 152 -0.21 -41.06 6.03
N ILE F 153 -1.46 -41.12 5.56
CA ILE F 153 -2.17 -39.89 5.22
C ILE F 153 -2.30 -38.99 6.45
N ILE F 154 -2.79 -39.55 7.56
CA ILE F 154 -3.00 -38.73 8.74
C ILE F 154 -1.67 -38.16 9.24
N GLU F 155 -0.58 -38.87 9.01
CA GLU F 155 0.72 -38.33 9.40
C GLU F 155 1.09 -37.12 8.54
N ARG F 156 0.72 -37.17 7.25
CA ARG F 156 0.89 -35.98 6.41
C ARG F 156 0.04 -34.82 6.92
N VAL F 157 -1.23 -35.08 7.22
CA VAL F 157 -2.10 -34.05 7.79
C VAL F 157 -1.45 -33.43 9.02
N LYS F 158 -0.95 -34.29 9.92
CA LYS F 158 -0.40 -33.81 11.19
C LYS F 158 0.88 -33.02 10.96
N SER F 159 1.67 -33.36 9.94
CA SER F 159 2.85 -32.58 9.61
C SER F 159 2.49 -31.27 8.91
N LEU F 160 1.26 -31.14 8.41
CA LEU F 160 0.85 -29.96 7.67
C LEU F 160 0.04 -28.97 8.50
N SER F 161 -0.22 -29.24 9.77
CA SER F 161 -1.17 -28.42 10.52
C SER F 161 -0.85 -28.42 12.01
N THR F 162 -1.56 -27.57 12.74
CA THR F 162 -1.52 -27.49 14.19
C THR F 162 -2.93 -27.61 14.70
N PRO F 163 -3.22 -28.54 15.61
CA PRO F 163 -4.61 -28.81 15.98
C PRO F 163 -5.19 -27.78 16.94
N TYR F 164 -6.47 -27.48 16.75
CA TYR F 164 -7.21 -26.60 17.65
C TYR F 164 -8.65 -27.10 17.75
N PHE F 165 -9.11 -27.30 18.99
CA PHE F 165 -10.44 -27.83 19.24
C PHE F 165 -11.42 -26.68 19.48
N LEU F 166 -12.59 -26.77 18.84
CA LEU F 166 -13.64 -25.76 18.97
C LEU F 166 -14.89 -26.45 19.50
N SER F 167 -15.19 -26.23 20.77
CA SER F 167 -16.39 -26.78 21.40
C SER F 167 -17.45 -25.70 21.53
N GLY F 168 -18.71 -26.12 21.45
CA GLY F 168 -19.82 -25.20 21.59
C GLY F 168 -19.88 -24.56 22.97
N GLU F 169 -21.02 -23.94 23.29
CA GLU F 169 -21.19 -23.24 24.55
C GLU F 169 -21.72 -24.17 25.63
N ARG G 5 11.46 -19.79 -27.99
CA ARG G 5 11.38 -18.49 -27.35
C ARG G 5 9.94 -18.00 -27.26
N LEU G 6 9.17 -18.29 -28.31
CA LEU G 6 7.78 -17.87 -28.35
C LEU G 6 6.97 -18.50 -27.22
N ASP G 7 6.01 -17.73 -26.70
CA ASP G 7 5.05 -18.28 -25.77
C ASP G 7 4.00 -19.09 -26.54
N VAL G 8 3.28 -19.94 -25.80
CA VAL G 8 2.40 -20.91 -26.45
C VAL G 8 1.34 -20.21 -27.28
N ALA G 9 0.86 -19.05 -26.81
CA ALA G 9 -0.18 -18.33 -27.53
C ALA G 9 0.30 -17.92 -28.92
N MET G 10 1.45 -17.26 -28.99
CA MET G 10 1.94 -16.79 -30.28
C MET G 10 2.41 -17.93 -31.17
N ALA G 11 2.86 -19.04 -30.57
CA ALA G 11 3.20 -20.21 -31.38
C ALA G 11 1.95 -20.78 -32.04
N ALA G 12 0.93 -21.10 -31.23
CA ALA G 12 -0.32 -21.62 -31.76
C ALA G 12 -0.89 -20.68 -32.82
N ASP G 13 -1.00 -19.39 -32.49
CA ASP G 13 -1.59 -18.44 -33.42
C ASP G 13 -0.77 -18.35 -34.71
N ASP G 14 0.56 -18.28 -34.59
CA ASP G 14 1.40 -18.21 -35.77
C ASP G 14 1.16 -19.42 -36.67
N ILE G 15 1.10 -20.62 -36.09
CA ILE G 15 0.88 -21.81 -36.90
C ILE G 15 -0.50 -21.78 -37.55
N CYS G 16 -1.50 -21.26 -36.84
CA CYS G 16 -2.81 -21.05 -37.45
C CYS G 16 -2.70 -20.15 -38.68
N THR G 17 -1.97 -19.04 -38.55
CA THR G 17 -1.81 -18.11 -39.66
C THR G 17 -1.09 -18.79 -40.83
N ALA G 18 -0.09 -19.61 -40.54
CA ALA G 18 0.63 -20.29 -41.60
C ALA G 18 -0.26 -21.28 -42.33
N ILE G 19 -1.05 -22.06 -41.58
CA ILE G 19 -2.01 -22.96 -42.21
C ILE G 19 -2.96 -22.19 -43.10
N THR G 20 -3.63 -21.17 -42.54
CA THR G 20 -4.63 -20.42 -43.30
C THR G 20 -4.03 -19.75 -44.53
N ASN G 21 -2.73 -19.47 -44.53
CA ASN G 21 -2.06 -18.86 -45.67
C ASN G 21 -1.56 -19.88 -46.69
N GLY G 22 -2.00 -21.14 -46.59
CA GLY G 22 -1.64 -22.14 -47.57
C GLY G 22 -0.21 -22.62 -47.49
N GLU G 23 0.48 -22.35 -46.37
CA GLU G 23 1.86 -22.79 -46.20
C GLU G 23 1.90 -24.18 -45.59
N GLN G 24 2.87 -24.97 -46.03
CA GLN G 24 3.08 -26.30 -45.46
C GLN G 24 3.78 -26.16 -44.12
N VAL G 25 3.20 -26.74 -43.08
CA VAL G 25 3.69 -26.59 -41.72
C VAL G 25 3.64 -27.94 -41.00
N LYS G 26 4.50 -28.09 -40.00
CA LYS G 26 4.50 -29.24 -39.12
C LYS G 26 3.79 -28.87 -37.82
N GLY G 27 2.87 -29.73 -37.39
CA GLY G 27 2.14 -29.48 -36.17
C GLY G 27 3.05 -29.38 -34.97
N LEU G 28 2.46 -28.99 -33.84
CA LEU G 28 3.18 -28.89 -32.58
C LEU G 28 3.15 -30.22 -31.84
N TYR G 29 4.22 -30.48 -31.09
CA TYR G 29 4.27 -31.58 -30.15
C TYR G 29 4.34 -30.95 -28.75
N LEU G 30 3.16 -30.63 -28.20
CA LEU G 30 3.06 -30.02 -26.89
C LEU G 30 3.28 -31.07 -25.81
N TYR G 31 4.29 -30.87 -24.96
CA TYR G 31 4.54 -31.82 -23.89
C TYR G 31 4.83 -31.09 -22.59
N GLY G 32 4.45 -31.74 -21.49
CA GLY G 32 4.63 -31.19 -20.17
C GLY G 32 3.72 -31.88 -19.17
N PRO G 33 3.81 -31.48 -17.90
CA PRO G 33 3.00 -32.13 -16.86
C PRO G 33 1.51 -31.91 -17.09
N PHE G 34 0.72 -32.69 -16.35
CA PHE G 34 -0.74 -32.55 -16.41
C PHE G 34 -1.16 -31.12 -16.15
N GLY G 35 -2.31 -30.75 -16.70
CA GLY G 35 -2.95 -29.49 -16.35
C GLY G 35 -2.23 -28.24 -16.79
N THR G 36 -1.31 -28.33 -17.73
CA THR G 36 -0.60 -27.15 -18.23
C THR G 36 -1.34 -26.46 -19.38
N GLY G 37 -2.49 -26.97 -19.79
CA GLY G 37 -3.25 -26.36 -20.86
C GLY G 37 -2.91 -26.84 -22.25
N LYS G 38 -2.29 -28.01 -22.39
CA LYS G 38 -1.96 -28.52 -23.72
C LYS G 38 -3.23 -28.80 -24.53
N SER G 39 -4.15 -29.57 -23.96
CA SER G 39 -5.42 -29.81 -24.65
C SER G 39 -6.12 -28.50 -24.99
N PHE G 40 -6.11 -27.54 -24.05
CA PHE G 40 -6.73 -26.24 -24.32
C PHE G 40 -6.12 -25.58 -25.54
N ILE G 41 -4.79 -25.66 -25.68
CA ILE G 41 -4.13 -25.05 -26.83
C ILE G 41 -4.51 -25.78 -28.11
N LEU G 42 -4.49 -27.12 -28.08
CA LEU G 42 -4.90 -27.87 -29.27
C LEU G 42 -6.31 -27.45 -29.71
N GLY G 43 -7.25 -27.42 -28.77
CA GLY G 43 -8.60 -27.00 -29.10
C GLY G 43 -8.67 -25.57 -29.57
N ALA G 44 -7.75 -24.72 -29.09
CA ALA G 44 -7.71 -23.33 -29.53
C ALA G 44 -7.23 -23.23 -30.97
N ILE G 45 -6.31 -24.11 -31.37
CA ILE G 45 -5.88 -24.16 -32.76
C ILE G 45 -7.01 -24.70 -33.64
N ALA G 46 -7.71 -25.72 -33.16
CA ALA G 46 -8.80 -26.28 -33.95
C ALA G 46 -9.94 -25.28 -34.12
N ASN G 47 -10.25 -24.52 -33.08
CA ASN G 47 -11.33 -23.55 -33.16
C ASN G 47 -10.91 -22.30 -33.93
N GLN G 48 -9.67 -21.86 -33.74
CA GLN G 48 -9.15 -20.75 -34.54
C GLN G 48 -9.20 -21.11 -36.02
N LEU G 49 -8.65 -22.28 -36.38
CA LEU G 49 -8.70 -22.72 -37.77
C LEU G 49 -10.13 -22.86 -38.27
N LYS G 50 -11.02 -23.38 -37.42
CA LYS G 50 -12.41 -23.54 -37.83
C LYS G 50 -13.05 -22.18 -38.14
N SER G 51 -12.73 -21.16 -37.33
CA SER G 51 -13.31 -19.84 -37.54
C SER G 51 -12.98 -19.29 -38.92
N LYS G 52 -11.94 -19.81 -39.58
CA LYS G 52 -11.58 -19.39 -40.92
C LYS G 52 -11.80 -20.51 -41.94
N LYS G 53 -12.75 -21.41 -41.65
CA LYS G 53 -13.22 -22.41 -42.60
C LYS G 53 -12.13 -23.42 -42.95
N VAL G 54 -11.38 -23.86 -41.95
CA VAL G 54 -10.37 -24.91 -42.10
C VAL G 54 -10.77 -26.05 -41.18
N ARG G 55 -11.01 -27.23 -41.76
CA ARG G 55 -11.43 -28.38 -40.98
C ARG G 55 -10.26 -29.00 -40.23
N SER G 56 -10.57 -29.62 -39.09
CA SER G 56 -9.58 -30.34 -38.31
C SER G 56 -10.30 -31.32 -37.40
N THR G 57 -9.59 -32.38 -37.02
CA THR G 57 -10.15 -33.43 -36.19
C THR G 57 -9.26 -33.64 -34.97
N ILE G 58 -9.86 -33.61 -33.78
CA ILE G 58 -9.17 -33.90 -32.54
C ILE G 58 -9.58 -35.29 -32.08
N ILE G 59 -8.58 -36.08 -31.66
CA ILE G 59 -8.81 -37.43 -31.17
C ILE G 59 -8.16 -37.56 -29.80
N TYR G 60 -8.91 -38.11 -28.85
CA TYR G 60 -8.41 -38.36 -27.51
C TYR G 60 -8.09 -39.84 -27.40
N LEU G 61 -6.80 -40.16 -27.42
CA LEU G 61 -6.35 -41.54 -27.67
C LEU G 61 -7.05 -42.59 -26.81
N PRO G 62 -7.16 -42.44 -25.49
CA PRO G 62 -7.82 -43.49 -24.70
C PRO G 62 -9.21 -43.83 -25.22
N GLU G 63 -10.07 -42.83 -25.41
CA GLU G 63 -11.41 -43.08 -25.94
C GLU G 63 -11.36 -43.61 -27.37
N PHE G 64 -10.36 -43.18 -28.15
CA PHE G 64 -10.24 -43.64 -29.53
C PHE G 64 -9.95 -45.13 -29.58
N ILE G 65 -9.01 -45.59 -28.78
CA ILE G 65 -8.69 -47.02 -28.72
C ILE G 65 -9.86 -47.79 -28.14
N ARG G 66 -10.48 -47.29 -27.07
CA ARG G 66 -11.65 -47.98 -26.53
C ARG G 66 -12.75 -48.08 -27.58
N THR G 67 -12.80 -47.12 -28.51
CA THR G 67 -13.76 -47.20 -29.61
C THR G 67 -13.36 -48.25 -30.63
N LEU G 68 -12.08 -48.29 -30.99
CA LEU G 68 -11.62 -49.22 -32.01
C LEU G 68 -11.66 -50.67 -31.54
N LYS G 69 -11.48 -50.91 -30.24
CA LYS G 69 -11.43 -52.29 -29.73
C LYS G 69 -12.70 -53.06 -30.06
N GLY G 70 -13.80 -52.37 -30.37
CA GLY G 70 -15.00 -53.06 -30.81
C GLY G 70 -14.84 -53.81 -32.11
N GLY G 71 -13.76 -53.56 -32.86
CA GLY G 71 -13.53 -54.21 -34.14
C GLY G 71 -12.22 -54.95 -34.21
N PHE G 72 -11.63 -55.29 -33.05
CA PHE G 72 -10.43 -56.10 -33.01
C PHE G 72 -10.61 -57.37 -33.82
N LYS G 73 -11.68 -58.11 -33.53
CA LYS G 73 -11.84 -59.46 -34.06
C LYS G 73 -12.00 -59.46 -35.57
N ASP G 74 -13.08 -58.86 -36.06
CA ASP G 74 -13.40 -58.91 -37.48
C ASP G 74 -12.60 -57.91 -38.32
N GLY G 75 -11.75 -57.09 -37.70
CA GLY G 75 -11.01 -56.10 -38.44
C GLY G 75 -11.84 -54.92 -38.93
N SER G 76 -13.05 -54.74 -38.39
CA SER G 76 -13.89 -53.63 -38.82
C SER G 76 -13.42 -52.29 -38.28
N PHE G 77 -12.56 -52.28 -37.26
CA PHE G 77 -12.06 -51.02 -36.72
C PHE G 77 -11.40 -50.20 -37.82
N GLU G 78 -10.76 -50.87 -38.79
CA GLU G 78 -10.15 -50.16 -39.92
C GLU G 78 -11.10 -49.12 -40.49
N LYS G 79 -12.40 -49.44 -40.55
CA LYS G 79 -13.41 -48.50 -41.04
C LYS G 79 -13.15 -47.10 -40.50
N LYS G 80 -13.14 -46.96 -39.17
CA LYS G 80 -12.91 -45.64 -38.59
C LYS G 80 -11.44 -45.24 -38.70
N LEU G 81 -10.53 -46.19 -38.56
CA LEU G 81 -9.11 -45.86 -38.56
C LEU G 81 -8.69 -45.25 -39.90
N HIS G 82 -9.18 -45.82 -41.00
CA HIS G 82 -8.87 -45.25 -42.31
C HIS G 82 -9.50 -43.87 -42.47
N ARG G 83 -10.59 -43.60 -41.75
CA ARG G 83 -11.22 -42.28 -41.83
C ARG G 83 -10.38 -41.24 -41.08
N VAL G 84 -10.17 -41.47 -39.78
CA VAL G 84 -9.32 -40.58 -38.99
C VAL G 84 -7.96 -40.41 -39.67
N ARG G 85 -7.43 -41.50 -40.22
CA ARG G 85 -6.12 -41.47 -40.85
C ARG G 85 -6.07 -40.52 -42.05
N GLU G 86 -7.22 -40.22 -42.67
CA GLU G 86 -7.26 -39.40 -43.87
C GLU G 86 -7.76 -37.99 -43.59
N ALA G 87 -7.69 -37.54 -42.35
CA ALA G 87 -8.13 -36.18 -42.02
C ALA G 87 -7.13 -35.16 -42.51
N ASN G 88 -7.64 -34.03 -43.01
CA ASN G 88 -6.76 -32.96 -43.46
C ASN G 88 -5.86 -32.48 -42.33
N ILE G 89 -6.45 -32.24 -41.15
CA ILE G 89 -5.72 -31.81 -39.96
C ILE G 89 -6.12 -32.74 -38.82
N LEU G 90 -5.15 -33.43 -38.25
CA LEU G 90 -5.38 -34.34 -37.14
C LEU G 90 -4.58 -33.90 -35.93
N MET G 91 -5.18 -34.06 -34.75
CA MET G 91 -4.53 -33.72 -33.48
C MET G 91 -4.71 -34.90 -32.54
N LEU G 92 -3.60 -35.50 -32.12
CA LEU G 92 -3.62 -36.64 -31.21
C LEU G 92 -3.48 -36.11 -29.80
N ASP G 93 -4.57 -36.07 -29.06
CA ASP G 93 -4.61 -35.47 -27.74
C ASP G 93 -4.28 -36.52 -26.68
N ASP G 94 -3.18 -36.30 -25.95
CA ASP G 94 -2.81 -37.14 -24.81
C ASP G 94 -2.27 -38.50 -25.27
N ILE G 95 -1.35 -38.47 -26.23
CA ILE G 95 -0.67 -39.69 -26.64
C ILE G 95 0.33 -40.09 -25.56
N GLY G 96 0.47 -41.40 -25.34
CA GLY G 96 1.25 -41.91 -24.24
C GLY G 96 0.45 -42.20 -22.99
N ALA G 97 -0.79 -41.70 -22.90
CA ALA G 97 -1.62 -41.99 -21.74
C ALA G 97 -2.36 -43.31 -21.88
N GLU G 98 -2.63 -43.74 -23.11
CA GLU G 98 -3.26 -45.04 -23.32
C GLU G 98 -2.34 -46.17 -22.85
N GLU G 99 -2.95 -47.33 -22.62
CA GLU G 99 -2.18 -48.54 -22.37
C GLU G 99 -1.59 -49.03 -23.69
N VAL G 100 -0.28 -49.24 -23.71
CA VAL G 100 0.43 -49.58 -24.93
C VAL G 100 0.53 -51.10 -25.02
N THR G 101 -0.23 -51.68 -25.94
CA THR G 101 -0.17 -53.10 -26.25
C THR G 101 0.41 -53.28 -27.65
N PRO G 102 0.94 -54.47 -27.96
CA PRO G 102 1.46 -54.68 -29.31
C PRO G 102 0.44 -54.42 -30.40
N TRP G 103 -0.84 -54.72 -30.16
CA TRP G 103 -1.87 -54.44 -31.15
C TRP G 103 -2.09 -52.95 -31.31
N VAL G 104 -2.24 -52.23 -30.18
CA VAL G 104 -2.46 -50.78 -30.24
C VAL G 104 -1.27 -50.08 -30.86
N ARG G 105 -0.06 -50.63 -30.70
CA ARG G 105 1.14 -49.97 -31.19
C ARG G 105 1.39 -50.29 -32.66
N ASP G 106 1.25 -51.54 -33.05
CA ASP G 106 1.65 -51.99 -34.37
C ASP G 106 0.50 -52.01 -35.37
N GLU G 107 -0.75 -51.94 -34.91
CA GLU G 107 -1.90 -51.97 -35.80
C GLU G 107 -2.74 -50.71 -35.78
N VAL G 108 -2.42 -49.74 -34.92
CA VAL G 108 -3.20 -48.50 -34.81
C VAL G 108 -2.29 -47.30 -34.94
N ILE G 109 -1.45 -47.07 -33.93
CA ILE G 109 -0.61 -45.88 -33.92
C ILE G 109 0.39 -45.90 -35.07
N GLY G 110 1.12 -47.01 -35.20
CA GLY G 110 2.13 -47.15 -36.23
C GLY G 110 1.61 -46.84 -37.62
N PRO G 111 0.61 -47.59 -38.07
CA PRO G 111 0.02 -47.32 -39.40
C PRO G 111 -0.50 -45.90 -39.54
N LEU G 112 -1.17 -45.37 -38.52
CA LEU G 112 -1.71 -44.03 -38.59
C LEU G 112 -0.62 -43.00 -38.87
N LEU G 113 0.40 -42.97 -38.02
CA LEU G 113 1.48 -42.00 -38.20
C LEU G 113 2.25 -42.25 -39.48
N HIS G 114 2.40 -43.52 -39.88
CA HIS G 114 3.09 -43.82 -41.12
C HIS G 114 2.36 -43.21 -42.31
N TYR G 115 1.05 -43.45 -42.40
CA TYR G 115 0.27 -42.87 -43.49
C TYR G 115 0.35 -41.36 -43.46
N ARG G 116 0.06 -40.75 -42.31
CA ARG G 116 0.07 -39.29 -42.24
C ARG G 116 1.43 -38.72 -42.59
N MET G 117 2.51 -39.48 -42.36
CA MET G 117 3.84 -39.01 -42.74
C MET G 117 4.07 -39.15 -44.25
N VAL G 118 3.65 -40.28 -44.83
CA VAL G 118 3.84 -40.50 -46.25
C VAL G 118 3.11 -39.45 -47.07
N HIS G 119 1.89 -39.09 -46.65
CA HIS G 119 1.07 -38.12 -47.36
C HIS G 119 1.26 -36.71 -46.86
N GLU G 120 2.18 -36.48 -45.92
CA GLU G 120 2.54 -35.15 -45.45
C GLU G 120 1.29 -34.34 -45.06
N LEU G 121 0.58 -34.88 -44.07
CA LEU G 121 -0.59 -34.22 -43.53
C LEU G 121 -0.27 -33.63 -42.17
N PRO G 122 -0.64 -32.37 -41.90
CA PRO G 122 -0.30 -31.78 -40.59
C PRO G 122 -0.86 -32.60 -39.44
N THR G 123 -0.01 -32.88 -38.46
CA THR G 123 -0.40 -33.70 -37.31
C THR G 123 0.11 -33.04 -36.04
N PHE G 124 -0.78 -32.88 -35.06
CA PHE G 124 -0.47 -32.28 -33.78
C PHE G 124 -0.46 -33.36 -32.69
N PHE G 125 0.23 -33.06 -31.59
CA PHE G 125 0.37 -34.00 -30.48
C PHE G 125 0.33 -33.26 -29.16
N SER G 126 -0.21 -33.93 -28.14
CA SER G 126 -0.05 -33.52 -26.76
C SER G 126 0.24 -34.76 -25.92
N SER G 127 1.22 -34.64 -25.02
CA SER G 127 1.66 -35.80 -24.26
C SER G 127 2.41 -35.33 -23.02
N ASN G 128 2.31 -36.11 -21.95
CA ASN G 128 3.14 -35.87 -20.78
C ASN G 128 4.58 -36.32 -20.99
N PHE G 129 4.86 -37.05 -22.06
CA PHE G 129 6.19 -37.53 -22.37
C PHE G 129 6.82 -36.66 -23.46
N ASP G 130 8.14 -36.54 -23.41
CA ASP G 130 8.90 -35.96 -24.51
C ASP G 130 9.13 -37.05 -25.56
N TYR G 131 9.91 -36.73 -26.59
CA TYR G 131 10.14 -37.71 -27.67
C TYR G 131 10.74 -39.00 -27.12
N SER G 132 11.82 -38.88 -26.35
CA SER G 132 12.49 -40.08 -25.83
C SER G 132 11.57 -40.86 -24.90
N GLU G 133 10.95 -40.18 -23.94
CA GLU G 133 10.07 -40.86 -22.99
C GLU G 133 8.91 -41.53 -23.71
N LEU G 134 8.41 -40.92 -24.78
CA LEU G 134 7.37 -41.55 -25.58
C LEU G 134 7.91 -42.76 -26.33
N GLU G 135 9.19 -42.71 -26.75
CA GLU G 135 9.80 -43.85 -27.43
C GLU G 135 9.93 -45.04 -26.47
N HIS G 136 10.55 -44.82 -25.31
CA HIS G 136 10.63 -45.88 -24.31
C HIS G 136 9.24 -46.38 -23.94
N HIS G 137 8.27 -45.47 -23.83
CA HIS G 137 6.91 -45.88 -23.52
C HIS G 137 6.38 -46.84 -24.58
N LEU G 138 6.63 -46.53 -25.86
CA LEU G 138 6.11 -47.37 -26.94
C LEU G 138 6.87 -48.68 -27.07
N ALA G 139 8.12 -48.72 -26.61
CA ALA G 139 8.93 -49.92 -26.80
C ALA G 139 8.53 -51.03 -25.84
N MET G 140 8.04 -50.68 -24.66
CA MET G 140 7.81 -51.66 -23.60
C MET G 140 6.36 -52.13 -23.65
N THR G 141 6.17 -53.45 -23.72
CA THR G 141 4.85 -54.07 -23.71
C THR G 141 4.95 -55.35 -22.87
N ARG G 142 3.86 -56.13 -22.85
CA ARG G 142 3.91 -57.41 -22.18
C ARG G 142 4.70 -58.45 -22.98
N ASP G 143 4.87 -58.24 -24.28
CA ASP G 143 5.71 -59.11 -25.09
C ASP G 143 7.19 -58.80 -24.95
N GLY G 144 7.57 -57.87 -24.08
CA GLY G 144 8.94 -57.48 -23.90
C GLY G 144 9.22 -56.11 -24.47
N GLU G 145 10.51 -55.84 -24.69
CA GLU G 145 10.96 -54.58 -25.26
C GLU G 145 11.27 -54.76 -26.74
N GLU G 146 10.83 -53.78 -27.55
CA GLU G 146 11.07 -53.80 -28.99
C GLU G 146 11.50 -52.38 -29.39
N LYS G 147 12.79 -52.10 -29.18
CA LYS G 147 13.31 -50.75 -29.40
C LYS G 147 13.15 -50.30 -30.84
N THR G 148 13.24 -51.22 -31.81
CA THR G 148 13.24 -50.83 -33.22
C THR G 148 11.90 -50.24 -33.62
N LYS G 149 10.80 -50.93 -33.28
CA LYS G 149 9.47 -50.42 -33.59
C LYS G 149 9.25 -49.05 -32.97
N ALA G 150 9.60 -48.91 -31.68
CA ALA G 150 9.46 -47.62 -31.01
C ALA G 150 10.27 -46.55 -31.72
N ALA G 151 11.47 -46.89 -32.17
CA ALA G 151 12.30 -45.93 -32.88
C ALA G 151 11.64 -45.49 -34.18
N ARG G 152 11.03 -46.43 -34.90
CA ARG G 152 10.37 -46.11 -36.15
C ARG G 152 9.18 -45.18 -35.91
N ILE G 153 8.29 -45.57 -34.99
CA ILE G 153 7.12 -44.76 -34.69
C ILE G 153 7.53 -43.36 -34.25
N ILE G 154 8.48 -43.28 -33.31
CA ILE G 154 8.88 -41.98 -32.79
C ILE G 154 9.60 -41.15 -33.86
N GLU G 155 10.22 -41.81 -34.84
CA GLU G 155 10.81 -41.06 -35.94
C GLU G 155 9.73 -40.47 -36.82
N ARG G 156 8.60 -41.19 -36.98
CA ARG G 156 7.45 -40.59 -37.66
C ARG G 156 6.92 -39.40 -36.87
N VAL G 157 6.77 -39.55 -35.56
CA VAL G 157 6.30 -38.44 -34.72
C VAL G 157 7.20 -37.23 -34.91
N LYS G 158 8.51 -37.43 -34.78
CA LYS G 158 9.44 -36.31 -34.87
C LYS G 158 9.46 -35.69 -36.26
N SER G 159 9.23 -36.49 -37.30
CA SER G 159 9.15 -35.93 -38.65
C SER G 159 7.85 -35.18 -38.88
N LEU G 160 6.80 -35.47 -38.12
CA LEU G 160 5.50 -34.84 -38.32
C LEU G 160 5.27 -33.61 -37.46
N SER G 161 6.10 -33.35 -36.45
CA SER G 161 5.80 -32.33 -35.46
C SER G 161 7.01 -31.47 -35.19
N THR G 162 6.77 -30.37 -34.50
CA THR G 162 7.80 -29.50 -33.95
C THR G 162 7.68 -29.48 -32.43
N PRO G 163 8.77 -29.70 -31.69
CA PRO G 163 8.64 -29.82 -30.24
C PRO G 163 8.39 -28.47 -29.57
N TYR G 164 7.61 -28.52 -28.50
CA TYR G 164 7.33 -27.33 -27.70
C TYR G 164 7.00 -27.76 -26.28
N PHE G 165 7.82 -27.33 -25.32
CA PHE G 165 7.63 -27.69 -23.92
C PHE G 165 6.77 -26.63 -23.24
N LEU G 166 5.62 -27.05 -22.76
CA LEU G 166 4.71 -26.16 -22.09
C LEU G 166 4.58 -26.50 -20.64
N SER G 167 4.92 -25.56 -19.77
CA SER G 167 4.86 -25.81 -18.36
C SER G 167 4.86 -24.56 -17.55
N GLY G 168 4.75 -24.75 -16.25
CA GLY G 168 4.80 -23.64 -15.33
C GLY G 168 6.18 -23.54 -14.73
N GLU G 169 7.13 -24.30 -15.27
CA GLU G 169 8.49 -24.28 -14.78
C GLU G 169 9.42 -25.12 -15.64
N ARG H 5 -1.93 17.96 -31.04
CA ARG H 5 -2.45 16.75 -30.41
C ARG H 5 -1.33 15.76 -30.22
N LEU H 6 -0.18 16.27 -29.79
CA LEU H 6 0.98 15.46 -29.58
C LEU H 6 1.78 16.02 -28.42
N ASP H 7 2.23 15.16 -27.52
CA ASP H 7 2.99 15.61 -26.38
C ASP H 7 4.20 16.29 -26.94
N VAL H 8 4.74 17.25 -26.22
CA VAL H 8 5.86 18.07 -26.69
C VAL H 8 7.03 17.18 -27.09
N ALA H 9 7.27 16.10 -26.34
CA ALA H 9 8.36 15.19 -26.70
C ALA H 9 8.15 14.65 -28.11
N MET H 10 6.96 14.10 -28.39
CA MET H 10 6.68 13.57 -29.72
C MET H 10 6.82 14.64 -30.78
N ALA H 11 6.22 15.81 -30.56
CA ALA H 11 6.27 16.87 -31.56
C ALA H 11 7.72 17.26 -31.85
N ALA H 12 8.46 17.66 -30.82
CA ALA H 12 9.84 18.06 -31.00
C ALA H 12 10.65 16.97 -31.70
N ASP H 13 10.49 15.73 -31.25
CA ASP H 13 11.26 14.63 -31.84
C ASP H 13 10.91 14.45 -33.32
N ASP H 14 9.63 14.59 -33.67
CA ASP H 14 9.22 14.41 -35.06
C ASP H 14 9.70 15.55 -35.94
N ILE H 15 9.67 16.78 -35.44
CA ILE H 15 10.17 17.90 -36.23
C ILE H 15 11.68 17.77 -36.42
N CYS H 16 12.40 17.31 -35.40
CA CYS H 16 13.83 17.06 -35.55
C CYS H 16 14.08 15.98 -36.60
N THR H 17 13.38 14.85 -36.49
CA THR H 17 13.57 13.77 -37.45
C THR H 17 13.26 14.22 -38.87
N ALA H 18 12.20 15.00 -39.05
CA ALA H 18 11.86 15.49 -40.38
C ALA H 18 12.93 16.44 -40.91
N ILE H 19 13.36 17.39 -40.08
CA ILE H 19 14.43 18.30 -40.50
C ILE H 19 15.64 17.50 -40.97
N THR H 20 16.05 16.50 -40.19
CA THR H 20 17.22 15.72 -40.57
C THR H 20 16.99 14.93 -41.85
N ASN H 21 15.75 14.54 -42.13
CA ASN H 21 15.44 13.81 -43.36
C ASN H 21 15.42 14.70 -44.59
N GLY H 22 15.63 16.01 -44.43
CA GLY H 22 15.72 16.90 -45.56
C GLY H 22 14.41 17.31 -46.18
N GLU H 23 13.33 17.29 -45.41
CA GLU H 23 12.00 17.68 -45.89
C GLU H 23 11.61 19.00 -45.26
N GLN H 24 11.19 19.96 -46.09
CA GLN H 24 10.78 21.26 -45.59
C GLN H 24 9.63 21.11 -44.60
N VAL H 25 9.62 21.99 -43.60
CA VAL H 25 8.66 21.90 -42.51
C VAL H 25 8.58 23.26 -41.82
N LYS H 26 7.41 23.54 -41.24
CA LYS H 26 7.21 24.77 -40.49
C LYS H 26 7.57 24.56 -39.03
N GLY H 27 8.13 25.59 -38.41
CA GLY H 27 8.49 25.54 -37.02
C GLY H 27 7.26 25.54 -36.12
N LEU H 28 7.52 25.45 -34.83
CA LEU H 28 6.48 25.45 -33.81
C LEU H 28 6.34 26.84 -33.20
N TYR H 29 5.12 27.16 -32.79
CA TYR H 29 4.82 28.37 -32.02
C TYR H 29 4.38 27.90 -30.63
N LEU H 30 5.35 27.56 -29.79
CA LEU H 30 5.07 27.11 -28.44
C LEU H 30 4.56 28.27 -27.60
N TYR H 31 3.29 28.20 -27.18
CA TYR H 31 2.74 29.25 -26.34
C TYR H 31 2.05 28.62 -25.13
N GLY H 32 2.05 29.38 -24.03
CA GLY H 32 1.51 28.95 -22.78
C GLY H 32 2.08 29.79 -21.65
N PRO H 33 1.62 29.55 -20.42
CA PRO H 33 2.07 30.38 -19.29
C PRO H 33 3.54 30.19 -19.00
N PHE H 34 4.05 31.08 -18.14
CA PHE H 34 5.43 30.98 -17.67
C PHE H 34 5.70 29.60 -17.07
N GLY H 35 6.92 29.12 -17.26
CA GLY H 35 7.39 27.94 -16.57
C GLY H 35 6.76 26.62 -17.01
N THR H 36 6.44 26.48 -18.29
CA THR H 36 5.89 25.23 -18.82
C THR H 36 6.90 24.45 -19.65
N GLY H 37 8.14 24.94 -19.77
CA GLY H 37 9.17 24.23 -20.49
C GLY H 37 9.30 24.56 -21.96
N LYS H 38 8.73 25.67 -22.42
CA LYS H 38 8.83 26.04 -23.83
C LYS H 38 10.29 26.25 -24.24
N SER H 39 11.00 27.12 -23.51
CA SER H 39 12.42 27.32 -23.79
C SER H 39 13.18 26.00 -23.74
N PHE H 40 12.86 25.15 -22.75
CA PHE H 40 13.54 23.85 -22.65
C PHE H 40 13.31 23.02 -23.90
N ILE H 41 12.10 23.03 -24.44
CA ILE H 41 11.83 22.26 -25.66
C ILE H 41 12.61 22.85 -26.82
N LEU H 42 12.59 24.17 -26.99
CA LEU H 42 13.37 24.79 -28.06
C LEU H 42 14.84 24.39 -27.99
N GLY H 43 15.40 24.43 -26.77
CA GLY H 43 16.77 23.99 -26.60
C GLY H 43 16.96 22.51 -26.91
N ALA H 44 15.94 21.70 -26.61
CA ALA H 44 16.03 20.27 -26.88
C ALA H 44 16.02 20.00 -28.39
N ILE H 45 15.29 20.82 -29.14
CA ILE H 45 15.31 20.71 -30.60
C ILE H 45 16.66 21.16 -31.14
N ALA H 46 17.19 22.27 -30.61
CA ALA H 46 18.49 22.76 -31.07
C ALA H 46 19.58 21.74 -30.81
N ASN H 47 19.58 21.13 -29.62
CA ASN H 47 20.63 20.18 -29.27
C ASN H 47 20.43 18.85 -29.98
N GLN H 48 19.17 18.43 -30.16
CA GLN H 48 18.89 17.22 -30.93
C GLN H 48 19.38 17.36 -32.36
N LEU H 49 19.07 18.50 -33.00
CA LEU H 49 19.55 18.75 -34.35
C LEU H 49 21.06 18.88 -34.39
N LYS H 50 21.65 19.48 -33.36
CA LYS H 50 23.10 19.65 -33.33
C LYS H 50 23.81 18.29 -33.24
N SER H 51 23.27 17.37 -32.43
CA SER H 51 23.88 16.05 -32.33
C SER H 51 23.99 15.39 -33.69
N LYS H 52 23.08 15.70 -34.60
CA LYS H 52 23.11 15.16 -35.95
C LYS H 52 23.68 16.16 -36.95
N LYS H 53 24.45 17.14 -36.48
CA LYS H 53 25.19 18.07 -37.33
C LYS H 53 24.27 18.92 -38.19
N VAL H 54 23.18 19.41 -37.58
CA VAL H 54 22.30 20.38 -38.20
C VAL H 54 22.32 21.63 -37.32
N ARG H 55 22.81 22.73 -37.87
CA ARG H 55 22.98 23.95 -37.10
C ARG H 55 21.67 24.72 -37.01
N SER H 56 21.55 25.50 -35.93
CA SER H 56 20.42 26.38 -35.71
C SER H 56 20.87 27.54 -34.84
N THR H 57 20.00 28.54 -34.72
CA THR H 57 20.31 29.74 -33.97
C THR H 57 19.12 30.11 -33.08
N ILE H 58 19.40 30.41 -31.81
CA ILE H 58 18.38 30.84 -30.86
C ILE H 58 18.73 32.25 -30.41
N ILE H 59 17.74 33.13 -30.39
CA ILE H 59 17.91 34.49 -29.92
C ILE H 59 16.84 34.79 -28.88
N TYR H 60 17.23 35.54 -27.84
CA TYR H 60 16.32 36.03 -26.82
C TYR H 60 16.06 37.50 -27.12
N LEU H 61 14.84 37.82 -27.59
CA LEU H 61 14.58 39.11 -28.21
C LEU H 61 15.02 40.29 -27.37
N PRO H 62 14.71 40.38 -26.08
CA PRO H 62 15.26 41.49 -25.28
C PRO H 62 16.76 41.65 -25.44
N GLU H 63 17.53 40.57 -25.25
CA GLU H 63 18.98 40.65 -25.39
C GLU H 63 19.37 40.99 -26.81
N PHE H 64 18.74 40.35 -27.80
CA PHE H 64 19.07 40.59 -29.20
C PHE H 64 18.91 42.07 -29.55
N ILE H 65 17.76 42.64 -29.21
CA ILE H 65 17.54 44.07 -29.44
C ILE H 65 18.58 44.89 -28.71
N ARG H 66 18.83 44.56 -27.44
CA ARG H 66 19.85 45.27 -26.68
C ARG H 66 21.19 45.26 -27.41
N THR H 67 21.46 44.22 -28.19
CA THR H 67 22.68 44.19 -28.99
C THR H 67 22.54 45.02 -30.26
N LEU H 68 21.34 45.04 -30.85
CA LEU H 68 21.15 45.74 -32.12
C LEU H 68 21.22 47.25 -31.95
N LYS H 69 20.80 47.78 -30.80
CA LYS H 69 20.81 49.23 -30.61
C LYS H 69 22.25 49.72 -30.48
N GLY H 70 23.05 49.51 -31.52
CA GLY H 70 24.41 50.00 -31.55
C GLY H 70 24.49 51.44 -32.04
N GLY H 71 24.17 51.71 -33.30
CA GLY H 71 23.77 50.70 -34.28
C GLY H 71 22.55 51.13 -35.07
N PHE H 72 21.51 51.58 -34.36
CA PHE H 72 20.30 52.04 -35.04
C PHE H 72 20.54 53.34 -35.78
N LYS H 73 21.28 54.27 -35.18
CA LYS H 73 21.55 55.56 -35.81
C LYS H 73 22.35 55.38 -37.10
N ASP H 74 23.59 54.95 -36.97
CA ASP H 74 24.45 54.76 -38.14
C ASP H 74 23.87 53.75 -39.14
N GLY H 75 23.00 52.86 -38.68
CA GLY H 75 22.46 51.83 -39.55
C GLY H 75 23.32 50.59 -39.66
N SER H 76 24.35 50.45 -38.81
CA SER H 76 25.24 49.30 -38.89
C SER H 76 24.64 48.05 -38.27
N PHE H 77 23.59 48.18 -37.45
CA PHE H 77 22.95 47.01 -36.88
C PHE H 77 22.53 46.02 -37.95
N GLU H 78 22.13 46.54 -39.13
CA GLU H 78 21.71 45.68 -40.23
C GLU H 78 22.72 44.56 -40.49
N LYS H 79 23.98 44.78 -40.12
CA LYS H 79 24.99 43.74 -40.25
C LYS H 79 24.52 42.48 -39.52
N LYS H 80 24.44 42.53 -38.19
CA LYS H 80 24.05 41.34 -37.44
C LYS H 80 22.64 40.89 -37.80
N LEU H 81 21.72 41.83 -37.92
CA LEU H 81 20.36 41.49 -38.31
C LEU H 81 20.33 40.75 -39.64
N HIS H 82 21.33 40.97 -40.49
CA HIS H 82 21.36 40.26 -41.77
C HIS H 82 21.90 38.84 -41.61
N ARG H 83 22.81 38.62 -40.66
CA ARG H 83 23.30 37.27 -40.40
C ARG H 83 22.22 36.41 -39.76
N VAL H 84 21.45 36.99 -38.84
CA VAL H 84 20.44 36.21 -38.11
C VAL H 84 19.30 35.82 -39.03
N ARG H 85 18.81 36.77 -39.84
CA ARG H 85 17.64 36.51 -40.68
C ARG H 85 17.89 35.38 -41.66
N GLU H 86 19.13 35.21 -42.11
CA GLU H 86 19.47 34.20 -43.10
C GLU H 86 19.96 32.90 -42.48
N ALA H 87 19.86 32.74 -41.15
CA ALA H 87 20.25 31.49 -40.51
C ALA H 87 19.38 30.35 -41.00
N ASN H 88 19.98 29.17 -41.14
CA ASN H 88 19.25 28.03 -41.66
C ASN H 88 18.01 27.74 -40.82
N ILE H 89 18.17 27.62 -39.51
CA ILE H 89 17.08 27.41 -38.58
C ILE H 89 17.17 28.49 -37.51
N LEU H 90 16.10 29.27 -37.35
CA LEU H 90 16.08 30.34 -36.35
C LEU H 90 14.99 30.05 -35.33
N MET H 91 15.26 30.40 -34.07
CA MET H 91 14.30 30.20 -32.98
C MET H 91 14.20 31.51 -32.19
N LEU H 92 12.99 32.06 -32.13
CA LEU H 92 12.73 33.30 -31.41
C LEU H 92 12.14 32.93 -30.05
N ASP H 93 12.98 33.03 -29.02
CA ASP H 93 12.60 32.59 -27.68
C ASP H 93 11.97 33.76 -26.93
N ASP H 94 10.74 33.56 -26.46
CA ASP H 94 10.07 34.52 -25.59
C ASP H 94 9.67 35.78 -26.34
N ILE H 95 9.24 35.62 -27.60
CA ILE H 95 8.74 36.77 -28.36
C ILE H 95 7.51 37.32 -27.66
N GLY H 96 7.37 38.64 -27.67
CA GLY H 96 6.36 39.32 -26.90
C GLY H 96 6.85 39.87 -25.57
N ALA H 97 8.03 39.42 -25.12
CA ALA H 97 8.65 39.98 -23.92
C ALA H 97 9.40 41.27 -24.22
N GLU H 98 9.82 41.48 -25.46
CA GLU H 98 10.53 42.68 -25.83
C GLU H 98 9.64 43.91 -25.69
N GLU H 99 10.27 45.08 -25.57
CA GLU H 99 9.57 46.35 -25.53
C GLU H 99 9.25 46.77 -26.95
N VAL H 100 7.96 46.83 -27.30
CA VAL H 100 7.55 47.13 -28.66
C VAL H 100 7.67 48.64 -28.87
N THR H 101 8.61 49.03 -29.71
CA THR H 101 8.73 50.39 -30.18
C THR H 101 8.54 50.41 -31.69
N PRO H 102 8.21 51.55 -32.28
CA PRO H 102 8.05 51.58 -33.75
C PRO H 102 9.26 51.05 -34.49
N TRP H 103 10.47 51.34 -33.98
CA TRP H 103 11.68 50.88 -34.65
C TRP H 103 11.87 49.38 -34.50
N VAL H 104 11.65 48.83 -33.30
CA VAL H 104 11.83 47.41 -33.10
C VAL H 104 10.82 46.62 -33.93
N ARG H 105 9.58 47.11 -34.03
CA ARG H 105 8.55 46.39 -34.76
C ARG H 105 8.73 46.51 -36.27
N ASP H 106 8.96 47.72 -36.76
CA ASP H 106 8.92 47.99 -38.19
C ASP H 106 10.28 47.87 -38.87
N GLU H 107 11.38 47.92 -38.12
CA GLU H 107 12.73 47.89 -38.68
C GLU H 107 13.52 46.65 -38.27
N VAL H 108 12.97 45.79 -37.41
CA VAL H 108 13.72 44.64 -36.91
C VAL H 108 12.86 43.37 -37.01
N ILE H 109 11.85 43.27 -36.15
CA ILE H 109 11.01 42.07 -36.15
C ILE H 109 10.30 41.91 -37.49
N GLY H 110 9.65 42.97 -37.96
CA GLY H 110 8.93 42.95 -39.21
C GLY H 110 9.79 42.46 -40.36
N PRO H 111 10.84 43.21 -40.69
CA PRO H 111 11.72 42.78 -41.79
C PRO H 111 12.31 41.39 -41.59
N LEU H 112 12.62 41.01 -40.34
CA LEU H 112 13.16 39.68 -40.07
C LEU H 112 12.18 38.59 -40.49
N LEU H 113 10.96 38.64 -39.96
CA LEU H 113 9.98 37.62 -40.30
C LEU H 113 9.57 37.69 -41.77
N HIS H 114 9.57 38.88 -42.36
CA HIS H 114 9.30 38.99 -43.78
C HIS H 114 10.35 38.25 -44.60
N TYR H 115 11.63 38.49 -44.29
CA TYR H 115 12.69 37.79 -45.01
C TYR H 115 12.57 36.28 -44.82
N ARG H 116 12.43 35.83 -43.59
CA ARG H 116 12.36 34.39 -43.36
C ARG H 116 11.15 33.76 -44.04
N MET H 117 10.04 34.50 -44.12
CA MET H 117 8.87 33.96 -44.80
C MET H 117 9.10 33.90 -46.32
N VAL H 118 9.71 34.93 -46.89
CA VAL H 118 9.92 34.96 -48.34
C VAL H 118 10.78 33.79 -48.78
N HIS H 119 11.83 33.48 -48.02
CA HIS H 119 12.75 32.42 -48.39
C HIS H 119 12.38 31.07 -47.79
N GLU H 120 11.25 30.97 -47.08
CA GLU H 120 10.77 29.71 -46.52
C GLU H 120 11.87 29.03 -45.69
N LEU H 121 12.23 29.70 -44.60
CA LEU H 121 13.28 29.21 -43.72
C LEU H 121 12.69 28.78 -42.38
N PRO H 122 13.09 27.63 -41.84
CA PRO H 122 12.53 27.16 -40.56
C PRO H 122 12.69 28.18 -39.44
N THR H 123 11.56 28.53 -38.82
CA THR H 123 11.51 29.54 -37.76
C THR H 123 10.61 29.03 -36.65
N PHE H 124 11.14 28.95 -35.43
CA PHE H 124 10.41 28.54 -34.26
C PHE H 124 10.13 29.75 -33.38
N PHE H 125 9.15 29.61 -32.49
CA PHE H 125 8.76 30.70 -31.60
C PHE H 125 8.39 30.12 -30.24
N SER H 126 8.65 30.90 -29.19
CA SER H 126 8.06 30.67 -27.89
C SER H 126 7.53 31.99 -27.34
N SER H 127 6.36 31.96 -26.73
CA SER H 127 5.73 33.18 -26.26
C SER H 127 4.67 32.83 -25.22
N ASN H 128 4.48 33.74 -24.26
CA ASN H 128 3.35 33.62 -23.36
C ASN H 128 2.04 34.05 -24.03
N PHE H 129 2.11 34.60 -25.23
CA PHE H 129 0.95 35.08 -25.95
C PHE H 129 0.54 34.09 -27.04
N ASP H 130 -0.76 33.94 -27.23
CA ASP H 130 -1.24 33.29 -28.44
C ASP H 130 -1.07 34.24 -29.63
N TYR H 131 -1.51 33.80 -30.80
CA TYR H 131 -1.36 34.61 -32.00
C TYR H 131 -1.98 36.00 -31.81
N SER H 132 -3.26 36.04 -31.44
CA SER H 132 -3.96 37.31 -31.33
C SER H 132 -3.34 38.20 -30.26
N GLU H 133 -3.04 37.62 -29.09
CA GLU H 133 -2.43 38.40 -28.02
C GLU H 133 -1.09 38.98 -28.46
N LEU H 134 -0.29 38.21 -29.21
CA LEU H 134 0.94 38.74 -29.76
C LEU H 134 0.67 39.85 -30.76
N GLU H 135 -0.43 39.74 -31.52
CA GLU H 135 -0.79 40.78 -32.49
C GLU H 135 -1.10 42.09 -31.78
N HIS H 136 -2.04 42.07 -30.83
CA HIS H 136 -2.34 43.26 -30.05
C HIS H 136 -1.08 43.80 -29.38
N HIS H 137 -0.24 42.90 -28.87
CA HIS H 137 1.03 43.32 -28.28
C HIS H 137 1.84 44.15 -29.27
N LEU H 138 1.95 43.68 -30.51
CA LEU H 138 2.71 44.39 -31.53
C LEU H 138 2.02 45.67 -31.99
N ALA H 139 0.69 45.75 -31.85
CA ALA H 139 -0.03 46.91 -32.39
C ALA H 139 0.15 48.15 -31.54
N MET H 140 0.42 47.99 -30.25
CA MET H 140 0.45 49.09 -29.31
C MET H 140 1.87 49.60 -29.15
N THR H 141 2.07 50.90 -29.41
CA THR H 141 3.33 51.56 -29.13
C THR H 141 3.04 52.96 -28.61
N ARG H 142 4.11 53.68 -28.28
CA ARG H 142 3.96 55.06 -27.84
C ARG H 142 3.35 55.94 -28.93
N ASP H 143 3.53 55.56 -30.19
CA ASP H 143 2.93 56.30 -31.30
C ASP H 143 1.44 56.00 -31.46
N GLY H 144 0.89 55.12 -30.64
CA GLY H 144 -0.50 54.74 -30.71
C GLY H 144 -0.69 53.31 -31.17
N GLU H 145 -1.91 53.01 -31.60
CA GLU H 145 -2.28 51.69 -32.08
C GLU H 145 -2.22 51.67 -33.60
N GLU H 146 -1.50 50.68 -34.15
CA GLU H 146 -1.37 50.49 -35.59
C GLU H 146 -1.71 49.03 -35.88
N LYS H 147 -3.01 48.75 -36.02
CA LYS H 147 -3.47 47.37 -36.15
C LYS H 147 -2.99 46.74 -37.44
N THR H 148 -2.95 47.51 -38.54
CA THR H 148 -2.60 46.92 -39.84
C THR H 148 -1.20 46.31 -39.81
N LYS H 149 -0.24 47.05 -39.27
CA LYS H 149 1.13 46.55 -39.19
C LYS H 149 1.19 45.26 -38.37
N ALA H 150 0.62 45.29 -37.16
CA ALA H 150 0.61 44.10 -36.32
C ALA H 150 -0.05 42.92 -37.02
N ALA H 151 -1.09 43.18 -37.81
CA ALA H 151 -1.77 42.11 -38.54
C ALA H 151 -0.85 41.52 -39.59
N ARG H 152 -0.12 42.37 -40.32
CA ARG H 152 0.86 41.88 -41.29
C ARG H 152 1.89 40.99 -40.60
N ILE H 153 2.51 41.49 -39.53
CA ILE H 153 3.57 40.73 -38.86
C ILE H 153 3.03 39.42 -38.32
N ILE H 154 1.85 39.44 -37.71
CA ILE H 154 1.31 38.21 -37.13
C ILE H 154 0.91 37.23 -38.22
N GLU H 155 0.53 37.73 -39.41
CA GLU H 155 0.28 36.81 -40.52
C GLU H 155 1.57 36.16 -40.98
N ARG H 156 2.68 36.90 -40.93
CA ARG H 156 3.98 36.29 -41.19
C ARG H 156 4.29 35.20 -40.16
N VAL H 157 4.07 35.50 -38.88
CA VAL H 157 4.28 34.52 -37.82
C VAL H 157 3.47 33.26 -38.09
N LYS H 158 2.17 33.42 -38.35
CA LYS H 158 1.30 32.28 -38.60
C LYS H 158 1.80 31.47 -39.79
N SER H 159 2.16 32.15 -40.88
CA SER H 159 2.66 31.43 -42.04
C SER H 159 3.93 30.64 -41.71
N LEU H 160 4.73 31.13 -40.76
CA LEU H 160 6.02 30.51 -40.48
C LEU H 160 5.96 29.38 -39.46
N SER H 161 4.83 29.18 -38.78
CA SER H 161 4.80 28.30 -37.62
C SER H 161 3.53 27.46 -37.59
N THR H 162 3.53 26.47 -36.70
CA THR H 162 2.35 25.69 -36.36
C THR H 162 2.04 25.95 -34.89
N PRO H 163 0.84 26.39 -34.54
CA PRO H 163 0.57 26.69 -33.13
C PRO H 163 0.56 25.41 -32.28
N TYR H 164 1.13 25.52 -31.08
CA TYR H 164 1.19 24.38 -30.16
C TYR H 164 1.08 24.92 -28.74
N PHE H 165 -0.05 24.65 -28.08
CA PHE H 165 -0.26 25.12 -26.72
C PHE H 165 0.37 24.14 -25.72
N LEU H 166 1.22 24.66 -24.85
CA LEU H 166 1.92 23.85 -23.86
C LEU H 166 1.59 24.37 -22.46
N SER H 167 1.06 23.48 -21.64
CA SER H 167 0.73 23.80 -20.25
C SER H 167 0.50 22.49 -19.51
N GLY H 168 0.09 22.59 -18.25
CA GLY H 168 -0.18 21.42 -17.45
C GLY H 168 -1.33 21.60 -16.47
N GLU H 169 -2.10 22.67 -16.66
CA GLU H 169 -3.22 22.95 -15.77
C GLU H 169 -4.08 24.10 -16.31
N LEU I 6 -37.24 27.15 17.08
CA LEU I 6 -36.07 27.69 16.40
C LEU I 6 -36.48 28.28 15.06
N ASP I 7 -36.21 29.56 14.87
CA ASP I 7 -36.55 30.27 13.64
C ASP I 7 -35.32 30.39 12.74
N VAL I 8 -35.58 30.56 11.45
CA VAL I 8 -34.49 30.64 10.46
C VAL I 8 -33.48 31.69 10.87
N ALA I 9 -33.94 32.86 11.32
CA ALA I 9 -33.04 33.95 11.64
C ALA I 9 -31.97 33.51 12.64
N MET I 10 -32.38 32.84 13.72
CA MET I 10 -31.42 32.39 14.72
C MET I 10 -30.52 31.29 14.17
N ALA I 11 -31.02 30.48 13.23
CA ALA I 11 -30.18 29.46 12.60
C ALA I 11 -29.06 30.11 11.80
N ALA I 12 -29.41 31.06 10.93
CA ALA I 12 -28.41 31.76 10.15
C ALA I 12 -27.44 32.52 11.05
N ASP I 13 -27.95 33.14 12.12
CA ASP I 13 -27.07 33.87 13.02
C ASP I 13 -26.11 32.93 13.74
N ASP I 14 -26.59 31.75 14.14
CA ASP I 14 -25.73 30.81 14.84
C ASP I 14 -24.69 30.19 13.92
N ILE I 15 -25.09 29.88 12.68
CA ILE I 15 -24.11 29.33 11.75
C ILE I 15 -23.09 30.39 11.34
N CYS I 16 -23.53 31.66 11.25
CA CYS I 16 -22.60 32.74 10.97
C CYS I 16 -21.59 32.90 12.12
N THR I 17 -22.10 33.00 13.34
CA THR I 17 -21.20 33.14 14.50
C THR I 17 -20.26 31.94 14.59
N ALA I 18 -20.74 30.75 14.27
CA ALA I 18 -19.89 29.56 14.32
C ALA I 18 -18.81 29.60 13.26
N ILE I 19 -19.16 30.00 12.04
CA ILE I 19 -18.16 30.09 10.97
C ILE I 19 -17.12 31.14 11.30
N THR I 20 -17.56 32.34 11.68
CA THR I 20 -16.63 33.43 11.97
C THR I 20 -15.73 33.10 13.17
N ASN I 21 -16.11 32.13 14.00
CA ASN I 21 -15.26 31.71 15.12
C ASN I 21 -14.29 30.60 14.72
N GLY I 22 -14.40 30.07 13.51
CA GLY I 22 -13.45 29.08 13.01
C GLY I 22 -13.87 27.64 13.13
N GLU I 23 -15.17 27.36 13.24
CA GLU I 23 -15.65 25.99 13.36
C GLU I 23 -15.91 25.40 11.99
N GLN I 24 -15.45 24.16 11.80
CA GLN I 24 -15.78 23.40 10.59
C GLN I 24 -17.22 22.91 10.74
N VAL I 25 -18.15 23.56 10.03
CA VAL I 25 -19.57 23.27 10.16
C VAL I 25 -20.12 22.89 8.80
N LYS I 26 -21.21 22.13 8.83
CA LYS I 26 -21.97 21.85 7.61
C LYS I 26 -22.91 23.00 7.31
N GLY I 27 -23.06 23.31 6.03
CA GLY I 27 -24.00 24.33 5.61
C GLY I 27 -25.43 23.92 5.90
N LEU I 28 -26.35 24.77 5.47
CA LEU I 28 -27.78 24.55 5.64
C LEU I 28 -28.40 24.13 4.31
N TYR I 29 -29.38 23.24 4.38
CA TYR I 29 -30.14 22.80 3.22
C TYR I 29 -31.58 23.28 3.43
N LEU I 30 -31.80 24.57 3.23
CA LEU I 30 -33.13 25.15 3.37
C LEU I 30 -34.04 24.60 2.29
N TYR I 31 -35.12 23.93 2.70
CA TYR I 31 -36.07 23.37 1.75
C TYR I 31 -37.48 23.60 2.26
N GLY I 32 -38.41 23.72 1.32
CA GLY I 32 -39.80 24.00 1.63
C GLY I 32 -40.51 24.64 0.46
N PRO I 33 -41.76 25.06 0.68
CA PRO I 33 -42.52 25.69 -0.41
C PRO I 33 -41.91 27.02 -0.84
N PHE I 34 -42.22 27.41 -2.07
CA PHE I 34 -41.73 28.66 -2.60
C PHE I 34 -42.32 29.84 -1.83
N GLY I 35 -41.61 30.96 -1.88
CA GLY I 35 -42.07 32.19 -1.27
C GLY I 35 -41.99 32.15 0.25
N THR I 36 -40.85 31.71 0.78
CA THR I 36 -40.61 31.70 2.21
C THR I 36 -39.29 32.36 2.60
N GLY I 37 -38.52 32.87 1.63
CA GLY I 37 -37.34 33.63 1.93
C GLY I 37 -36.04 32.85 1.96
N LYS I 38 -36.03 31.63 1.41
CA LYS I 38 -34.81 30.83 1.42
C LYS I 38 -33.66 31.58 0.76
N SER I 39 -33.89 32.09 -0.45
CA SER I 39 -32.86 32.89 -1.11
C SER I 39 -32.44 34.07 -0.23
N PHE I 40 -33.42 34.71 0.43
CA PHE I 40 -33.10 35.86 1.26
C PHE I 40 -32.23 35.46 2.45
N ILE I 41 -32.47 34.27 3.01
CA ILE I 41 -31.63 33.80 4.12
C ILE I 41 -30.24 33.47 3.62
N LEU I 42 -30.12 32.90 2.42
CA LEU I 42 -28.80 32.63 1.86
C LEU I 42 -28.02 33.92 1.66
N GLY I 43 -28.62 34.89 0.97
CA GLY I 43 -27.97 36.18 0.82
C GLY I 43 -27.68 36.87 2.14
N ALA I 44 -28.52 36.62 3.15
CA ALA I 44 -28.28 37.20 4.47
C ALA I 44 -27.09 36.56 5.16
N ILE I 45 -26.87 35.27 4.95
CA ILE I 45 -25.68 34.60 5.49
C ILE I 45 -24.44 35.06 4.74
N ALA I 46 -24.55 35.23 3.42
CA ALA I 46 -23.41 35.71 2.64
C ALA I 46 -23.02 37.13 3.04
N ASN I 47 -24.01 38.00 3.22
CA ASN I 47 -23.70 39.39 3.58
C ASN I 47 -23.28 39.51 5.04
N GLN I 48 -23.87 38.69 5.92
CA GLN I 48 -23.45 38.70 7.32
C GLN I 48 -22.02 38.21 7.46
N LEU I 49 -21.66 37.14 6.74
CA LEU I 49 -20.27 36.69 6.74
C LEU I 49 -19.36 37.72 6.10
N LYS I 50 -19.84 38.40 5.06
CA LYS I 50 -19.03 39.42 4.39
C LYS I 50 -18.76 40.62 5.30
N SER I 51 -19.71 40.96 6.17
CA SER I 51 -19.54 42.11 7.05
C SER I 51 -18.26 41.98 7.87
N LYS I 52 -17.94 40.76 8.32
CA LYS I 52 -16.69 40.49 9.02
C LYS I 52 -15.62 39.94 8.09
N LYS I 53 -15.68 40.31 6.81
CA LYS I 53 -14.62 40.00 5.85
C LYS I 53 -14.41 38.50 5.70
N VAL I 54 -15.51 37.76 5.57
CA VAL I 54 -15.48 36.34 5.25
C VAL I 54 -16.17 36.18 3.90
N ARG I 55 -15.39 35.84 2.87
CA ARG I 55 -15.93 35.81 1.52
C ARG I 55 -16.82 34.60 1.30
N SER I 56 -17.65 34.69 0.27
CA SER I 56 -18.58 33.62 -0.09
C SER I 56 -19.00 33.83 -1.54
N THR I 57 -19.70 32.83 -2.08
CA THR I 57 -20.13 32.86 -3.47
C THR I 57 -21.50 32.21 -3.59
N ILE I 58 -22.44 32.93 -4.19
CA ILE I 58 -23.79 32.44 -4.44
C ILE I 58 -23.96 32.28 -5.95
N ILE I 59 -24.51 31.14 -6.36
CA ILE I 59 -24.78 30.89 -7.78
C ILE I 59 -26.18 30.31 -7.92
N TYR I 60 -26.81 30.62 -9.05
CA TYR I 60 -28.11 30.09 -9.41
C TYR I 60 -27.90 29.10 -10.54
N LEU I 61 -28.05 27.81 -10.23
CA LEU I 61 -27.60 26.75 -11.13
C LEU I 61 -28.09 26.92 -12.57
N PRO I 62 -29.33 27.31 -12.84
CA PRO I 62 -29.72 27.52 -14.24
C PRO I 62 -28.89 28.58 -14.95
N GLU I 63 -28.70 29.74 -14.32
CA GLU I 63 -27.87 30.78 -14.91
C GLU I 63 -26.42 30.33 -15.01
N PHE I 64 -25.90 29.68 -13.96
CA PHE I 64 -24.54 29.16 -13.99
C PHE I 64 -24.33 28.24 -15.18
N ILE I 65 -25.27 27.32 -15.41
CA ILE I 65 -25.17 26.41 -16.55
C ILE I 65 -25.25 27.19 -17.86
N ARG I 66 -26.23 28.09 -17.97
CA ARG I 66 -26.31 28.92 -19.17
C ARG I 66 -24.98 29.60 -19.47
N THR I 67 -24.22 29.93 -18.42
CA THR I 67 -22.92 30.53 -18.63
C THR I 67 -21.90 29.49 -19.06
N LEU I 68 -21.98 28.27 -18.51
CA LEU I 68 -20.95 27.28 -18.78
C LEU I 68 -21.09 26.68 -20.17
N LYS I 69 -22.33 26.46 -20.63
CA LYS I 69 -22.54 25.75 -21.89
C LYS I 69 -21.77 26.34 -23.06
N GLY I 70 -21.23 27.56 -22.95
CA GLY I 70 -20.43 28.12 -24.02
C GLY I 70 -19.13 27.37 -24.28
N GLY I 71 -18.77 26.41 -23.45
CA GLY I 71 -17.53 25.67 -23.62
C GLY I 71 -17.56 24.27 -23.07
N PHE I 72 -18.69 23.57 -23.22
CA PHE I 72 -18.77 22.19 -22.77
C PHE I 72 -18.00 21.25 -23.69
N LYS I 73 -17.91 21.58 -24.98
CA LYS I 73 -17.26 20.67 -25.92
C LYS I 73 -15.74 20.81 -25.88
N ASP I 74 -15.23 22.04 -25.91
CA ASP I 74 -13.79 22.24 -25.87
C ASP I 74 -13.21 22.04 -24.47
N GLY I 75 -14.04 22.04 -23.44
CA GLY I 75 -13.58 21.87 -22.07
C GLY I 75 -13.17 23.14 -21.36
N SER I 76 -13.32 24.30 -22.01
CA SER I 76 -12.90 25.56 -21.38
C SER I 76 -13.75 25.89 -20.16
N PHE I 77 -15.02 25.47 -20.15
CA PHE I 77 -15.89 25.76 -19.02
C PHE I 77 -15.24 25.37 -17.69
N GLU I 78 -14.40 24.32 -17.70
CA GLU I 78 -13.75 23.88 -16.48
C GLU I 78 -13.15 25.05 -15.71
N LYS I 79 -12.54 26.00 -16.42
CA LYS I 79 -11.99 27.18 -15.77
C LYS I 79 -12.99 27.74 -14.78
N LYS I 80 -14.12 28.24 -15.29
CA LYS I 80 -15.15 28.79 -14.41
C LYS I 80 -15.51 27.79 -13.32
N LEU I 81 -15.70 26.52 -13.70
CA LEU I 81 -16.05 25.51 -12.70
C LEU I 81 -14.96 25.39 -11.65
N HIS I 82 -13.71 25.28 -12.08
CA HIS I 82 -12.62 25.20 -11.12
C HIS I 82 -12.57 26.44 -10.22
N ARG I 83 -13.10 27.56 -10.69
CA ARG I 83 -13.14 28.76 -9.86
C ARG I 83 -14.21 28.63 -8.78
N VAL I 84 -15.36 28.03 -9.11
CA VAL I 84 -16.47 28.01 -8.19
C VAL I 84 -16.26 26.95 -7.10
N ARG I 85 -15.72 25.80 -7.48
CA ARG I 85 -15.62 24.70 -6.53
C ARG I 85 -14.67 25.00 -5.38
N GLU I 86 -13.62 25.78 -5.64
CA GLU I 86 -12.68 26.14 -4.60
C GLU I 86 -13.06 27.42 -3.86
N ALA I 87 -14.32 27.86 -4.00
CA ALA I 87 -14.79 29.02 -3.25
C ALA I 87 -14.85 28.69 -1.76
N ASN I 88 -14.39 29.62 -0.94
CA ASN I 88 -14.35 29.39 0.50
C ASN I 88 -15.72 28.98 1.03
N ILE I 89 -16.75 29.73 0.67
CA ILE I 89 -18.13 29.43 1.05
C ILE I 89 -18.96 29.49 -0.21
N LEU I 90 -19.52 28.35 -0.61
CA LEU I 90 -20.39 28.27 -1.77
C LEU I 90 -21.83 28.06 -1.34
N MET I 91 -22.75 28.63 -2.12
CA MET I 91 -24.18 28.54 -1.82
C MET I 91 -24.94 28.31 -3.12
N LEU I 92 -25.60 27.17 -3.21
CA LEU I 92 -26.39 26.83 -4.40
C LEU I 92 -27.82 27.26 -4.16
N ASP I 93 -28.25 28.31 -4.87
CA ASP I 93 -29.56 28.88 -4.71
C ASP I 93 -30.56 28.14 -5.60
N ASP I 94 -31.57 27.54 -4.98
CA ASP I 94 -32.67 26.90 -5.72
C ASP I 94 -32.17 25.70 -6.52
N ILE I 95 -31.39 24.84 -5.89
CA ILE I 95 -30.93 23.64 -6.56
C ILE I 95 -32.15 22.75 -6.85
N GLY I 96 -32.10 22.04 -7.96
CA GLY I 96 -33.21 21.27 -8.45
C GLY I 96 -34.03 21.95 -9.52
N ALA I 97 -33.86 23.27 -9.69
CA ALA I 97 -34.58 24.00 -10.72
C ALA I 97 -33.98 23.79 -12.10
N GLU I 98 -32.70 23.46 -12.18
CA GLU I 98 -32.05 23.24 -13.46
C GLU I 98 -32.58 21.98 -14.11
N GLU I 99 -32.43 21.90 -15.43
CA GLU I 99 -32.81 20.73 -16.20
C GLU I 99 -31.64 19.76 -16.20
N VAL I 100 -31.88 18.53 -15.72
CA VAL I 100 -30.82 17.55 -15.53
C VAL I 100 -30.50 16.93 -16.88
N THR I 101 -29.29 17.19 -17.37
CA THR I 101 -28.68 16.51 -18.50
C THR I 101 -27.56 15.61 -18.01
N PRO I 102 -27.32 14.46 -18.64
CA PRO I 102 -26.18 13.64 -18.21
C PRO I 102 -24.90 14.45 -18.07
N TRP I 103 -24.69 15.43 -18.95
CA TRP I 103 -23.49 16.25 -18.86
C TRP I 103 -23.55 17.19 -17.67
N VAL I 104 -24.70 17.78 -17.39
CA VAL I 104 -24.82 18.68 -16.24
C VAL I 104 -24.58 17.90 -14.95
N ARG I 105 -25.26 16.77 -14.79
CA ARG I 105 -25.13 15.99 -13.56
C ARG I 105 -23.71 15.45 -13.40
N ASP I 106 -23.18 14.82 -14.45
CA ASP I 106 -21.95 14.04 -14.33
C ASP I 106 -20.68 14.85 -14.58
N GLU I 107 -20.79 16.03 -15.18
CA GLU I 107 -19.62 16.85 -15.48
C GLU I 107 -19.65 18.23 -14.82
N VAL I 108 -20.73 18.59 -14.15
CA VAL I 108 -20.80 19.88 -13.46
C VAL I 108 -21.18 19.66 -12.00
N ILE I 109 -22.41 19.25 -11.75
CA ILE I 109 -22.92 19.17 -10.37
C ILE I 109 -22.09 18.17 -9.57
N GLY I 110 -22.02 16.94 -10.05
CA GLY I 110 -21.29 15.89 -9.37
C GLY I 110 -19.90 16.32 -8.98
N PRO I 111 -19.05 16.61 -9.97
CA PRO I 111 -17.67 17.00 -9.66
C PRO I 111 -17.58 18.15 -8.67
N LEU I 112 -18.50 19.12 -8.77
CA LEU I 112 -18.49 20.25 -7.87
C LEU I 112 -18.71 19.79 -6.43
N LEU I 113 -19.82 19.07 -6.19
CA LEU I 113 -20.12 18.63 -4.83
C LEU I 113 -19.06 17.69 -4.30
N HIS I 114 -18.50 16.82 -5.16
CA HIS I 114 -17.45 15.93 -4.71
C HIS I 114 -16.23 16.71 -4.26
N TYR I 115 -15.82 17.70 -5.06
CA TYR I 115 -14.67 18.52 -4.69
C TYR I 115 -14.90 19.23 -3.37
N ARG I 116 -16.11 19.78 -3.18
CA ARG I 116 -16.39 20.47 -1.93
C ARG I 116 -16.52 19.51 -0.75
N MET I 117 -16.79 18.24 -1.00
CA MET I 117 -16.92 17.27 0.09
C MET I 117 -15.55 16.75 0.53
N VAL I 118 -14.74 16.29 -0.42
CA VAL I 118 -13.45 15.70 -0.06
C VAL I 118 -12.55 16.71 0.64
N HIS I 119 -12.68 17.99 0.30
CA HIS I 119 -11.88 19.04 0.90
C HIS I 119 -12.59 19.74 2.05
N GLU I 120 -13.81 19.33 2.38
CA GLU I 120 -14.54 19.86 3.54
C GLU I 120 -14.66 21.38 3.46
N LEU I 121 -15.30 21.84 2.40
CA LEU I 121 -15.58 23.26 2.21
C LEU I 121 -17.05 23.53 2.46
N PRO I 122 -17.40 24.50 3.30
CA PRO I 122 -18.82 24.75 3.61
C PRO I 122 -19.64 24.96 2.34
N THR I 123 -20.83 24.38 2.32
CA THR I 123 -21.73 24.48 1.18
C THR I 123 -23.16 24.59 1.69
N PHE I 124 -23.85 25.65 1.27
CA PHE I 124 -25.26 25.85 1.60
C PHE I 124 -26.12 25.53 0.40
N PHE I 125 -27.41 25.27 0.66
CA PHE I 125 -28.37 24.94 -0.38
C PHE I 125 -29.72 25.56 -0.07
N SER I 126 -30.45 25.89 -1.13
CA SER I 126 -31.88 26.18 -1.06
C SER I 126 -32.57 25.40 -2.16
N SER I 127 -33.77 24.89 -1.88
CA SER I 127 -34.44 24.04 -2.85
C SER I 127 -35.90 23.88 -2.45
N ASN I 128 -36.72 23.59 -3.45
CA ASN I 128 -38.10 23.16 -3.20
C ASN I 128 -38.19 21.66 -2.94
N PHE I 129 -37.17 20.90 -3.36
CA PHE I 129 -37.12 19.45 -3.13
C PHE I 129 -36.50 19.16 -1.78
N ASP I 130 -36.95 18.07 -1.16
CA ASP I 130 -36.24 17.47 -0.03
C ASP I 130 -35.08 16.64 -0.60
N TYR I 131 -34.36 15.92 0.27
CA TYR I 131 -33.25 15.12 -0.20
C TYR I 131 -33.71 14.08 -1.22
N SER I 132 -34.72 13.29 -0.86
CA SER I 132 -35.18 12.23 -1.76
C SER I 132 -35.69 12.81 -3.08
N GLU I 133 -36.54 13.83 -3.00
CA GLU I 133 -37.05 14.47 -4.21
C GLU I 133 -35.91 14.96 -5.09
N LEU I 134 -34.87 15.55 -4.48
CA LEU I 134 -33.73 16.00 -5.27
C LEU I 134 -33.01 14.82 -5.92
N GLU I 135 -32.86 13.71 -5.19
CA GLU I 135 -32.22 12.52 -5.76
C GLU I 135 -32.98 12.05 -6.99
N HIS I 136 -34.29 11.83 -6.84
CA HIS I 136 -35.11 11.43 -7.98
C HIS I 136 -34.98 12.42 -9.14
N HIS I 137 -34.95 13.72 -8.82
CA HIS I 137 -34.76 14.74 -9.84
C HIS I 137 -33.46 14.52 -10.60
N LEU I 138 -32.39 14.17 -9.90
CA LEU I 138 -31.09 13.95 -10.52
C LEU I 138 -31.00 12.62 -11.27
N ALA I 139 -31.84 11.65 -10.93
CA ALA I 139 -31.78 10.35 -11.59
C ALA I 139 -32.44 10.36 -12.97
N MET I 140 -33.34 11.29 -13.24
CA MET I 140 -34.13 11.29 -14.46
C MET I 140 -33.42 12.05 -15.57
N THR I 141 -33.13 11.37 -16.67
CA THR I 141 -32.55 11.99 -17.85
C THR I 141 -33.05 11.23 -19.07
N ARG I 142 -32.80 11.81 -20.25
CA ARG I 142 -33.21 11.15 -21.49
C ARG I 142 -32.52 9.80 -21.67
N ASP I 143 -31.48 9.51 -20.90
CA ASP I 143 -30.88 8.18 -20.87
C ASP I 143 -31.56 7.24 -19.88
N GLY I 144 -32.61 7.70 -19.21
CA GLY I 144 -33.34 6.88 -18.26
C GLY I 144 -32.88 7.10 -16.82
N GLU I 145 -33.37 6.23 -15.95
CA GLU I 145 -32.98 6.27 -14.55
C GLU I 145 -31.52 5.86 -14.40
N GLU I 146 -30.78 6.64 -13.61
CA GLU I 146 -29.41 6.29 -13.21
C GLU I 146 -29.36 6.54 -11.71
N LYS I 147 -29.83 5.55 -10.95
CA LYS I 147 -30.08 5.74 -9.52
C LYS I 147 -28.79 5.77 -8.71
N THR I 148 -27.74 5.07 -9.14
CA THR I 148 -26.51 5.05 -8.36
C THR I 148 -25.80 6.39 -8.42
N LYS I 149 -25.78 7.03 -9.60
CA LYS I 149 -25.20 8.36 -9.71
C LYS I 149 -25.95 9.35 -8.83
N ALA I 150 -27.27 9.40 -8.97
CA ALA I 150 -28.07 10.30 -8.14
C ALA I 150 -27.86 10.00 -6.66
N ALA I 151 -27.69 8.73 -6.31
CA ALA I 151 -27.48 8.37 -4.91
C ALA I 151 -26.16 8.91 -4.40
N ARG I 152 -25.08 8.73 -5.18
CA ARG I 152 -23.79 9.29 -4.78
C ARG I 152 -23.87 10.80 -4.61
N ILE I 153 -24.48 11.48 -5.59
CA ILE I 153 -24.55 12.94 -5.52
C ILE I 153 -25.34 13.39 -4.30
N ILE I 154 -26.51 12.78 -4.07
CA ILE I 154 -27.34 13.22 -2.96
C ILE I 154 -26.67 12.89 -1.63
N GLU I 155 -25.85 11.84 -1.58
CA GLU I 155 -25.09 11.56 -0.37
C GLU I 155 -23.98 12.58 -0.16
N ARG I 156 -23.40 13.09 -1.25
CA ARG I 156 -22.50 14.24 -1.12
C ARG I 156 -23.23 15.44 -0.54
N VAL I 157 -24.44 15.72 -1.03
CA VAL I 157 -25.22 16.83 -0.49
C VAL I 157 -25.47 16.62 1.00
N LYS I 158 -25.96 15.44 1.37
CA LYS I 158 -26.28 15.18 2.77
C LYS I 158 -25.05 15.22 3.66
N SER I 159 -23.88 14.90 3.11
CA SER I 159 -22.65 15.04 3.87
C SER I 159 -22.19 16.49 3.96
N LEU I 160 -22.64 17.35 3.05
CA LEU I 160 -22.22 18.75 3.01
C LEU I 160 -23.16 19.70 3.74
N SER I 161 -24.35 19.25 4.14
CA SER I 161 -25.37 20.16 4.63
C SER I 161 -26.14 19.54 5.78
N THR I 162 -26.86 20.41 6.50
CA THR I 162 -27.80 20.01 7.53
C THR I 162 -29.21 20.42 7.10
N PRO I 163 -30.17 19.51 7.05
CA PRO I 163 -31.50 19.87 6.55
C PRO I 163 -32.22 20.84 7.47
N TYR I 164 -33.02 21.71 6.87
CA TYR I 164 -33.84 22.66 7.62
C TYR I 164 -35.10 22.93 6.81
N PHE I 165 -36.25 22.60 7.38
CA PHE I 165 -37.54 22.79 6.72
C PHE I 165 -38.09 24.16 7.07
N LEU I 166 -38.23 25.01 6.06
CA LEU I 166 -38.75 26.37 6.24
C LEU I 166 -40.10 26.45 5.54
N SER I 167 -41.17 26.37 6.33
CA SER I 167 -42.53 26.51 5.81
C SER I 167 -43.02 27.95 5.83
N GLY I 168 -42.53 28.77 6.75
CA GLY I 168 -42.88 30.17 6.80
C GLY I 168 -44.36 30.42 6.98
N GLU I 169 -44.95 29.80 8.01
CA GLU I 169 -46.36 29.98 8.33
C GLU I 169 -46.54 30.59 9.71
N ASN I 170 -45.66 31.52 10.08
CA ASN I 170 -45.75 32.22 11.36
C ASN I 170 -46.22 33.67 11.14
N LEU J 6 27.08 -25.24 26.28
CA LEU J 6 25.97 -26.07 26.71
C LEU J 6 26.13 -27.51 26.25
N ASP J 7 27.37 -27.94 26.06
CA ASP J 7 27.63 -29.32 25.68
C ASP J 7 26.97 -29.72 24.37
N VAL J 8 27.81 -29.92 23.36
CA VAL J 8 27.35 -30.27 22.02
C VAL J 8 26.46 -31.52 22.05
N ALA J 9 26.91 -32.58 22.71
CA ALA J 9 26.17 -33.83 22.68
C ALA J 9 24.77 -33.65 23.27
N MET J 10 24.67 -32.87 24.34
CA MET J 10 23.37 -32.63 24.95
C MET J 10 22.47 -31.80 24.03
N ALA J 11 23.04 -30.83 23.33
CA ALA J 11 22.24 -30.04 22.39
C ALA J 11 21.76 -30.91 21.23
N ALA J 12 22.58 -31.87 20.80
CA ALA J 12 22.19 -32.76 19.72
C ALA J 12 21.06 -33.69 20.17
N ASP J 13 21.23 -34.35 21.32
CA ASP J 13 20.17 -35.22 21.82
C ASP J 13 18.89 -34.42 22.07
N ASP J 14 19.00 -33.30 22.77
CA ASP J 14 17.85 -32.44 23.03
C ASP J 14 17.11 -32.09 21.74
N ILE J 15 17.84 -31.55 20.76
CA ILE J 15 17.19 -31.11 19.53
C ILE J 15 16.59 -32.30 18.79
N CYS J 16 17.17 -33.49 18.93
CA CYS J 16 16.56 -34.69 18.38
C CYS J 16 15.21 -34.96 19.03
N THR J 17 15.18 -34.94 20.37
CA THR J 17 13.92 -35.14 21.08
C THR J 17 12.89 -34.11 20.65
N ALA J 18 13.32 -32.86 20.43
CA ALA J 18 12.40 -31.82 20.00
C ALA J 18 11.83 -32.12 18.61
N ILE J 19 12.69 -32.46 17.66
CA ILE J 19 12.23 -32.75 16.31
C ILE J 19 11.27 -33.93 16.32
N THR J 20 11.63 -35.01 17.00
CA THR J 20 10.77 -36.20 17.01
C THR J 20 9.40 -35.90 17.58
N ASN J 21 9.30 -34.89 18.45
CA ASN J 21 8.01 -34.50 19.04
C ASN J 21 7.31 -33.41 18.24
N GLY J 22 7.82 -33.07 17.07
CA GLY J 22 7.15 -32.09 16.22
C GLY J 22 7.26 -30.66 16.69
N GLU J 23 8.41 -30.27 17.20
CA GLU J 23 8.64 -28.90 17.66
C GLU J 23 9.47 -28.13 16.64
N GLN J 24 9.16 -26.85 16.47
CA GLN J 24 9.96 -25.98 15.64
C GLN J 24 11.29 -25.68 16.33
N VAL J 25 12.39 -25.93 15.63
CA VAL J 25 13.73 -25.82 16.22
C VAL J 25 14.66 -25.12 15.23
N LYS J 26 15.73 -24.56 15.78
CA LYS J 26 16.84 -24.03 14.99
C LYS J 26 17.94 -25.08 14.92
N GLY J 27 18.51 -25.25 13.74
CA GLY J 27 19.59 -26.20 13.55
C GLY J 27 20.82 -25.82 14.34
N LEU J 28 21.85 -26.66 14.22
CA LEU J 28 23.10 -26.49 14.93
C LEU J 28 24.18 -26.07 13.94
N TYR J 29 24.94 -25.05 14.31
CA TYR J 29 26.09 -24.58 13.52
C TYR J 29 27.35 -24.99 14.27
N LEU J 30 27.87 -26.17 13.93
CA LEU J 30 29.06 -26.70 14.57
C LEU J 30 30.29 -26.17 13.85
N TYR J 31 31.20 -25.54 14.59
CA TYR J 31 32.40 -24.99 13.99
C TYR J 31 33.61 -25.28 14.86
N GLY J 32 34.73 -25.58 14.19
CA GLY J 32 35.96 -25.93 14.85
C GLY J 32 36.94 -26.54 13.86
N PRO J 33 38.19 -26.76 14.30
CA PRO J 33 39.20 -27.30 13.38
C PRO J 33 38.85 -28.70 12.90
N PHE J 34 39.54 -29.11 11.84
CA PHE J 34 39.34 -30.44 11.28
C PHE J 34 39.66 -31.50 12.32
N GLY J 35 38.81 -32.52 12.38
CA GLY J 35 39.02 -33.62 13.31
C GLY J 35 38.49 -33.37 14.70
N THR J 36 37.37 -32.67 14.82
CA THR J 36 36.71 -32.44 16.10
C THR J 36 35.41 -33.20 16.24
N GLY J 37 34.96 -33.90 15.20
CA GLY J 37 33.77 -34.70 15.27
C GLY J 37 32.50 -34.03 14.81
N LYS J 38 32.61 -32.87 14.13
CA LYS J 38 31.42 -32.17 13.67
C LYS J 38 30.58 -33.06 12.76
N SER J 39 31.22 -33.67 11.76
CA SER J 39 30.50 -34.58 10.87
C SER J 39 29.94 -35.76 11.65
N PHE J 40 30.65 -36.23 12.67
CA PHE J 40 30.15 -37.34 13.47
C PHE J 40 28.90 -36.94 14.23
N ILE J 41 28.85 -35.71 14.73
CA ILE J 41 27.64 -35.25 15.45
C ILE J 41 26.49 -35.08 14.47
N LEU J 42 26.76 -34.50 13.29
CA LEU J 42 25.70 -34.34 12.30
C LEU J 42 25.12 -35.69 11.91
N GLY J 43 25.99 -36.64 11.56
CA GLY J 43 25.51 -37.98 11.25
C GLY J 43 24.83 -38.66 12.42
N ALA J 44 25.27 -38.35 13.64
CA ALA J 44 24.61 -38.90 14.81
C ALA J 44 23.18 -38.39 14.93
N ILE J 45 22.97 -37.10 14.68
CA ILE J 45 21.62 -36.56 14.63
C ILE J 45 20.83 -37.22 13.52
N ALA J 46 21.45 -37.40 12.35
CA ALA J 46 20.78 -38.06 11.24
C ALA J 46 20.27 -39.44 11.64
N ASN J 47 21.14 -40.27 12.21
CA ASN J 47 20.77 -41.64 12.53
C ASN J 47 19.80 -41.71 13.72
N GLN J 48 19.97 -40.81 14.68
CA GLN J 48 19.04 -40.77 15.81
C GLN J 48 17.63 -40.43 15.33
N LEU J 49 17.51 -39.44 14.45
CA LEU J 49 16.20 -39.13 13.86
C LEU J 49 15.70 -40.27 13.00
N LYS J 50 16.62 -40.95 12.29
CA LYS J 50 16.23 -42.04 11.41
C LYS J 50 15.66 -43.22 12.19
N SER J 51 16.20 -43.47 13.39
CA SER J 51 15.72 -44.57 14.22
C SER J 51 14.26 -44.39 14.61
N LYS J 52 13.75 -43.16 14.61
CA LYS J 52 12.37 -42.88 14.96
C LYS J 52 11.57 -42.38 13.76
N LYS J 53 11.87 -42.90 12.57
CA LYS J 53 11.06 -42.65 11.38
C LYS J 53 11.01 -41.16 11.03
N VAL J 54 12.16 -40.49 11.07
CA VAL J 54 12.28 -39.09 10.70
C VAL J 54 13.39 -38.97 9.67
N ARG J 55 13.02 -38.66 8.43
CA ARG J 55 14.00 -38.55 7.37
C ARG J 55 14.78 -37.25 7.49
N SER J 56 15.93 -37.21 6.81
CA SER J 56 16.79 -36.03 6.80
C SER J 56 17.84 -36.22 5.73
N THR J 57 18.30 -35.12 5.13
CA THR J 57 19.25 -35.15 4.04
C THR J 57 20.55 -34.48 4.47
N ILE J 58 21.67 -35.06 4.04
CA ILE J 58 22.99 -34.51 4.25
C ILE J 58 23.63 -34.28 2.89
N ILE J 59 24.35 -33.17 2.76
CA ILE J 59 25.08 -32.88 1.53
C ILE J 59 26.46 -32.33 1.91
N TYR J 60 27.47 -32.74 1.17
CA TYR J 60 28.82 -32.20 1.29
C TYR J 60 28.95 -31.11 0.23
N LEU J 61 28.94 -29.85 0.66
CA LEU J 61 28.78 -28.75 -0.28
C LEU J 61 29.76 -28.78 -1.44
N PRO J 62 31.05 -29.08 -1.26
CA PRO J 62 31.93 -29.18 -2.43
C PRO J 62 31.44 -30.21 -3.45
N GLU J 63 31.11 -31.42 -3.00
CA GLU J 63 30.58 -32.43 -3.92
C GLU J 63 29.24 -31.99 -4.49
N PHE J 64 28.41 -31.34 -3.67
CA PHE J 64 27.12 -30.86 -4.14
C PHE J 64 27.28 -29.90 -5.31
N ILE J 65 28.20 -28.93 -5.17
CA ILE J 65 28.46 -27.98 -6.24
C ILE J 65 29.05 -28.68 -7.44
N ARG J 66 29.98 -29.62 -7.23
CA ARG J 66 30.53 -30.38 -8.34
C ARG J 66 29.43 -31.11 -9.11
N THR J 67 28.38 -31.56 -8.41
CA THR J 67 27.26 -32.19 -9.08
C THR J 67 26.43 -31.15 -9.84
N LEU J 68 26.23 -29.98 -9.25
CA LEU J 68 25.41 -28.96 -9.88
C LEU J 68 26.10 -28.37 -11.11
N LYS J 69 27.40 -28.05 -11.00
CA LYS J 69 28.12 -27.49 -12.13
C LYS J 69 28.01 -28.42 -13.32
N GLY J 70 27.72 -27.85 -14.49
CA GLY J 70 27.34 -28.59 -15.67
C GLY J 70 25.89 -28.36 -16.05
N GLY J 71 25.04 -28.02 -15.09
CA GLY J 71 23.71 -27.53 -15.35
C GLY J 71 23.53 -26.06 -15.09
N PHE J 72 24.61 -25.32 -14.79
CA PHE J 72 24.50 -23.91 -14.47
C PHE J 72 24.04 -23.10 -15.69
N LYS J 73 24.63 -23.38 -16.85
CA LYS J 73 24.39 -22.53 -18.02
C LYS J 73 22.98 -22.72 -18.56
N ASP J 74 22.55 -23.97 -18.74
CA ASP J 74 21.21 -24.23 -19.21
C ASP J 74 20.16 -24.01 -18.12
N GLY J 75 20.58 -24.01 -16.84
CA GLY J 75 19.66 -23.82 -15.74
C GLY J 75 19.05 -25.10 -15.20
N SER J 76 19.44 -26.27 -15.71
CA SER J 76 18.84 -27.52 -15.26
C SER J 76 19.22 -27.87 -13.83
N PHE J 77 20.33 -27.33 -13.31
CA PHE J 77 20.72 -27.61 -11.94
C PHE J 77 19.59 -27.30 -10.96
N GLU J 78 18.72 -26.36 -11.32
CA GLU J 78 17.60 -26.01 -10.44
C GLU J 78 16.78 -27.21 -10.03
N LYS J 79 16.78 -28.28 -10.84
CA LYS J 79 16.01 -29.46 -10.48
C LYS J 79 16.56 -30.10 -9.23
N LYS J 80 17.88 -30.27 -9.14
CA LYS J 80 18.44 -30.87 -7.94
C LYS J 80 18.39 -29.89 -6.77
N LEU J 81 18.78 -28.64 -7.01
CA LEU J 81 18.71 -27.63 -5.97
C LEU J 81 17.31 -27.57 -5.36
N HIS J 82 16.28 -27.41 -6.21
CA HIS J 82 14.91 -27.35 -5.71
C HIS J 82 14.55 -28.58 -4.88
N ARG J 83 15.16 -29.73 -5.19
CA ARG J 83 14.96 -30.90 -4.34
C ARG J 83 15.62 -30.71 -2.98
N VAL J 84 16.92 -30.40 -2.99
CA VAL J 84 17.67 -30.30 -1.73
C VAL J 84 17.05 -29.23 -0.83
N ARG J 85 16.70 -28.08 -1.40
CA ARG J 85 16.13 -27.01 -0.58
C ARG J 85 14.82 -27.42 0.07
N GLU J 86 14.10 -28.40 -0.49
CA GLU J 86 12.82 -28.82 0.05
C GLU J 86 12.95 -29.92 1.09
N ALA J 87 14.16 -30.39 1.37
CA ALA J 87 14.35 -31.43 2.36
C ALA J 87 13.76 -31.00 3.70
N ASN J 88 12.99 -31.91 4.32
CA ASN J 88 12.38 -31.59 5.60
C ASN J 88 13.45 -31.18 6.62
N ILE J 89 14.56 -31.90 6.66
CA ILE J 89 15.70 -31.57 7.51
C ILE J 89 16.94 -31.67 6.63
N LEU J 90 17.61 -30.53 6.42
CA LEU J 90 18.82 -30.49 5.62
C LEU J 90 20.01 -30.18 6.51
N MET J 91 21.17 -30.72 6.14
CA MET J 91 22.39 -30.53 6.91
C MET J 91 23.53 -30.26 5.93
N LEU J 92 24.01 -29.01 5.92
CA LEU J 92 25.09 -28.60 5.04
C LEU J 92 26.40 -28.93 5.75
N ASP J 93 27.03 -30.03 5.35
CA ASP J 93 28.26 -30.47 5.98
C ASP J 93 29.45 -29.75 5.37
N ASP J 94 30.31 -29.21 6.24
CA ASP J 94 31.58 -28.62 5.82
C ASP J 94 31.37 -27.43 4.89
N ILE J 95 30.47 -26.54 5.30
CA ILE J 95 30.28 -25.31 4.55
C ILE J 95 31.50 -24.41 4.75
N GLY J 96 31.83 -23.65 3.71
CA GLY J 96 33.01 -22.83 3.69
C GLY J 96 34.21 -23.46 3.03
N ALA J 97 34.19 -24.78 2.82
CA ALA J 97 35.28 -25.46 2.12
C ALA J 97 35.15 -25.35 0.62
N GLU J 98 33.94 -25.10 0.10
CA GLU J 98 33.75 -24.94 -1.32
C GLU J 98 34.54 -23.72 -1.83
N GLU J 99 34.82 -23.74 -3.14
CA GLU J 99 35.45 -22.59 -3.79
C GLU J 99 34.37 -21.56 -4.12
N VAL J 100 34.47 -20.38 -3.50
CA VAL J 100 33.43 -19.38 -3.60
C VAL J 100 33.57 -18.64 -4.93
N THR J 101 32.51 -18.65 -5.71
CA THR J 101 32.39 -17.85 -6.94
C THR J 101 31.10 -17.07 -6.85
N PRO J 102 30.95 -16.02 -7.69
CA PRO J 102 29.68 -15.28 -7.66
C PRO J 102 28.48 -16.16 -7.95
N TRP J 103 28.61 -17.10 -8.89
CA TRP J 103 27.47 -17.95 -9.24
C TRP J 103 27.11 -18.90 -8.10
N VAL J 104 28.11 -19.46 -7.41
CA VAL J 104 27.81 -20.36 -6.30
C VAL J 104 27.12 -19.59 -5.19
N ARG J 105 27.71 -18.47 -4.77
CA ARG J 105 27.14 -17.68 -3.68
C ARG J 105 25.74 -17.19 -4.02
N ASP J 106 25.59 -16.54 -5.17
CA ASP J 106 24.39 -15.78 -5.48
C ASP J 106 23.30 -16.60 -6.16
N GLU J 107 23.62 -17.78 -6.72
CA GLU J 107 22.64 -18.59 -7.42
C GLU J 107 22.45 -19.98 -6.81
N VAL J 108 23.23 -20.37 -5.82
CA VAL J 108 23.07 -21.67 -5.17
C VAL J 108 22.88 -21.47 -3.67
N ILE J 109 23.96 -21.13 -2.96
CA ILE J 109 23.90 -21.04 -1.50
C ILE J 109 22.84 -20.04 -1.06
N GLY J 110 22.91 -18.82 -1.59
CA GLY J 110 21.99 -17.77 -1.20
C GLY J 110 20.54 -18.18 -1.35
N PRO J 111 20.14 -18.53 -2.57
CA PRO J 111 18.74 -18.95 -2.77
C PRO J 111 18.35 -20.13 -1.91
N LEU J 112 19.25 -21.09 -1.72
CA LEU J 112 18.97 -22.24 -0.87
C LEU J 112 18.61 -21.81 0.54
N LEU J 113 19.53 -21.08 1.19
CA LEU J 113 19.28 -20.65 2.57
C LEU J 113 18.07 -19.73 2.64
N HIS J 114 17.82 -18.94 1.60
CA HIS J 114 16.63 -18.09 1.59
C HIS J 114 15.36 -18.93 1.60
N TYR J 115 15.32 -19.98 0.78
CA TYR J 115 14.15 -20.85 0.77
C TYR J 115 13.97 -21.53 2.13
N ARG J 116 15.05 -22.06 2.68
CA ARG J 116 14.93 -22.75 3.97
C ARG J 116 14.57 -21.81 5.10
N MET J 117 14.87 -20.51 4.96
CA MET J 117 14.48 -19.55 5.98
C MET J 117 13.03 -19.13 5.80
N VAL J 118 12.58 -18.95 4.56
CA VAL J 118 11.20 -18.55 4.30
C VAL J 118 10.24 -19.62 4.80
N HIS J 119 10.54 -20.89 4.54
CA HIS J 119 9.68 -21.99 4.95
C HIS J 119 10.01 -22.51 6.34
N GLU J 120 11.00 -21.94 7.02
CA GLU J 120 11.33 -22.30 8.40
C GLU J 120 11.59 -23.80 8.53
N LEU J 121 12.58 -24.26 7.77
CA LEU J 121 12.95 -25.67 7.75
C LEU J 121 14.26 -25.87 8.50
N PRO J 122 14.33 -26.80 9.45
CA PRO J 122 15.57 -26.98 10.21
C PRO J 122 16.77 -27.20 9.30
N THR J 123 17.85 -26.48 9.56
CA THR J 123 19.06 -26.55 8.74
C THR J 123 20.27 -26.59 9.66
N PHE J 124 21.07 -27.65 9.54
CA PHE J 124 22.29 -27.81 10.32
C PHE J 124 23.50 -27.49 9.46
N PHE J 125 24.61 -27.15 10.12
CA PHE J 125 25.84 -26.78 9.45
C PHE J 125 27.03 -27.33 10.22
N SER J 126 28.11 -27.60 9.48
CA SER J 126 29.43 -27.85 10.06
C SER J 126 30.45 -27.10 9.23
N SER J 127 31.42 -26.48 9.89
CA SER J 127 32.33 -25.58 9.21
C SER J 127 33.59 -25.38 10.06
N ASN J 128 34.67 -24.99 9.38
CA ASN J 128 35.86 -24.52 10.09
C ASN J 128 35.74 -23.06 10.50
N PHE J 129 34.75 -22.34 9.99
CA PHE J 129 34.59 -20.91 10.22
C PHE J 129 33.47 -20.64 11.22
N ASP J 130 33.63 -19.54 11.96
CA ASP J 130 32.51 -18.96 12.68
C ASP J 130 31.74 -18.03 11.75
N TYR J 131 30.65 -17.47 12.24
CA TYR J 131 29.80 -16.63 11.40
C TYR J 131 30.61 -15.54 10.70
N SER J 132 31.43 -14.81 11.46
CA SER J 132 32.24 -13.75 10.87
C SER J 132 33.15 -14.29 9.78
N GLU J 133 33.90 -15.35 10.09
CA GLU J 133 34.88 -15.87 9.14
C GLU J 133 34.19 -16.43 7.90
N LEU J 134 33.01 -17.03 8.06
CA LEU J 134 32.26 -17.50 6.91
C LEU J 134 31.77 -16.33 6.06
N GLU J 135 31.28 -15.27 6.70
CA GLU J 135 30.87 -14.08 5.96
C GLU J 135 32.03 -13.53 5.15
N HIS J 136 33.22 -13.42 5.77
CA HIS J 136 34.40 -13.00 5.04
C HIS J 136 34.69 -13.96 3.88
N HIS J 137 34.48 -15.25 4.09
CA HIS J 137 34.73 -16.24 3.05
C HIS J 137 33.81 -16.04 1.85
N LEU J 138 32.55 -15.69 2.11
CA LEU J 138 31.58 -15.49 1.03
C LEU J 138 31.75 -14.14 0.35
N ALA J 139 32.21 -13.12 1.08
CA ALA J 139 32.34 -11.79 0.49
C ALA J 139 33.42 -11.73 -0.56
N MET J 140 34.48 -12.54 -0.43
CA MET J 140 35.61 -12.51 -1.34
C MET J 140 35.35 -13.42 -2.54
N THR J 141 35.70 -12.94 -3.73
CA THR J 141 35.53 -13.73 -4.94
C THR J 141 36.25 -13.01 -6.08
N ARG J 142 36.26 -13.64 -7.25
CA ARG J 142 36.87 -13.06 -8.44
C ARG J 142 36.49 -11.60 -8.62
N ASP J 143 35.20 -11.29 -8.51
CA ASP J 143 34.70 -9.95 -8.82
C ASP J 143 35.02 -8.93 -7.73
N GLY J 144 35.75 -9.31 -6.68
CA GLY J 144 36.15 -8.39 -5.65
C GLY J 144 35.37 -8.59 -4.36
N GLU J 145 35.32 -7.54 -3.56
CA GLU J 145 34.66 -7.57 -2.26
C GLU J 145 33.20 -7.17 -2.42
N GLU J 146 32.30 -8.01 -1.88
CA GLU J 146 30.86 -7.76 -1.95
C GLU J 146 30.28 -8.06 -0.55
N LYS J 147 30.43 -7.10 0.36
CA LYS J 147 30.10 -7.34 1.75
C LYS J 147 28.61 -7.50 1.97
N THR J 148 27.78 -6.75 1.24
CA THR J 148 26.34 -6.76 1.52
C THR J 148 25.73 -8.12 1.21
N LYS J 149 26.11 -8.73 0.08
CA LYS J 149 25.61 -10.07 -0.23
C LYS J 149 25.99 -11.05 0.86
N ALA J 150 27.29 -11.11 1.20
CA ALA J 150 27.75 -12.04 2.22
C ALA J 150 27.06 -11.79 3.56
N ALA J 151 26.76 -10.53 3.87
CA ALA J 151 26.09 -10.22 5.12
C ALA J 151 24.65 -10.70 5.10
N ARG J 152 23.97 -10.54 3.97
CA ARG J 152 22.62 -11.08 3.82
C ARG J 152 22.61 -12.59 4.03
N ILE J 153 23.46 -13.30 3.28
CA ILE J 153 23.53 -14.75 3.39
C ILE J 153 23.83 -15.16 4.83
N ILE J 154 24.85 -14.55 5.43
CA ILE J 154 25.26 -14.97 6.76
C ILE J 154 24.17 -14.64 7.78
N GLU J 155 23.36 -13.62 7.52
CA GLU J 155 22.24 -13.35 8.42
C GLU J 155 21.18 -14.43 8.30
N ARG J 156 20.98 -14.96 7.09
CA ARG J 156 20.13 -16.15 6.96
C ARG J 156 20.70 -17.31 7.77
N VAL J 157 22.01 -17.57 7.63
CA VAL J 157 22.64 -18.66 8.37
C VAL J 157 22.42 -18.48 9.87
N LYS J 158 22.66 -17.27 10.38
CA LYS J 158 22.49 -17.02 11.80
C LYS J 158 21.04 -17.19 12.22
N SER J 159 20.10 -16.80 11.36
CA SER J 159 18.69 -17.01 11.66
C SER J 159 18.31 -18.48 11.65
N LEU J 160 19.12 -19.33 11.01
CA LEU J 160 18.78 -20.74 10.85
C LEU J 160 19.45 -21.66 11.87
N SER J 161 20.36 -21.16 12.70
CA SER J 161 21.19 -22.07 13.48
C SER J 161 21.60 -21.45 14.80
N THR J 162 22.08 -22.32 15.70
CA THR J 162 22.70 -21.93 16.96
C THR J 162 24.17 -22.37 16.94
N PRO J 163 25.11 -21.49 17.27
CA PRO J 163 26.52 -21.86 17.14
C PRO J 163 27.02 -22.71 18.30
N TYR J 164 27.90 -23.67 17.98
CA TYR J 164 28.56 -24.51 18.96
C TYR J 164 30.00 -24.71 18.54
N PHE J 165 30.93 -24.45 19.44
CA PHE J 165 32.36 -24.55 19.16
C PHE J 165 32.89 -25.90 19.61
N LEU J 166 33.71 -26.52 18.76
CA LEU J 166 34.29 -27.83 19.02
C LEU J 166 35.79 -27.77 18.83
N SER J 167 36.55 -28.00 19.91
CA SER J 167 38.00 -28.01 19.85
C SER J 167 38.52 -29.26 20.58
N GLY J 168 39.83 -29.35 20.69
CA GLY J 168 40.46 -30.48 21.35
C GLY J 168 41.78 -30.12 22.00
N ASP K 7 36.04 -33.08 21.75
CA ASP K 7 36.95 -34.02 22.42
C ASP K 7 36.32 -35.40 22.52
N VAL K 8 35.02 -35.45 22.77
CA VAL K 8 34.33 -36.74 22.87
C VAL K 8 33.93 -37.24 21.49
N ALA K 9 33.46 -36.35 20.63
CA ALA K 9 33.06 -36.75 19.29
C ALA K 9 34.24 -37.32 18.51
N MET K 10 35.41 -36.69 18.64
CA MET K 10 36.60 -37.22 17.97
C MET K 10 36.95 -38.60 18.50
N ALA K 11 36.77 -38.83 19.79
CA ALA K 11 37.06 -40.14 20.37
C ALA K 11 36.11 -41.20 19.84
N ALA K 12 34.81 -40.89 19.83
CA ALA K 12 33.82 -41.84 19.32
C ALA K 12 34.07 -42.15 17.85
N ASP K 13 34.30 -41.11 17.04
CA ASP K 13 34.56 -41.32 15.62
C ASP K 13 35.80 -42.18 15.41
N ASP K 14 36.90 -41.83 16.09
CA ASP K 14 38.14 -42.57 15.95
C ASP K 14 37.94 -44.03 16.35
N ILE K 15 37.21 -44.28 17.44
CA ILE K 15 36.99 -45.66 17.87
C ILE K 15 36.12 -46.40 16.87
N CYS K 16 35.16 -45.71 16.24
CA CYS K 16 34.35 -46.36 15.22
C CYS K 16 35.21 -46.79 14.04
N THR K 17 35.99 -45.85 13.49
CA THR K 17 36.83 -46.18 12.33
C THR K 17 37.85 -47.26 12.69
N ALA K 18 38.40 -47.22 13.90
CA ALA K 18 39.36 -48.23 14.32
C ALA K 18 38.69 -49.60 14.43
N ILE K 19 37.48 -49.66 15.01
CA ILE K 19 36.75 -50.91 15.10
C ILE K 19 36.51 -51.48 13.70
N THR K 20 36.07 -50.63 12.77
CA THR K 20 35.75 -51.12 11.43
C THR K 20 36.99 -51.58 10.67
N ASN K 21 38.18 -51.09 11.04
CA ASN K 21 39.43 -51.55 10.43
C ASN K 21 39.96 -52.82 11.08
N GLY K 22 39.20 -53.44 11.98
CA GLY K 22 39.63 -54.68 12.60
C GLY K 22 40.63 -54.52 13.72
N GLU K 23 40.67 -53.37 14.37
CA GLU K 23 41.59 -53.09 15.47
C GLU K 23 40.89 -53.36 16.79
N GLN K 24 41.48 -54.23 17.61
CA GLN K 24 40.97 -54.44 18.95
C GLN K 24 41.15 -53.16 19.77
N VAL K 25 40.07 -52.71 20.42
CA VAL K 25 40.04 -51.41 21.06
C VAL K 25 39.36 -51.53 22.42
N LYS K 26 39.75 -50.67 23.35
CA LYS K 26 39.07 -50.53 24.62
C LYS K 26 37.91 -49.57 24.48
N GLY K 27 36.77 -49.93 25.07
CA GLY K 27 35.58 -49.11 24.98
C GLY K 27 35.75 -47.79 25.72
N LEU K 28 34.65 -47.04 25.74
CA LEU K 28 34.60 -45.71 26.35
C LEU K 28 33.78 -45.77 27.62
N TYR K 29 34.31 -45.18 28.69
CA TYR K 29 33.59 -45.05 29.96
C TYR K 29 33.17 -43.58 30.08
N LEU K 30 32.08 -43.24 29.41
CA LEU K 30 31.55 -41.89 29.47
C LEU K 30 30.87 -41.65 30.81
N TYR K 31 31.31 -40.63 31.54
CA TYR K 31 30.70 -40.31 32.82
C TYR K 31 30.58 -38.81 32.98
N GLY K 32 29.56 -38.40 33.74
CA GLY K 32 29.29 -37.00 33.97
C GLY K 32 27.89 -36.81 34.51
N PRO K 33 27.55 -35.57 34.88
CA PRO K 33 26.20 -35.30 35.40
C PRO K 33 25.12 -35.79 34.44
N PHE K 34 23.97 -36.11 34.98
CA PHE K 34 22.86 -36.61 34.16
C PHE K 34 22.45 -35.55 33.14
N GLY K 35 22.28 -36.00 31.90
CA GLY K 35 21.83 -35.12 30.84
C GLY K 35 22.95 -34.41 30.13
N THR K 36 24.06 -35.10 29.92
CA THR K 36 25.20 -34.56 29.17
C THR K 36 25.36 -35.20 27.80
N GLY K 37 24.41 -36.04 27.38
CA GLY K 37 24.45 -36.64 26.07
C GLY K 37 25.20 -37.95 25.98
N LYS K 38 25.48 -38.60 27.11
CA LYS K 38 26.23 -39.85 27.08
C LYS K 38 25.48 -40.92 26.31
N SER K 39 24.19 -41.10 26.62
CA SER K 39 23.37 -42.07 25.89
C SER K 39 23.36 -41.75 24.40
N PHE K 40 23.34 -40.46 24.05
CA PHE K 40 23.34 -40.07 22.65
C PHE K 40 24.67 -40.38 21.97
N ILE K 41 25.78 -40.26 22.71
CA ILE K 41 27.08 -40.62 22.13
C ILE K 41 27.15 -42.13 21.92
N LEU K 42 26.69 -42.91 22.90
CA LEU K 42 26.68 -44.37 22.73
C LEU K 42 25.82 -44.77 21.54
N GLY K 43 24.59 -44.27 21.48
CA GLY K 43 23.75 -44.54 20.32
C GLY K 43 24.38 -44.08 19.02
N ALA K 44 25.16 -42.99 19.08
CA ALA K 44 25.84 -42.50 17.89
C ALA K 44 26.91 -43.47 17.43
N ILE K 45 27.63 -44.08 18.39
CA ILE K 45 28.61 -45.11 18.04
C ILE K 45 27.91 -46.34 17.48
N ALA K 46 26.78 -46.74 18.07
CA ALA K 46 26.06 -47.91 17.59
C ALA K 46 25.55 -47.69 16.18
N ASN K 47 25.03 -46.49 15.89
CA ASN K 47 24.51 -46.21 14.56
C ASN K 47 25.63 -46.05 13.55
N GLN K 48 26.74 -45.42 13.95
CA GLN K 48 27.90 -45.31 13.06
C GLN K 48 28.40 -46.70 12.67
N LEU K 49 28.68 -47.55 13.66
CA LEU K 49 29.12 -48.91 13.39
C LEU K 49 28.12 -49.66 12.53
N LYS K 50 26.83 -49.54 12.88
CA LYS K 50 25.79 -50.21 12.09
C LYS K 50 25.86 -49.79 10.63
N SER K 51 26.00 -48.49 10.37
CA SER K 51 26.08 -48.00 9.00
C SER K 51 27.29 -48.59 8.27
N LYS K 52 28.35 -48.93 9.01
CA LYS K 52 29.52 -49.57 8.45
C LYS K 52 29.47 -51.09 8.54
N LYS K 53 28.27 -51.67 8.60
CA LYS K 53 28.09 -53.12 8.61
C LYS K 53 28.76 -53.76 9.83
N VAL K 54 28.58 -53.14 10.99
CA VAL K 54 29.11 -53.66 12.25
C VAL K 54 27.95 -53.72 13.24
N ARG K 55 27.71 -54.90 13.81
CA ARG K 55 26.62 -55.08 14.74
C ARG K 55 27.03 -54.65 16.14
N SER K 56 26.04 -54.24 16.93
CA SER K 56 26.29 -53.87 18.32
C SER K 56 24.99 -53.98 19.10
N THR K 57 25.13 -54.05 20.42
CA THR K 57 24.01 -54.26 21.32
C THR K 57 24.10 -53.28 22.48
N ILE K 58 23.07 -52.46 22.64
CA ILE K 58 22.95 -51.54 23.77
C ILE K 58 22.01 -52.14 24.78
N ILE K 59 22.28 -51.87 26.06
CA ILE K 59 21.48 -52.41 27.16
C ILE K 59 21.25 -51.31 28.19
N TYR K 60 19.99 -51.12 28.57
CA TYR K 60 19.64 -50.26 29.69
C TYR K 60 19.52 -51.13 30.94
N LEU K 61 20.36 -50.87 31.93
CA LEU K 61 20.54 -51.84 33.02
C LEU K 61 19.28 -52.12 33.82
N PRO K 62 18.45 -51.13 34.18
CA PRO K 62 17.20 -51.48 34.88
C PRO K 62 16.31 -52.43 34.10
N GLU K 63 16.02 -52.11 32.83
CA GLU K 63 15.20 -52.99 32.00
C GLU K 63 15.78 -54.40 31.95
N PHE K 64 17.06 -54.50 31.61
CA PHE K 64 17.74 -55.79 31.57
C PHE K 64 17.59 -56.52 32.90
N ILE K 65 17.67 -55.78 34.01
CA ILE K 65 17.50 -56.38 35.33
C ILE K 65 16.09 -56.87 35.53
N ARG K 66 15.11 -56.26 34.86
CA ARG K 66 13.74 -56.76 34.92
C ARG K 66 13.62 -58.06 34.14
N THR K 67 14.15 -58.09 32.92
CA THR K 67 14.12 -59.32 32.13
C THR K 67 14.79 -60.47 32.86
N LEU K 68 15.96 -60.22 33.49
CA LEU K 68 16.65 -61.28 34.22
C LEU K 68 15.95 -61.61 35.53
N LYS K 69 15.34 -60.61 36.18
CA LYS K 69 14.57 -60.89 37.40
C LYS K 69 13.37 -61.77 37.09
N GLY K 70 12.87 -61.74 35.86
CA GLY K 70 11.81 -62.65 35.47
C GLY K 70 12.13 -64.11 35.68
N GLY K 71 13.40 -64.45 35.89
CA GLY K 71 13.78 -65.84 36.08
C GLY K 71 14.99 -66.05 36.97
N PHE K 72 15.12 -65.24 38.03
CA PHE K 72 16.19 -65.47 39.00
C PHE K 72 15.91 -66.65 39.91
N LYS K 73 14.76 -67.30 39.76
CA LYS K 73 14.35 -68.40 40.62
C LYS K 73 14.62 -69.76 40.02
N ASP K 74 14.43 -69.91 38.70
CA ASP K 74 14.59 -71.20 38.04
C ASP K 74 16.03 -71.74 38.10
N GLY K 75 17.03 -71.00 37.60
CA GLY K 75 16.92 -69.69 36.99
C GLY K 75 17.12 -69.73 35.49
N SER K 76 16.18 -69.16 34.75
CA SER K 76 16.22 -69.15 33.30
C SER K 76 16.83 -67.87 32.73
N PHE K 77 17.10 -66.86 33.58
CA PHE K 77 17.72 -65.63 33.11
C PHE K 77 19.02 -65.92 32.37
N GLU K 78 19.75 -66.96 32.79
CA GLU K 78 21.03 -67.29 32.17
C GLU K 78 20.92 -67.33 30.65
N LYS K 79 19.89 -68.00 30.13
CA LYS K 79 19.72 -68.12 28.68
C LYS K 79 19.91 -66.78 27.99
N LYS K 80 19.30 -65.73 28.54
CA LYS K 80 19.45 -64.40 27.92
C LYS K 80 20.81 -63.80 28.25
N LEU K 81 21.24 -63.89 29.51
CA LEU K 81 22.53 -63.34 29.89
C LEU K 81 23.64 -63.93 29.02
N HIS K 82 23.68 -65.25 28.88
CA HIS K 82 24.69 -65.91 28.06
C HIS K 82 24.78 -65.29 26.67
N ARG K 83 23.66 -64.78 26.15
CA ARG K 83 23.68 -64.17 24.83
C ARG K 83 24.37 -62.81 24.87
N VAL K 84 23.98 -61.97 25.83
CA VAL K 84 24.52 -60.61 25.90
C VAL K 84 26.03 -60.64 26.02
N ARG K 85 26.56 -61.52 26.87
CA ARG K 85 28.00 -61.55 27.09
C ARG K 85 28.78 -61.91 25.82
N GLU K 86 28.11 -62.47 24.81
CA GLU K 86 28.76 -62.88 23.58
C GLU K 86 28.42 -61.94 22.41
N ALA K 87 28.16 -60.67 22.72
CA ALA K 87 27.66 -59.74 21.70
C ALA K 87 28.78 -59.32 20.74
N ASN K 88 30.01 -59.18 21.25
CA ASN K 88 31.16 -58.65 20.50
C ASN K 88 31.23 -57.14 20.68
N ILE K 89 30.12 -56.45 20.50
CA ILE K 89 29.98 -55.03 20.83
C ILE K 89 28.85 -54.92 21.83
N LEU K 90 29.17 -54.52 23.05
CA LEU K 90 28.16 -54.33 24.09
C LEU K 90 28.35 -52.97 24.72
N MET K 91 27.24 -52.28 24.97
CA MET K 91 27.23 -50.93 25.50
C MET K 91 26.29 -50.89 26.70
N LEU K 92 26.86 -50.69 27.90
CA LEU K 92 26.08 -50.66 29.13
C LEU K 92 25.68 -49.22 29.40
N ASP K 93 24.42 -48.90 29.12
CA ASP K 93 23.92 -47.54 29.21
C ASP K 93 23.37 -47.26 30.61
N ASP K 94 23.89 -46.21 31.25
CA ASP K 94 23.36 -45.72 32.52
C ASP K 94 23.65 -46.71 33.65
N ILE K 95 24.82 -47.36 33.60
CA ILE K 95 25.20 -48.24 34.69
C ILE K 95 25.32 -47.42 35.98
N GLY K 96 24.99 -48.05 37.10
CA GLY K 96 24.98 -47.38 38.39
C GLY K 96 23.63 -46.85 38.80
N ALA K 97 22.61 -46.98 37.95
CA ALA K 97 21.25 -46.57 38.30
C ALA K 97 20.39 -47.72 38.78
N GLU K 98 20.89 -48.94 38.74
CA GLU K 98 20.19 -50.06 39.34
C GLU K 98 20.34 -50.02 40.85
N GLU K 99 19.36 -50.59 41.55
CA GLU K 99 19.34 -50.49 43.01
C GLU K 99 20.49 -51.25 43.65
N VAL K 100 20.92 -52.35 43.03
CA VAL K 100 21.98 -53.22 43.55
C VAL K 100 21.40 -54.25 44.51
N THR K 101 21.41 -55.51 44.08
CA THR K 101 21.14 -56.64 44.94
C THR K 101 22.34 -57.58 44.84
N PRO K 102 22.71 -58.27 45.91
CA PRO K 102 23.86 -59.18 45.81
C PRO K 102 23.72 -60.13 44.63
N TRP K 103 22.50 -60.56 44.32
CA TRP K 103 22.27 -61.36 43.13
C TRP K 103 22.64 -60.60 41.86
N VAL K 104 22.23 -59.32 41.77
CA VAL K 104 22.53 -58.53 40.60
C VAL K 104 24.04 -58.30 40.48
N ARG K 105 24.71 -58.05 41.60
CA ARG K 105 26.13 -57.72 41.54
C ARG K 105 26.98 -58.94 41.24
N ASP K 106 26.60 -60.11 41.75
CA ASP K 106 27.46 -61.27 41.74
C ASP K 106 27.01 -62.38 40.80
N GLU K 107 25.83 -62.28 40.21
CA GLU K 107 25.31 -63.33 39.35
C GLU K 107 25.01 -62.88 37.93
N VAL K 108 25.11 -61.60 37.62
CA VAL K 108 24.83 -61.13 36.27
C VAL K 108 25.89 -60.11 35.82
N ILE K 109 26.16 -59.10 36.65
CA ILE K 109 27.12 -58.06 36.28
C ILE K 109 28.53 -58.61 36.30
N GLY K 110 28.95 -59.13 37.45
CA GLY K 110 30.28 -59.67 37.63
C GLY K 110 30.63 -60.69 36.56
N PRO K 111 29.83 -61.75 36.45
CA PRO K 111 30.12 -62.76 35.42
C PRO K 111 30.12 -62.19 34.01
N LEU K 112 29.24 -61.24 33.72
CA LEU K 112 29.21 -60.62 32.41
C LEU K 112 30.54 -59.95 32.10
N LEU K 113 30.95 -58.98 32.94
CA LEU K 113 32.19 -58.26 32.69
C LEU K 113 33.39 -59.20 32.70
N HIS K 114 33.37 -60.22 33.56
CA HIS K 114 34.45 -61.20 33.56
C HIS K 114 34.56 -61.89 32.21
N TYR K 115 33.43 -62.39 31.69
CA TYR K 115 33.44 -63.05 30.39
C TYR K 115 33.94 -62.10 29.30
N ARG K 116 33.34 -60.90 29.22
CA ARG K 116 33.74 -59.96 28.19
C ARG K 116 35.19 -59.52 28.34
N MET K 117 35.78 -59.71 29.53
CA MET K 117 37.17 -59.34 29.74
C MET K 117 38.13 -60.44 29.31
N VAL K 118 37.87 -61.69 29.73
CA VAL K 118 38.76 -62.78 29.38
C VAL K 118 38.76 -63.02 27.87
N HIS K 119 37.62 -62.80 27.22
CA HIS K 119 37.55 -62.89 25.77
C HIS K 119 38.00 -61.61 25.06
N GLU K 120 38.31 -60.55 25.82
CA GLU K 120 38.75 -59.28 25.26
C GLU K 120 37.77 -58.78 24.20
N LEU K 121 36.54 -58.53 24.64
CA LEU K 121 35.49 -58.03 23.77
C LEU K 121 35.22 -56.57 24.08
N PRO K 122 35.29 -55.67 23.11
CA PRO K 122 35.07 -54.24 23.40
C PRO K 122 33.75 -54.00 24.12
N THR K 123 33.83 -53.28 25.24
CA THR K 123 32.66 -52.99 26.06
C THR K 123 32.64 -51.51 26.39
N PHE K 124 31.50 -50.87 26.17
CA PHE K 124 31.32 -49.46 26.47
C PHE K 124 30.47 -49.30 27.72
N PHE K 125 30.55 -48.10 28.32
CA PHE K 125 29.83 -47.80 29.54
C PHE K 125 29.40 -46.34 29.53
N SER K 126 28.32 -46.06 30.26
CA SER K 126 27.92 -44.68 30.53
C SER K 126 27.29 -44.64 31.91
N SER K 127 27.78 -43.74 32.77
CA SER K 127 27.32 -43.69 34.15
C SER K 127 27.35 -42.26 34.65
N ASN K 128 26.51 -41.99 35.64
CA ASN K 128 26.58 -40.73 36.39
C ASN K 128 27.67 -40.75 37.46
N PHE K 129 28.38 -41.86 37.60
CA PHE K 129 29.47 -42.00 38.57
C PHE K 129 30.78 -42.18 37.84
N ASP K 130 31.88 -41.92 38.56
CA ASP K 130 33.21 -42.24 38.08
C ASP K 130 33.59 -43.64 38.54
N TYR K 131 34.82 -44.05 38.23
CA TYR K 131 35.28 -45.38 38.62
C TYR K 131 35.13 -45.59 40.12
N SER K 132 35.67 -44.66 40.92
CA SER K 132 35.62 -44.82 42.36
C SER K 132 34.19 -44.79 42.88
N GLU K 133 33.42 -43.77 42.46
CA GLU K 133 32.04 -43.66 42.91
C GLU K 133 31.23 -44.88 42.52
N LEU K 134 31.48 -45.43 41.32
CA LEU K 134 30.79 -46.65 40.92
C LEU K 134 31.21 -47.83 41.79
N GLU K 135 32.50 -47.89 42.15
CA GLU K 135 32.96 -48.94 43.04
C GLU K 135 32.24 -48.89 44.37
N HIS K 136 32.15 -47.69 44.97
CA HIS K 136 31.38 -47.52 46.19
C HIS K 136 29.93 -47.90 45.99
N HIS K 137 29.36 -47.55 44.84
CA HIS K 137 27.96 -47.87 44.56
C HIS K 137 27.73 -49.37 44.55
N LEU K 138 28.71 -50.14 44.03
CA LEU K 138 28.56 -51.59 43.99
C LEU K 138 28.83 -52.22 45.34
N ALA K 139 29.84 -51.71 46.07
CA ALA K 139 30.14 -52.25 47.38
C ALA K 139 28.97 -52.09 48.34
N MET K 140 28.29 -50.95 48.29
CA MET K 140 27.20 -50.69 49.21
C MET K 140 25.99 -51.57 48.90
N THR K 141 25.52 -52.28 49.91
CA THR K 141 24.28 -53.03 49.83
C THR K 141 23.86 -53.38 51.25
N ARG K 142 22.61 -53.80 51.40
CA ARG K 142 22.08 -54.06 52.74
C ARG K 142 22.89 -55.12 53.49
N ASP K 143 23.72 -55.89 52.79
CA ASP K 143 24.64 -56.79 53.46
C ASP K 143 25.89 -56.08 53.98
N GLY K 144 26.15 -54.86 53.51
CA GLY K 144 27.28 -54.07 53.95
C GLY K 144 28.23 -53.79 52.82
N GLU K 145 29.36 -53.18 53.18
CA GLU K 145 30.39 -52.83 52.21
C GLU K 145 31.28 -54.04 51.92
N GLU K 146 31.50 -54.30 50.63
CA GLU K 146 32.38 -55.39 50.20
C GLU K 146 33.39 -54.83 49.21
N LYS K 147 34.35 -54.05 49.73
CA LYS K 147 35.44 -53.55 48.91
C LYS K 147 36.36 -54.71 48.54
N THR K 148 35.78 -55.71 47.89
CA THR K 148 36.44 -56.94 47.49
C THR K 148 35.80 -57.35 46.17
N LYS K 149 34.50 -57.61 46.21
CA LYS K 149 33.74 -57.78 44.98
C LYS K 149 33.73 -56.48 44.18
N ALA K 150 33.47 -55.36 44.85
CA ALA K 150 33.43 -54.07 44.16
C ALA K 150 34.78 -53.76 43.51
N ALA K 151 35.88 -54.05 44.21
CA ALA K 151 37.20 -53.79 43.64
C ALA K 151 37.46 -54.65 42.41
N ARG K 152 37.05 -55.91 42.46
CA ARG K 152 37.24 -56.81 41.32
C ARG K 152 36.42 -56.35 40.12
N ILE K 153 35.12 -56.12 40.33
CA ILE K 153 34.24 -55.67 39.26
C ILE K 153 34.75 -54.37 38.65
N ILE K 154 35.05 -53.38 39.50
CA ILE K 154 35.48 -52.09 38.98
C ILE K 154 36.82 -52.22 38.29
N GLU K 155 37.68 -53.15 38.71
CA GLU K 155 38.92 -53.37 38.00
C GLU K 155 38.67 -53.96 36.61
N ARG K 156 37.66 -54.82 36.49
CA ARG K 156 37.26 -55.28 35.16
C ARG K 156 36.77 -54.12 34.31
N VAL K 157 35.89 -53.28 34.87
CA VAL K 157 35.39 -52.11 34.14
C VAL K 157 36.56 -51.27 33.64
N LYS K 158 37.47 -50.89 34.53
CA LYS K 158 38.63 -50.10 34.13
C LYS K 158 39.41 -50.79 33.02
N SER K 159 39.74 -52.07 33.21
CA SER K 159 40.51 -52.80 32.20
C SER K 159 39.77 -52.88 30.88
N LEU K 160 38.46 -52.66 30.85
CA LEU K 160 37.67 -52.79 29.64
C LEU K 160 37.33 -51.45 28.98
N SER K 161 37.65 -50.32 29.61
CA SER K 161 37.19 -49.03 29.12
C SER K 161 38.26 -47.96 29.31
N THR K 162 38.08 -46.86 28.57
CA THR K 162 38.87 -45.65 28.73
C THR K 162 37.96 -44.52 29.20
N PRO K 163 38.32 -43.80 30.26
CA PRO K 163 37.40 -42.79 30.81
C PRO K 163 37.39 -41.51 29.99
N TYR K 164 36.21 -40.91 29.86
CA TYR K 164 36.04 -39.62 29.20
C TYR K 164 34.99 -38.83 29.96
N PHE K 165 35.42 -37.75 30.61
CA PHE K 165 34.55 -36.97 31.47
C PHE K 165 33.78 -35.94 30.67
N LEU K 166 32.47 -35.92 30.85
CA LEU K 166 31.59 -34.93 30.21
C LEU K 166 31.10 -33.98 31.30
N SER K 167 31.80 -32.85 31.44
CA SER K 167 31.44 -31.88 32.48
C SER K 167 30.25 -31.04 32.05
N GLY K 168 30.28 -30.50 30.83
CA GLY K 168 29.27 -29.57 30.40
C GLY K 168 29.43 -28.19 30.99
N GLU K 169 30.66 -27.70 31.11
CA GLU K 169 30.93 -26.37 31.63
C GLU K 169 30.01 -25.32 31.02
N ARG L 5 -49.28 37.02 8.28
CA ARG L 5 -49.39 36.06 7.20
C ARG L 5 -48.03 35.51 6.81
N LEU L 6 -47.22 36.34 6.15
CA LEU L 6 -45.89 35.92 5.72
C LEU L 6 -44.96 35.76 6.90
N ASP L 7 -43.82 35.14 6.65
CA ASP L 7 -42.79 34.95 7.66
C ASP L 7 -41.79 36.12 7.62
N VAL L 8 -40.87 36.12 8.58
CA VAL L 8 -39.94 37.23 8.72
C VAL L 8 -39.10 37.39 7.45
N ALA L 9 -38.68 36.27 6.86
CA ALA L 9 -37.79 36.32 5.72
C ALA L 9 -38.47 36.96 4.52
N MET L 10 -39.70 36.50 4.20
CA MET L 10 -40.42 37.08 3.07
C MET L 10 -40.95 38.47 3.37
N ALA L 11 -41.18 38.81 4.64
CA ALA L 11 -41.52 40.19 4.97
C ALA L 11 -40.34 41.11 4.67
N ALA L 12 -39.15 40.74 5.16
CA ALA L 12 -37.96 41.53 4.88
C ALA L 12 -37.69 41.62 3.40
N ASP L 13 -37.77 40.50 2.68
CA ASP L 13 -37.49 40.50 1.25
C ASP L 13 -38.52 41.34 0.49
N ASP L 14 -39.80 41.19 0.83
CA ASP L 14 -40.85 41.94 0.15
C ASP L 14 -40.69 43.44 0.38
N ILE L 15 -40.48 43.84 1.64
CA ILE L 15 -40.24 45.26 1.91
C ILE L 15 -39.01 45.74 1.15
N CYS L 16 -37.98 44.90 1.05
CA CYS L 16 -36.78 45.27 0.33
C CYS L 16 -37.09 45.56 -1.13
N THR L 17 -37.79 44.64 -1.81
CA THR L 17 -38.13 44.86 -3.21
C THR L 17 -39.01 46.10 -3.37
N ALA L 18 -39.99 46.28 -2.47
CA ALA L 18 -40.86 47.44 -2.54
C ALA L 18 -40.06 48.73 -2.44
N ILE L 19 -39.06 48.77 -1.56
CA ILE L 19 -38.25 49.98 -1.41
C ILE L 19 -37.38 50.19 -2.64
N THR L 20 -36.70 49.12 -3.10
CA THR L 20 -35.83 49.25 -4.26
C THR L 20 -36.59 49.70 -5.49
N ASN L 21 -37.87 49.33 -5.60
CA ASN L 21 -38.69 49.81 -6.72
C ASN L 21 -39.04 51.29 -6.52
N GLY L 22 -39.74 51.61 -5.44
CA GLY L 22 -40.12 52.98 -5.16
C GLY L 22 -41.28 53.11 -4.20
N GLU L 23 -42.03 52.03 -4.01
CA GLU L 23 -43.19 52.03 -3.12
C GLU L 23 -42.79 52.40 -1.70
N GLN L 24 -43.14 53.62 -1.28
CA GLN L 24 -42.87 54.04 0.10
C GLN L 24 -43.65 53.14 1.06
N VAL L 25 -42.92 52.52 2.00
CA VAL L 25 -43.50 51.53 2.89
C VAL L 25 -43.00 51.78 4.31
N LYS L 26 -43.81 51.37 5.29
CA LYS L 26 -43.42 51.45 6.69
C LYS L 26 -42.49 50.29 7.03
N GLY L 27 -41.50 50.58 7.86
CA GLY L 27 -40.54 49.57 8.27
C GLY L 27 -41.17 48.52 9.18
N LEU L 28 -40.29 47.68 9.73
CA LEU L 28 -40.69 46.56 10.57
C LEU L 28 -40.36 46.86 12.02
N TYR L 29 -41.28 46.48 12.92
CA TYR L 29 -41.05 46.53 14.35
C TYR L 29 -40.91 45.08 14.83
N LEU L 30 -39.72 44.52 14.63
CA LEU L 30 -39.45 43.15 15.05
C LEU L 30 -39.30 43.09 16.56
N TYR L 31 -40.15 42.30 17.22
CA TYR L 31 -40.05 42.13 18.67
C TYR L 31 -40.22 40.67 19.03
N GLY L 32 -39.75 40.33 20.22
CA GLY L 32 -39.75 38.97 20.71
C GLY L 32 -38.62 38.75 21.70
N PRO L 33 -38.57 37.56 22.30
CA PRO L 33 -37.50 37.29 23.27
C PRO L 33 -36.13 37.47 22.64
N PHE L 34 -35.15 37.78 23.48
CA PHE L 34 -33.78 37.95 23.00
C PHE L 34 -33.24 36.60 22.53
N GLY L 35 -32.69 36.58 21.31
CA GLY L 35 -32.17 35.36 20.74
C GLY L 35 -33.09 34.77 19.70
N THR L 36 -33.63 35.62 18.81
CA THR L 36 -34.46 35.17 17.70
C THR L 36 -33.96 35.71 16.37
N GLY L 37 -32.82 36.41 16.36
CA GLY L 37 -32.26 36.90 15.12
C GLY L 37 -32.87 38.18 14.61
N LYS L 38 -33.32 39.06 15.51
CA LYS L 38 -33.89 40.33 15.08
C LYS L 38 -32.82 41.23 14.47
N SER L 39 -31.74 41.46 15.22
CA SER L 39 -30.61 42.23 14.67
C SER L 39 -30.14 41.64 13.36
N PHE L 40 -30.11 40.30 13.27
CA PHE L 40 -29.70 39.65 12.04
C PHE L 40 -30.63 40.00 10.88
N ILE L 41 -31.93 40.10 11.15
CA ILE L 41 -32.87 40.46 10.09
C ILE L 41 -32.71 41.93 9.70
N LEU L 42 -32.42 42.80 10.68
CA LEU L 42 -32.15 44.19 10.35
C LEU L 42 -30.92 44.31 9.45
N GLY L 43 -29.82 43.66 9.85
CA GLY L 43 -28.64 43.67 9.01
C GLY L 43 -28.88 43.03 7.65
N ALA L 44 -29.78 42.06 7.59
CA ALA L 44 -30.09 41.40 6.32
C ALA L 44 -30.88 42.33 5.40
N ILE L 45 -31.76 43.16 5.98
CA ILE L 45 -32.46 44.16 5.18
C ILE L 45 -31.49 45.23 4.72
N ALA L 46 -30.59 45.67 5.61
CA ALA L 46 -29.63 46.70 5.25
C ALA L 46 -28.65 46.22 4.19
N ASN L 47 -28.28 44.94 4.22
CA ASN L 47 -27.33 44.39 3.27
C ASN L 47 -27.98 43.93 1.97
N GLN L 48 -29.26 43.58 2.02
CA GLN L 48 -29.99 43.30 0.79
C GLN L 48 -30.36 44.58 0.06
N LEU L 49 -30.66 45.64 0.80
CA LEU L 49 -30.84 46.96 0.19
C LEU L 49 -29.51 47.53 -0.27
N LYS L 50 -28.44 47.26 0.48
CA LYS L 50 -27.11 47.68 0.06
C LYS L 50 -26.63 46.89 -1.15
N SER L 51 -27.14 45.67 -1.32
CA SER L 51 -26.79 44.88 -2.51
C SER L 51 -27.00 45.70 -3.77
N LYS L 52 -28.19 46.28 -3.91
CA LYS L 52 -28.40 47.35 -4.86
C LYS L 52 -27.94 48.65 -4.24
N LYS L 53 -27.57 49.62 -5.07
CA LYS L 53 -26.96 50.85 -4.57
C LYS L 53 -28.03 51.68 -3.87
N VAL L 54 -28.34 51.27 -2.64
CA VAL L 54 -29.30 51.96 -1.77
C VAL L 54 -28.64 52.18 -0.42
N ARG L 55 -28.71 53.40 0.08
CA ARG L 55 -28.11 53.73 1.36
C ARG L 55 -29.06 53.40 2.51
N SER L 56 -28.48 53.07 3.66
CA SER L 56 -29.25 52.81 4.87
C SER L 56 -28.32 52.96 6.06
N THR L 57 -28.93 53.12 7.23
CA THR L 57 -28.17 53.38 8.46
C THR L 57 -28.77 52.59 9.61
N ILE L 58 -27.92 51.80 10.27
CA ILE L 58 -28.29 51.08 11.48
C ILE L 58 -27.56 51.75 12.65
N ILE L 59 -28.27 51.95 13.76
CA ILE L 59 -27.69 52.54 14.94
C ILE L 59 -28.11 51.75 16.17
N TYR L 60 -27.28 51.79 17.19
CA TYR L 60 -27.53 51.13 18.47
C TYR L 60 -27.71 52.21 19.52
N LEU L 61 -28.92 52.34 20.05
CA LEU L 61 -29.27 53.48 20.89
C LEU L 61 -28.30 53.72 22.03
N PRO L 62 -27.88 52.73 22.80
CA PRO L 62 -26.90 53.01 23.88
C PRO L 62 -25.61 53.64 23.36
N GLU L 63 -24.98 53.03 22.36
CA GLU L 63 -23.73 53.56 21.82
C GLU L 63 -23.96 54.90 21.13
N PHE L 64 -25.09 55.05 20.44
CA PHE L 64 -25.41 56.31 19.78
C PHE L 64 -25.50 57.45 20.80
N ILE L 65 -26.25 57.22 21.89
CA ILE L 65 -26.36 58.22 22.94
C ILE L 65 -25.00 58.47 23.57
N ARG L 66 -24.21 57.42 23.76
CA ARG L 66 -22.86 57.60 24.31
C ARG L 66 -22.02 58.50 23.42
N THR L 67 -22.22 58.43 22.10
CA THR L 67 -21.47 59.30 21.20
C THR L 67 -22.00 60.73 21.22
N LEU L 68 -23.32 60.90 21.24
CA LEU L 68 -23.88 62.25 21.24
C LEU L 68 -23.73 62.93 22.59
N LYS L 69 -23.93 62.19 23.67
CA LYS L 69 -23.80 62.79 25.00
C LYS L 69 -22.40 63.41 25.17
N GLY L 70 -22.32 64.38 26.07
CA GLY L 70 -21.11 65.17 26.22
C GLY L 70 -21.22 66.45 25.42
N GLY L 71 -21.74 66.35 24.21
CA GLY L 71 -22.07 67.49 23.40
C GLY L 71 -23.48 68.00 23.58
N PHE L 72 -24.25 67.42 24.51
CA PHE L 72 -25.60 67.90 24.77
C PHE L 72 -25.57 69.36 25.18
N LYS L 73 -24.82 69.69 26.22
CA LYS L 73 -24.62 71.09 26.58
C LYS L 73 -23.90 71.81 25.44
N ASP L 74 -24.50 72.91 24.96
CA ASP L 74 -24.02 73.74 23.85
C ASP L 74 -24.63 73.28 22.53
N GLY L 75 -25.42 72.20 22.51
CA GLY L 75 -25.99 71.74 21.27
C GLY L 75 -24.99 71.17 20.29
N SER L 76 -23.80 70.79 20.75
CA SER L 76 -22.79 70.20 19.89
C SER L 76 -23.18 68.83 19.36
N PHE L 77 -24.33 68.30 19.77
CA PHE L 77 -24.83 67.02 19.29
C PHE L 77 -25.91 67.16 18.23
N GLU L 78 -26.51 68.34 18.10
CA GLU L 78 -27.65 68.52 17.21
C GLU L 78 -27.26 68.36 15.74
N LYS L 79 -25.99 68.49 15.40
CA LYS L 79 -25.56 68.29 14.02
C LYS L 79 -25.64 66.81 13.64
N LYS L 80 -25.07 65.95 14.48
CA LYS L 80 -25.12 64.51 14.22
C LYS L 80 -26.55 63.97 14.33
N LEU L 81 -27.32 64.49 15.29
CA LEU L 81 -28.73 64.09 15.38
C LEU L 81 -29.49 64.51 14.13
N HIS L 82 -29.26 65.72 13.64
CA HIS L 82 -29.88 66.16 12.39
C HIS L 82 -29.46 65.25 11.24
N ARG L 83 -28.20 64.81 11.22
CA ARG L 83 -27.73 63.92 10.17
C ARG L 83 -28.43 62.56 10.24
N VAL L 84 -28.64 62.04 11.45
CA VAL L 84 -29.23 60.72 11.60
C VAL L 84 -30.73 60.75 11.32
N ARG L 85 -31.42 61.82 11.75
CA ARG L 85 -32.87 61.85 11.58
C ARG L 85 -33.28 62.07 10.12
N GLU L 86 -32.37 62.57 9.29
CA GLU L 86 -32.65 62.75 7.87
C GLU L 86 -32.07 61.62 7.02
N ALA L 87 -31.82 60.46 7.62
CA ALA L 87 -31.31 59.32 6.88
C ALA L 87 -32.40 58.74 5.98
N ASN L 88 -32.02 58.37 4.76
CA ASN L 88 -32.99 57.81 3.83
C ASN L 88 -33.70 56.61 4.44
N ILE L 89 -32.94 55.66 4.98
CA ILE L 89 -33.47 54.54 5.75
C ILE L 89 -32.70 54.47 7.06
N LEU L 90 -33.42 54.42 8.18
CA LEU L 90 -32.84 54.31 9.49
C LEU L 90 -33.37 53.06 10.18
N MET L 91 -32.51 52.40 10.96
CA MET L 91 -32.89 51.20 11.68
C MET L 91 -32.42 51.34 13.12
N LEU L 92 -33.37 51.29 14.06
CA LEU L 92 -33.07 51.43 15.48
C LEU L 92 -32.92 50.02 16.06
N ASP L 93 -31.68 49.63 16.33
CA ASP L 93 -31.39 48.28 16.81
C ASP L 93 -31.52 48.22 18.33
N ASP L 94 -32.33 47.29 18.82
CA ASP L 94 -32.46 47.03 20.25
C ASP L 94 -32.99 48.25 20.99
N ILE L 95 -34.01 48.89 20.42
CA ILE L 95 -34.63 50.04 21.07
C ILE L 95 -35.26 49.58 22.38
N GLY L 96 -35.06 50.37 23.43
CA GLY L 96 -35.55 50.04 24.75
C GLY L 96 -34.54 49.38 25.67
N ALA L 97 -33.28 49.28 25.26
CA ALA L 97 -32.23 48.67 26.08
C ALA L 97 -31.40 49.70 26.84
N GLU L 98 -31.61 50.98 26.60
CA GLU L 98 -30.82 52.04 27.23
C GLU L 98 -31.57 52.65 28.40
N GLU L 99 -30.80 53.19 29.35
CA GLU L 99 -31.36 53.96 30.45
C GLU L 99 -32.12 55.15 29.91
N VAL L 100 -33.41 55.23 30.25
CA VAL L 100 -34.25 56.34 29.80
C VAL L 100 -34.09 57.49 30.79
N THR L 101 -33.46 58.55 30.33
CA THR L 101 -33.45 59.82 31.03
C THR L 101 -34.40 60.80 30.35
N PRO L 102 -34.85 61.84 31.07
CA PRO L 102 -35.73 62.82 30.41
C PRO L 102 -35.09 63.45 29.18
N TRP L 103 -33.78 63.62 29.19
CA TRP L 103 -33.11 64.28 28.07
C TRP L 103 -33.11 63.40 26.83
N VAL L 104 -32.81 62.10 26.97
CA VAL L 104 -32.76 61.26 25.78
C VAL L 104 -34.15 60.99 25.24
N ARG L 105 -35.16 60.91 26.11
CA ARG L 105 -36.52 60.70 25.64
C ARG L 105 -37.06 61.94 24.95
N ASP L 106 -36.87 63.12 25.57
CA ASP L 106 -37.52 64.33 25.12
C ASP L 106 -36.69 65.16 24.14
N GLU L 107 -35.41 64.81 23.93
CA GLU L 107 -34.53 65.65 23.13
C GLU L 107 -33.77 64.91 22.04
N VAL L 108 -33.98 63.61 21.86
CA VAL L 108 -33.39 62.90 20.72
C VAL L 108 -34.37 61.88 20.17
N ILE L 109 -34.96 61.05 21.02
CA ILE L 109 -35.89 60.04 20.55
C ILE L 109 -37.16 60.70 20.02
N GLY L 110 -37.81 61.51 20.84
CA GLY L 110 -38.99 62.23 20.44
C GLY L 110 -38.79 63.00 19.16
N PRO L 111 -37.84 63.94 19.17
CA PRO L 111 -37.56 64.71 17.94
C PRO L 111 -37.21 63.84 16.75
N LEU L 112 -36.47 62.76 16.97
CA LEU L 112 -36.08 61.88 15.86
C LEU L 112 -37.31 61.25 15.22
N LEU L 113 -38.08 60.47 15.99
CA LEU L 113 -39.25 59.81 15.45
C LEU L 113 -40.25 60.81 14.90
N HIS L 114 -40.37 61.98 15.55
CA HIS L 114 -41.26 63.02 15.04
C HIS L 114 -40.82 63.46 13.64
N TYR L 115 -39.54 63.77 13.48
CA TYR L 115 -39.03 64.22 12.19
C TYR L 115 -39.23 63.15 11.13
N ARG L 116 -38.90 61.90 11.44
CA ARG L 116 -39.06 60.83 10.47
C ARG L 116 -40.52 60.53 10.16
N MET L 117 -41.44 60.89 11.05
CA MET L 117 -42.85 60.66 10.81
C MET L 117 -43.45 61.76 9.95
N VAL L 118 -43.15 63.02 10.26
CA VAL L 118 -43.71 64.12 9.48
C VAL L 118 -43.19 64.10 8.05
N HIS L 119 -41.94 63.70 7.85
CA HIS L 119 -41.38 63.56 6.52
C HIS L 119 -41.63 62.19 5.91
N GLU L 120 -42.20 61.26 6.67
CA GLU L 120 -42.56 59.92 6.16
C GLU L 120 -41.31 59.21 5.63
N LEU L 121 -40.36 58.97 6.53
CA LEU L 121 -39.13 58.27 6.20
C LEU L 121 -39.20 56.83 6.72
N PRO L 122 -38.99 55.82 5.89
CA PRO L 122 -39.05 54.44 6.39
C PRO L 122 -38.10 54.21 7.57
N THR L 123 -38.65 53.67 8.66
CA THR L 123 -37.91 53.47 9.89
C THR L 123 -38.14 52.05 10.38
N PHE L 124 -37.05 51.36 10.72
CA PHE L 124 -37.10 49.99 11.22
C PHE L 124 -36.73 49.96 12.70
N PHE L 125 -37.35 49.05 13.44
CA PHE L 125 -37.12 48.89 14.87
C PHE L 125 -36.91 47.43 15.20
N SER L 126 -36.16 47.18 16.27
CA SER L 126 -36.01 45.85 16.85
C SER L 126 -35.89 45.99 18.35
N SER L 127 -36.63 45.17 19.09
CA SER L 127 -36.71 45.33 20.54
C SER L 127 -37.16 44.02 21.17
N ASN L 128 -36.90 43.90 22.47
CA ASN L 128 -37.46 42.83 23.28
C ASN L 128 -38.83 43.20 23.85
N PHE L 129 -39.35 44.37 23.54
CA PHE L 129 -40.64 44.84 24.01
C PHE L 129 -41.63 44.90 22.84
N ASP L 130 -42.91 44.80 23.17
CA ASP L 130 -43.97 45.14 22.23
C ASP L 130 -44.27 46.62 22.36
N TYR L 131 -45.31 47.10 21.67
CA TYR L 131 -45.61 48.53 21.67
C TYR L 131 -45.94 49.02 23.08
N SER L 132 -46.85 48.33 23.77
CA SER L 132 -47.25 48.78 25.10
C SER L 132 -46.08 48.72 26.09
N GLU L 133 -45.24 47.68 25.97
CA GLU L 133 -44.13 47.54 26.90
C GLU L 133 -43.05 48.60 26.63
N LEU L 134 -42.82 48.92 25.36
CA LEU L 134 -41.89 50.02 25.05
C LEU L 134 -42.45 51.34 25.54
N GLU L 135 -43.77 51.53 25.43
CA GLU L 135 -44.39 52.73 25.96
C GLU L 135 -44.15 52.84 27.47
N HIS L 136 -44.42 51.76 28.20
CA HIS L 136 -44.14 51.77 29.64
C HIS L 136 -42.67 52.01 29.93
N HIS L 137 -41.78 51.52 29.07
CA HIS L 137 -40.35 51.75 29.25
C HIS L 137 -40.01 53.22 29.10
N LEU L 138 -40.62 53.90 28.13
CA LEU L 138 -40.33 55.31 27.90
C LEU L 138 -40.97 56.19 28.96
N ALA L 139 -42.16 55.82 29.45
CA ALA L 139 -42.86 56.63 30.43
C ALA L 139 -42.05 56.75 31.72
N MET L 140 -41.71 55.62 32.33
CA MET L 140 -40.96 55.65 33.57
C MET L 140 -39.58 56.25 33.35
N THR L 141 -39.16 57.10 34.28
CA THR L 141 -37.86 57.75 34.20
C THR L 141 -37.49 58.24 35.58
N ARG L 142 -36.39 59.00 35.65
CA ARG L 142 -35.88 59.49 36.92
C ARG L 142 -36.82 60.53 37.55
N ASP L 143 -37.57 61.26 36.73
CA ASP L 143 -38.50 62.26 37.23
C ASP L 143 -39.88 61.70 37.51
N GLY L 144 -40.04 60.37 37.51
CA GLY L 144 -41.32 59.74 37.71
C GLY L 144 -41.91 59.23 36.42
N GLU L 145 -43.23 59.02 36.44
CA GLU L 145 -43.97 58.50 35.30
C GLU L 145 -44.60 59.65 34.53
N GLU L 146 -44.41 59.66 33.21
CA GLU L 146 -44.97 60.67 32.32
C GLU L 146 -45.61 59.92 31.15
N LYS L 147 -46.90 59.58 31.30
CA LYS L 147 -47.54 58.66 30.38
C LYS L 147 -47.84 59.31 29.04
N THR L 148 -48.21 60.60 29.03
CA THR L 148 -48.62 61.24 27.79
C THR L 148 -47.46 61.30 26.79
N LYS L 149 -46.28 61.72 27.24
CA LYS L 149 -45.11 61.73 26.37
C LYS L 149 -44.86 60.36 25.76
N ALA L 150 -44.81 59.33 26.60
CA ALA L 150 -44.61 57.98 26.10
C ALA L 150 -45.68 57.60 25.09
N ALA L 151 -46.92 58.04 25.32
CA ALA L 151 -48.00 57.72 24.39
C ALA L 151 -47.78 58.36 23.03
N ARG L 152 -47.35 59.63 23.02
CA ARG L 152 -47.09 60.30 21.75
C ARG L 152 -45.92 59.62 21.02
N ILE L 153 -44.83 59.34 21.73
CA ILE L 153 -43.67 58.70 21.11
C ILE L 153 -44.07 57.34 20.53
N ILE L 154 -44.75 56.53 21.32
CA ILE L 154 -45.09 55.18 20.85
C ILE L 154 -46.11 55.24 19.73
N GLU L 155 -46.95 56.28 19.70
CA GLU L 155 -47.85 56.45 18.56
C GLU L 155 -47.06 56.78 17.30
N ARG L 156 -45.99 57.57 17.43
CA ARG L 156 -45.10 57.78 16.30
C ARG L 156 -44.47 56.47 15.84
N VAL L 157 -44.02 55.65 16.79
CA VAL L 157 -43.44 54.35 16.45
C VAL L 157 -44.44 53.50 15.70
N LYS L 158 -45.69 53.45 16.18
CA LYS L 158 -46.72 52.66 15.52
C LYS L 158 -46.97 53.18 14.10
N SER L 159 -47.09 54.49 13.94
CA SER L 159 -47.30 55.06 12.62
C SER L 159 -46.12 54.78 11.69
N LEU L 160 -44.93 54.54 12.24
CA LEU L 160 -43.73 54.39 11.43
C LEU L 160 -43.43 52.94 11.05
N SER L 161 -44.06 51.95 11.69
CA SER L 161 -43.64 50.56 11.52
C SER L 161 -44.85 49.65 11.39
N THR L 162 -44.56 48.43 10.91
CA THR L 162 -45.52 47.33 10.90
C THR L 162 -45.06 46.28 11.89
N PRO L 163 -45.86 45.91 12.88
CA PRO L 163 -45.36 44.98 13.90
C PRO L 163 -45.19 43.56 13.35
N TYR L 164 -44.20 42.86 13.90
CA TYR L 164 -43.98 41.46 13.56
C TYR L 164 -43.34 40.78 14.76
N PHE L 165 -43.93 39.67 15.19
CA PHE L 165 -43.53 38.99 16.41
C PHE L 165 -42.71 37.74 16.05
N LEU L 166 -41.52 37.63 16.64
CA LEU L 166 -40.66 36.48 16.47
C LEU L 166 -40.59 35.71 17.79
N SER L 167 -41.00 34.43 17.75
CA SER L 167 -41.00 33.58 18.92
C SER L 167 -40.15 32.33 18.77
N GLY L 168 -39.55 32.12 17.60
CA GLY L 168 -38.73 30.94 17.39
C GLY L 168 -37.46 30.94 18.21
#